data_1DO2
#
_entry.id   1DO2
#
_cell.length_a   201.777
_cell.length_b   201.777
_cell.length_c   171.628
_cell.angle_alpha   90.00
_cell.angle_beta   90.00
_cell.angle_gamma   120.00
#
_symmetry.space_group_name_H-M   'P 3 2 1'
#
loop_
_entity.id
_entity.type
_entity.pdbx_description
1 polymer 'PROTEIN (HEAT SHOCK LOCUS U)'
2 non-polymer 'PHOSPHOAMINOPHOSPHONIC ACID-ADENYLATE ESTER'
#
_entity_poly.entity_id   1
_entity_poly.type   'polypeptide(L)'
_entity_poly.pdbx_seq_one_letter_code
;SEMTPREIVSELDKHIIGQDNAKRSVAIALRNRWRRMQLNEELRHEVTPKNILMIGPTGVGKTEIARRLAKLANAPFIKV
EATKFTEVGYVGKEVDSIIRDLTDAAVKMVRVQAIEKNRYRAEELAEERILDVLIPPAKNNWGQTEQQQEPSAARQAFRK
KLREGQLDDKEIEIDLAAAPMGVEIMAPPGMEEMTSQLQSMFQNLGGQKQKARKLKIKDAMKLLIEEEAAKLVNPEELKQ
DAIDAVEQHGIVFIDEIDKICKRGESSGPDVSREGVQRDLLPLVEGCTVSTKHGMVKTDHILFIASGAFQIAKPSDLIPE
LQGRLPIRVELQALTTSDFERILTEPNASITVQYKALMATEGVNIEFTDSGIKRIAEAAWQVNESTENIGARRLHTVLER
LMEEISYDASDLSGQNITIDADYVSKHLDALVADEDLSRFIL
;
_entity_poly.pdbx_strand_id   A,B,C,D
#
# COMPACT_ATOMS: atom_id res chain seq x y z
N SER A 1 -24.17 -84.91 -18.89
CA SER A 1 -22.74 -85.28 -18.66
C SER A 1 -21.79 -84.14 -19.05
N GLU A 2 -20.75 -83.94 -18.24
CA GLU A 2 -19.76 -82.89 -18.51
C GLU A 2 -18.40 -83.51 -18.82
N MET A 3 -17.54 -82.73 -19.44
CA MET A 3 -16.21 -83.21 -19.79
C MET A 3 -15.41 -83.68 -18.59
N THR A 4 -14.68 -84.78 -18.76
CA THR A 4 -13.86 -85.30 -17.69
C THR A 4 -12.75 -84.29 -17.45
N PRO A 5 -11.92 -84.52 -16.42
CA PRO A 5 -10.82 -83.59 -16.12
C PRO A 5 -10.10 -83.10 -17.38
N ARG A 6 -9.25 -83.96 -17.93
CA ARG A 6 -8.51 -83.63 -19.14
C ARG A 6 -9.44 -83.20 -20.26
N GLU A 7 -10.65 -83.75 -20.25
CA GLU A 7 -11.63 -83.42 -21.28
C GLU A 7 -11.90 -81.92 -21.27
N ILE A 8 -11.81 -81.33 -20.08
CA ILE A 8 -12.00 -79.88 -19.93
C ILE A 8 -10.71 -79.23 -20.39
N VAL A 9 -9.62 -79.69 -19.80
CA VAL A 9 -8.29 -79.21 -20.11
C VAL A 9 -8.13 -79.08 -21.63
N SER A 10 -8.30 -80.19 -22.33
CA SER A 10 -8.17 -80.19 -23.77
C SER A 10 -8.87 -78.98 -24.39
N GLU A 11 -10.15 -78.83 -24.09
CA GLU A 11 -10.91 -77.71 -24.62
C GLU A 11 -10.40 -76.41 -24.04
N LEU A 12 -9.56 -76.52 -23.02
CA LEU A 12 -9.01 -75.33 -22.38
C LEU A 12 -7.72 -74.84 -23.04
N ASP A 13 -6.77 -75.75 -23.30
CA ASP A 13 -5.53 -75.33 -23.95
C ASP A 13 -5.86 -74.87 -25.36
N LYS A 14 -7.16 -74.75 -25.63
CA LYS A 14 -7.64 -74.32 -26.92
C LYS A 14 -7.34 -72.84 -27.10
N HIS A 15 -7.21 -72.12 -25.99
CA HIS A 15 -6.92 -70.69 -26.04
C HIS A 15 -5.84 -70.28 -25.04
N ILE A 16 -5.37 -71.25 -24.25
CA ILE A 16 -4.33 -70.96 -23.27
C ILE A 16 -3.11 -71.84 -23.42
N ILE A 17 -1.94 -71.25 -23.23
CA ILE A 17 -0.67 -71.95 -23.36
C ILE A 17 -0.17 -72.44 -22.00
N GLY A 18 0.30 -73.68 -21.96
CA GLY A 18 0.82 -74.25 -20.73
C GLY A 18 0.02 -73.91 -19.49
N GLN A 19 0.68 -73.94 -18.33
CA GLN A 19 0.03 -73.65 -17.06
C GLN A 19 -1.08 -74.65 -16.80
N ASP A 20 -1.03 -75.79 -17.47
CA ASP A 20 -2.05 -76.82 -17.33
C ASP A 20 -2.47 -77.03 -15.88
N ASN A 21 -1.50 -77.24 -14.99
CA ASN A 21 -1.82 -77.46 -13.59
C ASN A 21 -3.00 -76.60 -13.18
N ALA A 22 -2.85 -75.30 -13.35
CA ALA A 22 -3.91 -74.37 -13.01
C ALA A 22 -5.18 -74.84 -13.71
N LYS A 23 -5.04 -75.13 -15.00
CA LYS A 23 -6.17 -75.61 -15.78
C LYS A 23 -6.72 -76.81 -15.02
N ARG A 24 -5.86 -77.75 -14.69
CA ARG A 24 -6.26 -78.93 -13.96
C ARG A 24 -7.13 -78.45 -12.81
N SER A 25 -6.53 -77.67 -11.92
CA SER A 25 -7.24 -77.13 -10.77
C SER A 25 -8.57 -76.56 -11.23
N VAL A 26 -8.52 -75.61 -12.15
CA VAL A 26 -9.75 -75.01 -12.64
C VAL A 26 -10.64 -76.09 -13.22
N ALA A 27 -10.02 -77.10 -13.81
CA ALA A 27 -10.74 -78.21 -14.42
C ALA A 27 -11.45 -79.03 -13.36
N ILE A 28 -10.68 -79.55 -12.43
CA ILE A 28 -11.22 -80.37 -11.35
C ILE A 28 -12.46 -79.70 -10.77
N ALA A 29 -12.30 -78.48 -10.28
CA ALA A 29 -13.41 -77.73 -9.70
C ALA A 29 -14.67 -77.93 -10.55
N LEU A 30 -14.54 -77.66 -11.83
CA LEU A 30 -15.65 -77.83 -12.76
C LEU A 30 -16.29 -79.19 -12.60
N ARG A 31 -15.45 -80.22 -12.56
CA ARG A 31 -15.91 -81.59 -12.41
C ARG A 31 -16.63 -81.81 -11.08
N ASN A 32 -16.02 -81.36 -9.99
CA ASN A 32 -16.62 -81.50 -8.67
C ASN A 32 -18.05 -81.02 -8.71
N ARG A 33 -18.26 -79.85 -9.31
CA ARG A 33 -19.59 -79.25 -9.43
C ARG A 33 -20.64 -80.31 -9.80
N TRP A 34 -20.23 -81.28 -10.62
CA TRP A 34 -21.14 -82.33 -11.05
C TRP A 34 -21.12 -83.48 -10.06
N ARG A 35 -19.94 -83.85 -9.59
CA ARG A 35 -19.80 -84.93 -8.63
C ARG A 35 -20.85 -84.76 -7.55
N ARG A 36 -21.01 -83.51 -7.12
CA ARG A 36 -21.97 -83.17 -6.07
C ARG A 36 -23.38 -83.66 -6.43
N MET A 37 -23.72 -83.56 -7.71
CA MET A 37 -25.03 -83.99 -8.19
C MET A 37 -25.22 -85.49 -8.01
N GLN A 38 -24.10 -86.21 -7.90
CA GLN A 38 -24.15 -87.65 -7.73
C GLN A 38 -24.21 -88.01 -6.24
N LEU A 39 -23.45 -87.26 -5.44
CA LEU A 39 -23.44 -87.48 -4.01
C LEU A 39 -24.84 -87.30 -3.44
N ASN A 40 -25.54 -88.42 -3.29
CA ASN A 40 -26.91 -88.45 -2.77
C ASN A 40 -27.23 -87.32 -1.79
N GLU A 41 -28.45 -86.81 -1.89
CA GLU A 41 -28.94 -85.72 -1.06
C GLU A 41 -28.22 -85.53 0.28
N GLU A 42 -28.08 -86.62 1.04
CA GLU A 42 -27.42 -86.54 2.33
C GLU A 42 -26.25 -85.57 2.32
N LEU A 43 -25.35 -85.75 1.36
CA LEU A 43 -24.18 -84.88 1.25
C LEU A 43 -24.36 -83.86 0.14
N ARG A 44 -25.58 -83.75 -0.37
CA ARG A 44 -25.88 -82.80 -1.44
C ARG A 44 -25.56 -81.37 -0.99
N HIS A 45 -26.55 -80.69 -0.45
CA HIS A 45 -26.35 -79.32 0.02
C HIS A 45 -25.54 -79.33 1.31
N GLU A 46 -24.63 -80.30 1.40
CA GLU A 46 -23.75 -80.46 2.56
C GLU A 46 -22.31 -80.58 2.05
N VAL A 47 -22.08 -79.99 0.88
CA VAL A 47 -20.75 -80.03 0.27
C VAL A 47 -20.37 -78.69 -0.35
N THR A 48 -19.21 -78.18 0.05
CA THR A 48 -18.70 -76.91 -0.44
C THR A 48 -18.16 -77.06 -1.86
N PRO A 49 -18.24 -75.99 -2.67
CA PRO A 49 -17.76 -76.05 -4.05
C PRO A 49 -16.23 -76.13 -4.14
N LYS A 50 -15.56 -75.81 -3.04
CA LYS A 50 -14.10 -75.82 -2.98
C LYS A 50 -13.55 -74.79 -3.97
N ASN A 51 -13.21 -73.60 -3.45
CA ASN A 51 -12.70 -72.52 -4.30
C ASN A 51 -11.18 -72.48 -4.46
N ILE A 52 -10.73 -71.92 -5.58
CA ILE A 52 -9.31 -71.83 -5.88
C ILE A 52 -8.69 -70.45 -5.80
N LEU A 53 -7.39 -70.47 -5.54
CA LEU A 53 -6.60 -69.26 -5.43
C LEU A 53 -5.46 -69.39 -6.43
N MET A 54 -5.48 -68.58 -7.48
CA MET A 54 -4.43 -68.63 -8.48
C MET A 54 -3.30 -67.70 -8.09
N ILE A 55 -2.08 -68.23 -8.09
CA ILE A 55 -0.93 -67.42 -7.71
C ILE A 55 0.10 -67.36 -8.84
N GLY A 56 0.24 -66.19 -9.44
CA GLY A 56 1.20 -66.05 -10.52
C GLY A 56 1.42 -64.60 -10.93
N PRO A 57 2.50 -64.31 -11.67
CA PRO A 57 2.83 -62.96 -12.13
C PRO A 57 1.76 -62.36 -13.04
N THR A 58 2.14 -61.34 -13.81
CA THR A 58 1.20 -60.65 -14.68
C THR A 58 1.09 -61.15 -16.13
N GLY A 59 -0.12 -61.05 -16.65
CA GLY A 59 -0.40 -61.47 -18.02
C GLY A 59 0.06 -62.88 -18.33
N VAL A 60 -0.11 -63.78 -17.38
CA VAL A 60 0.32 -65.16 -17.57
C VAL A 60 -0.86 -66.07 -17.88
N GLY A 61 -2.07 -65.57 -17.70
CA GLY A 61 -3.24 -66.38 -17.99
C GLY A 61 -4.42 -66.26 -17.05
N LYS A 62 -4.21 -66.66 -15.80
CA LYS A 62 -5.25 -66.62 -14.76
C LYS A 62 -6.61 -66.24 -15.31
N THR A 63 -6.78 -64.93 -15.52
CA THR A 63 -8.01 -64.39 -16.06
C THR A 63 -8.62 -65.34 -17.09
N GLU A 64 -7.99 -65.39 -18.26
CA GLU A 64 -8.47 -66.26 -19.34
C GLU A 64 -8.93 -67.59 -18.79
N ILE A 65 -7.98 -68.33 -18.24
CA ILE A 65 -8.29 -69.63 -17.67
C ILE A 65 -9.70 -69.56 -17.11
N ALA A 66 -9.94 -68.53 -16.30
CA ALA A 66 -11.26 -68.35 -15.71
C ALA A 66 -12.30 -68.32 -16.82
N ARG A 67 -12.45 -67.16 -17.46
CA ARG A 67 -13.43 -67.01 -18.52
C ARG A 67 -13.52 -68.23 -19.40
N ARG A 68 -12.41 -68.54 -20.07
CA ARG A 68 -12.35 -69.70 -20.95
C ARG A 68 -13.12 -70.85 -20.32
N LEU A 69 -12.82 -71.13 -19.07
CA LEU A 69 -13.50 -72.20 -18.35
C LEU A 69 -14.95 -71.79 -18.19
N ALA A 70 -15.17 -70.63 -17.59
CA ALA A 70 -16.50 -70.11 -17.37
C ALA A 70 -17.33 -70.24 -18.64
N LYS A 71 -16.72 -69.88 -19.76
CA LYS A 71 -17.38 -69.95 -21.05
C LYS A 71 -17.57 -71.41 -21.40
N LEU A 72 -16.47 -72.15 -21.39
CA LEU A 72 -16.48 -73.57 -21.71
C LEU A 72 -17.54 -74.30 -20.90
N ALA A 73 -17.90 -73.70 -19.76
CA ALA A 73 -18.89 -74.31 -18.89
C ALA A 73 -20.26 -73.65 -19.04
N ASN A 74 -20.26 -72.45 -19.61
CA ASN A 74 -21.50 -71.69 -19.82
C ASN A 74 -22.10 -71.33 -18.46
N ALA A 75 -21.54 -70.30 -17.83
CA ALA A 75 -22.04 -69.87 -16.53
C ALA A 75 -21.69 -68.43 -16.24
N PRO A 76 -22.65 -67.67 -15.69
CA PRO A 76 -22.41 -66.26 -15.37
C PRO A 76 -21.12 -66.11 -14.58
N PHE A 77 -20.18 -65.38 -15.16
CA PHE A 77 -18.90 -65.15 -14.53
C PHE A 77 -18.65 -63.67 -14.38
N ILE A 78 -17.77 -63.32 -13.46
CA ILE A 78 -17.44 -61.92 -13.23
C ILE A 78 -16.12 -61.75 -12.48
N LYS A 79 -15.25 -60.92 -13.05
CA LYS A 79 -13.97 -60.63 -12.44
C LYS A 79 -14.26 -59.47 -11.51
N VAL A 80 -13.37 -59.23 -10.55
CA VAL A 80 -13.59 -58.14 -9.62
C VAL A 80 -12.35 -57.92 -8.78
N GLU A 81 -11.90 -56.67 -8.75
CA GLU A 81 -10.71 -56.30 -7.99
C GLU A 81 -11.12 -55.89 -6.58
N ALA A 82 -10.55 -56.56 -5.59
CA ALA A 82 -10.87 -56.25 -4.21
C ALA A 82 -10.66 -54.76 -3.96
N THR A 83 -9.44 -54.30 -4.23
CA THR A 83 -9.05 -52.90 -4.06
C THR A 83 -10.23 -51.93 -4.04
N LYS A 84 -11.15 -52.08 -4.98
CA LYS A 84 -12.31 -51.21 -5.05
C LYS A 84 -13.22 -51.44 -3.86
N PHE A 85 -12.64 -51.79 -2.72
CA PHE A 85 -13.43 -52.05 -1.53
C PHE A 85 -12.77 -51.45 -0.29
N THR A 86 -11.57 -50.91 -0.45
CA THR A 86 -10.85 -50.32 0.68
C THR A 86 -10.65 -48.82 0.58
N GLU A 87 -10.02 -48.27 1.62
CA GLU A 87 -9.72 -46.85 1.73
C GLU A 87 -10.93 -45.93 1.55
N VAL A 88 -11.61 -45.65 2.65
CA VAL A 88 -12.80 -44.78 2.64
C VAL A 88 -13.86 -45.34 1.69
N GLY A 89 -13.96 -46.67 1.64
CA GLY A 89 -14.92 -47.31 0.76
C GLY A 89 -16.31 -47.50 1.36
N TYR A 90 -17.20 -46.56 1.08
CA TYR A 90 -18.58 -46.64 1.56
C TYR A 90 -19.23 -47.75 0.76
N VAL A 91 -18.68 -48.00 -0.43
CA VAL A 91 -19.15 -49.04 -1.33
C VAL A 91 -18.29 -50.26 -1.10
N GLY A 92 -17.14 -50.03 -0.47
CA GLY A 92 -16.22 -51.12 -0.15
C GLY A 92 -16.87 -51.99 0.91
N LYS A 93 -17.94 -51.46 1.49
CA LYS A 93 -18.70 -52.17 2.52
C LYS A 93 -19.82 -52.95 1.82
N GLU A 94 -19.81 -52.88 0.49
CA GLU A 94 -20.78 -53.54 -0.37
C GLU A 94 -20.10 -54.68 -1.13
N VAL A 95 -19.43 -55.57 -0.41
CA VAL A 95 -18.75 -56.69 -1.04
C VAL A 95 -19.78 -57.64 -1.64
N ASP A 96 -20.98 -57.64 -1.09
CA ASP A 96 -22.03 -58.50 -1.59
C ASP A 96 -22.39 -58.06 -3.01
N SER A 97 -22.06 -56.82 -3.33
CA SER A 97 -22.33 -56.26 -4.65
C SER A 97 -22.03 -57.32 -5.69
N ILE A 98 -20.89 -57.97 -5.51
CA ILE A 98 -20.45 -59.03 -6.40
C ILE A 98 -21.61 -59.81 -6.99
N ILE A 99 -22.27 -60.61 -6.16
CA ILE A 99 -23.39 -61.41 -6.62
C ILE A 99 -24.40 -60.53 -7.35
N ARG A 100 -24.71 -59.39 -6.74
CA ARG A 100 -25.67 -58.46 -7.32
C ARG A 100 -25.29 -58.23 -8.77
N ASP A 101 -24.00 -58.27 -9.05
CA ASP A 101 -23.50 -58.07 -10.39
C ASP A 101 -23.53 -59.38 -11.15
N LEU A 102 -22.97 -60.44 -10.55
CA LEU A 102 -22.95 -61.74 -11.20
C LEU A 102 -24.37 -62.14 -11.59
N THR A 103 -25.35 -61.57 -10.90
CA THR A 103 -26.75 -61.86 -11.18
C THR A 103 -27.21 -61.04 -12.37
N ASP A 104 -26.68 -59.82 -12.47
CA ASP A 104 -27.03 -58.91 -13.56
C ASP A 104 -26.71 -59.61 -14.88
N ALA A 105 -25.46 -60.05 -15.02
CA ALA A 105 -25.04 -60.74 -16.22
C ALA A 105 -25.87 -62.01 -16.27
N ALA A 106 -26.04 -62.64 -15.11
CA ALA A 106 -26.81 -63.86 -15.03
C ALA A 106 -28.13 -63.60 -15.74
N VAL A 107 -28.60 -62.37 -15.63
CA VAL A 107 -29.85 -61.97 -16.27
C VAL A 107 -29.64 -61.95 -17.78
N LYS A 108 -28.70 -61.10 -18.21
CA LYS A 108 -28.38 -60.97 -19.62
C LYS A 108 -28.32 -62.35 -20.26
N MET A 109 -27.36 -63.14 -19.82
CA MET A 109 -27.15 -64.49 -20.32
C MET A 109 -28.44 -65.16 -20.78
N VAL A 110 -29.07 -65.92 -19.89
CA VAL A 110 -30.30 -66.62 -20.20
C VAL A 110 -31.18 -65.82 -21.16
N ARG A 111 -31.24 -64.51 -20.95
CA ARG A 111 -32.04 -63.66 -21.81
C ARG A 111 -31.57 -63.73 -23.25
N VAL A 112 -30.38 -63.20 -23.52
CA VAL A 112 -29.84 -63.22 -24.87
C VAL A 112 -29.83 -64.65 -25.41
N GLN A 113 -29.51 -65.60 -24.54
CA GLN A 113 -29.47 -67.01 -24.95
C GLN A 113 -30.87 -67.49 -25.31
N ALA A 114 -31.87 -66.69 -24.97
CA ALA A 114 -33.26 -67.04 -25.25
C ALA A 114 -33.69 -66.47 -26.59
N ILE A 115 -33.11 -65.33 -26.97
CA ILE A 115 -33.44 -64.70 -28.23
C ILE A 115 -33.02 -65.59 -29.39
N GLU A 116 -31.85 -66.19 -29.27
CA GLU A 116 -31.33 -67.08 -30.31
C GLU A 116 -32.01 -68.45 -30.23
N LYS A 117 -32.25 -68.92 -29.00
CA LYS A 117 -32.90 -70.21 -28.79
C LYS A 117 -34.33 -70.16 -29.30
N ASN A 118 -34.82 -68.94 -29.54
CA ASN A 118 -36.16 -68.73 -30.04
C ASN A 118 -36.18 -67.59 -31.05
N ARG A 119 -35.54 -67.83 -32.20
CA ARG A 119 -35.47 -66.83 -33.25
C ARG A 119 -35.92 -67.40 -34.59
N TYR A 120 -36.05 -68.73 -34.66
CA TYR A 120 -36.49 -69.38 -35.88
C TYR A 120 -37.90 -68.86 -36.16
N ARG A 121 -38.67 -68.65 -35.09
CA ARG A 121 -40.04 -68.15 -35.21
C ARG A 121 -40.05 -66.63 -35.13
N ALA A 122 -39.11 -66.07 -34.37
CA ALA A 122 -39.00 -64.63 -34.19
C ALA A 122 -39.10 -63.88 -35.52
N GLU A 123 -38.40 -64.38 -36.53
CA GLU A 123 -38.41 -63.77 -37.86
C GLU A 123 -39.66 -64.18 -38.62
N GLU A 124 -39.79 -65.49 -38.82
CA GLU A 124 -40.93 -66.06 -39.54
C GLU A 124 -42.25 -65.38 -39.18
N LEU A 125 -42.69 -65.61 -37.95
CA LEU A 125 -43.94 -65.03 -37.48
C LEU A 125 -44.02 -63.54 -37.77
N ALA A 126 -42.88 -62.88 -37.86
CA ALA A 126 -42.86 -61.45 -38.13
C ALA A 126 -43.28 -61.16 -39.56
N GLU A 127 -42.45 -61.55 -40.52
CA GLU A 127 -42.75 -61.33 -41.92
C GLU A 127 -44.14 -61.82 -42.31
N GLU A 128 -44.67 -62.76 -41.54
CA GLU A 128 -45.99 -63.31 -41.82
C GLU A 128 -46.99 -62.19 -42.04
N ARG A 129 -47.29 -61.45 -40.99
CA ARG A 129 -48.24 -60.36 -41.10
C ARG A 129 -47.87 -59.50 -42.28
N ILE A 130 -46.58 -59.25 -42.44
CA ILE A 130 -46.11 -58.44 -43.54
C ILE A 130 -46.75 -58.98 -44.81
N LEU A 131 -46.36 -60.19 -45.21
CA LEU A 131 -46.93 -60.78 -46.40
C LEU A 131 -48.44 -60.77 -46.28
N ASP A 132 -48.93 -60.94 -45.06
CA ASP A 132 -50.37 -60.94 -44.83
C ASP A 132 -50.98 -59.61 -45.25
N VAL A 133 -50.22 -58.53 -45.14
CA VAL A 133 -50.72 -57.24 -45.55
C VAL A 133 -50.46 -57.11 -47.04
N LEU A 134 -49.49 -57.90 -47.52
CA LEU A 134 -49.13 -57.91 -48.93
C LEU A 134 -50.25 -58.52 -49.76
N ILE A 135 -50.63 -59.75 -49.41
CA ILE A 135 -51.70 -60.46 -50.09
C ILE A 135 -52.73 -60.84 -49.03
N PRO A 136 -53.57 -59.88 -48.64
CA PRO A 136 -54.62 -60.06 -47.64
C PRO A 136 -55.42 -61.33 -47.80
N PRO A 137 -55.17 -62.33 -46.93
CA PRO A 137 -55.89 -63.61 -47.02
C PRO A 137 -57.40 -63.40 -47.12
N ALA A 138 -58.07 -64.33 -47.77
CA ALA A 138 -59.52 -64.25 -47.95
C ALA A 138 -60.22 -64.39 -46.61
N LYS A 139 -61.44 -63.87 -46.54
CA LYS A 139 -62.23 -63.92 -45.31
C LYS A 139 -62.96 -65.26 -45.18
N ASN A 140 -63.01 -65.78 -43.95
CA ASN A 140 -63.67 -67.05 -43.67
C ASN A 140 -63.02 -68.17 -44.49
N ASN A 141 -62.12 -68.91 -43.85
CA ASN A 141 -61.42 -70.00 -44.51
C ASN A 141 -62.08 -71.35 -44.18
N TRP A 142 -62.13 -72.23 -45.17
CA TRP A 142 -62.71 -73.56 -44.99
C TRP A 142 -61.60 -74.52 -44.60
N GLY A 143 -61.60 -74.92 -43.33
CA GLY A 143 -60.58 -75.83 -42.81
C GLY A 143 -60.20 -77.01 -43.68
N GLN A 144 -58.93 -77.03 -44.08
CA GLN A 144 -58.38 -78.10 -44.92
C GLN A 144 -56.86 -78.15 -44.74
N THR A 145 -56.34 -77.16 -44.01
CA THR A 145 -54.91 -77.02 -43.72
C THR A 145 -54.03 -76.76 -44.94
N GLU A 146 -54.16 -77.60 -45.96
CA GLU A 146 -53.37 -77.45 -47.18
C GLU A 146 -53.81 -76.22 -47.99
N GLN A 147 -55.03 -75.75 -47.72
CA GLN A 147 -55.58 -74.59 -48.42
C GLN A 147 -54.87 -73.28 -48.06
N GLN A 148 -53.94 -73.35 -47.11
CA GLN A 148 -53.18 -72.16 -46.70
C GLN A 148 -51.83 -72.19 -47.40
N GLN A 149 -51.47 -73.37 -47.89
CA GLN A 149 -50.22 -73.58 -48.60
C GLN A 149 -50.47 -73.27 -50.08
N GLU A 150 -51.74 -73.06 -50.42
CA GLU A 150 -52.15 -72.76 -51.79
C GLU A 150 -51.95 -71.30 -52.17
N PRO A 151 -52.36 -70.36 -51.30
CA PRO A 151 -52.17 -68.94 -51.66
C PRO A 151 -50.70 -68.75 -52.00
N SER A 152 -49.88 -69.62 -51.43
CA SER A 152 -48.45 -69.59 -51.65
C SER A 152 -48.15 -69.39 -53.13
N ALA A 153 -49.13 -69.72 -53.97
CA ALA A 153 -48.97 -69.55 -55.41
C ALA A 153 -48.36 -68.17 -55.58
N ALA A 154 -49.13 -67.16 -55.18
CA ALA A 154 -48.67 -65.79 -55.25
C ALA A 154 -47.93 -65.47 -53.97
N ARG A 155 -48.47 -65.96 -52.86
CA ARG A 155 -47.88 -65.76 -51.54
C ARG A 155 -46.39 -66.09 -51.57
N GLN A 156 -46.07 -67.39 -51.58
CA GLN A 156 -44.69 -67.83 -51.61
C GLN A 156 -43.91 -66.94 -52.57
N ALA A 157 -44.45 -66.76 -53.77
CA ALA A 157 -43.80 -65.91 -54.75
C ALA A 157 -43.41 -64.63 -54.02
N PHE A 158 -44.41 -63.98 -53.44
CA PHE A 158 -44.21 -62.75 -52.70
C PHE A 158 -43.19 -62.96 -51.59
N ARG A 159 -43.42 -63.98 -50.77
CA ARG A 159 -42.52 -64.30 -49.67
C ARG A 159 -41.10 -64.32 -50.20
N LYS A 160 -40.84 -65.19 -51.17
CA LYS A 160 -39.51 -65.29 -51.75
C LYS A 160 -39.11 -63.90 -52.23
N LYS A 161 -40.06 -63.20 -52.84
CA LYS A 161 -39.83 -61.86 -53.36
C LYS A 161 -39.50 -60.87 -52.24
N LEU A 162 -39.74 -61.28 -50.99
CA LEU A 162 -39.47 -60.42 -49.85
C LEU A 162 -38.13 -60.71 -49.20
N ARG A 163 -37.74 -61.99 -49.18
CA ARG A 163 -36.48 -62.39 -48.59
C ARG A 163 -35.32 -61.84 -49.44
N GLU A 164 -35.47 -60.60 -49.87
CA GLU A 164 -34.48 -59.92 -50.70
C GLU A 164 -35.00 -58.52 -51.01
N GLY A 165 -35.98 -58.46 -51.91
CA GLY A 165 -36.56 -57.17 -52.29
C GLY A 165 -37.67 -56.75 -51.35
N GLN A 166 -37.54 -55.56 -50.78
CA GLN A 166 -38.55 -55.06 -49.86
C GLN A 166 -38.68 -53.54 -49.95
N LEU A 167 -38.50 -52.87 -48.81
CA LEU A 167 -38.60 -51.43 -48.73
C LEU A 167 -39.92 -50.86 -49.26
N ASP A 168 -40.97 -51.67 -49.24
CA ASP A 168 -42.29 -51.21 -49.70
C ASP A 168 -42.97 -50.50 -48.54
N ASP A 169 -43.77 -49.48 -48.86
CA ASP A 169 -44.48 -48.73 -47.83
C ASP A 169 -45.85 -49.34 -47.55
N LYS A 170 -45.97 -50.06 -46.45
CA LYS A 170 -47.24 -50.65 -46.09
C LYS A 170 -47.69 -50.22 -44.71
N GLU A 171 -48.50 -51.04 -44.07
CA GLU A 171 -49.02 -50.74 -42.74
C GLU A 171 -49.63 -52.01 -42.16
N ILE A 172 -49.20 -52.39 -40.97
CA ILE A 172 -49.73 -53.62 -40.36
C ILE A 172 -50.21 -53.47 -38.93
N GLU A 173 -50.78 -54.56 -38.42
CA GLU A 173 -51.30 -54.64 -37.06
C GLU A 173 -50.43 -55.59 -36.24
N LYS A 209 -53.00 -51.63 -27.94
CA LYS A 209 -51.57 -51.33 -28.25
C LYS A 209 -50.98 -52.35 -29.19
N GLN A 210 -51.37 -52.27 -30.46
CA GLN A 210 -50.88 -53.21 -31.47
C GLN A 210 -50.10 -52.51 -32.58
N LYS A 211 -50.82 -51.85 -33.48
CA LYS A 211 -50.19 -51.14 -34.58
C LYS A 211 -51.13 -50.23 -35.36
N ALA A 212 -51.25 -50.47 -36.67
CA ALA A 212 -52.10 -49.70 -37.58
C ALA A 212 -51.33 -48.49 -38.13
N ARG A 213 -50.00 -48.55 -38.03
CA ARG A 213 -49.14 -47.47 -38.50
C ARG A 213 -48.66 -47.73 -39.93
N LYS A 214 -48.44 -46.64 -40.68
CA LYS A 214 -47.98 -46.73 -42.06
C LYS A 214 -46.52 -46.31 -42.20
N LEU A 215 -45.62 -47.28 -42.24
CA LEU A 215 -44.20 -47.00 -42.37
C LEU A 215 -43.64 -47.61 -43.65
N LYS A 216 -42.52 -48.32 -43.52
CA LYS A 216 -41.88 -48.97 -44.66
C LYS A 216 -41.57 -50.40 -44.26
N ILE A 217 -41.85 -51.33 -45.17
CA ILE A 217 -41.61 -52.75 -44.92
C ILE A 217 -40.24 -53.01 -44.31
N LYS A 218 -39.26 -52.18 -44.64
CA LYS A 218 -37.91 -52.36 -44.11
C LYS A 218 -37.98 -52.39 -42.59
N ASP A 219 -38.34 -51.27 -42.00
CA ASP A 219 -38.44 -51.14 -40.55
C ASP A 219 -39.47 -52.12 -40.00
N ALA A 220 -40.69 -52.07 -40.52
CA ALA A 220 -41.76 -52.95 -40.09
C ALA A 220 -41.29 -54.39 -39.96
N MET A 221 -40.37 -54.79 -40.84
CA MET A 221 -39.85 -56.15 -40.81
C MET A 221 -39.12 -56.40 -39.50
N LYS A 222 -38.39 -55.39 -39.02
CA LYS A 222 -37.63 -55.51 -37.78
C LYS A 222 -38.44 -55.07 -36.56
N LEU A 223 -39.53 -54.35 -36.82
CA LEU A 223 -40.40 -53.90 -35.74
C LEU A 223 -41.25 -55.10 -35.33
N LEU A 224 -41.85 -55.73 -36.33
CA LEU A 224 -42.69 -56.90 -36.09
C LEU A 224 -41.78 -58.07 -35.69
N ILE A 225 -40.55 -58.02 -36.18
CA ILE A 225 -39.57 -59.05 -35.88
C ILE A 225 -39.33 -59.08 -34.39
N GLU A 226 -39.58 -57.94 -33.75
CA GLU A 226 -39.40 -57.83 -32.31
C GLU A 226 -40.75 -57.93 -31.61
N GLU A 227 -41.71 -57.12 -32.05
CA GLU A 227 -43.03 -57.13 -31.46
C GLU A 227 -43.54 -58.56 -31.34
N GLU A 228 -43.44 -59.29 -32.44
CA GLU A 228 -43.88 -60.67 -32.49
C GLU A 228 -42.71 -61.58 -32.15
N ALA A 229 -41.75 -61.06 -31.38
CA ALA A 229 -40.59 -61.84 -30.97
C ALA A 229 -40.66 -62.10 -29.49
N ALA A 230 -40.71 -61.01 -28.73
CA ALA A 230 -40.78 -61.07 -27.28
C ALA A 230 -42.06 -61.78 -26.84
N LYS A 231 -42.80 -62.30 -27.81
CA LYS A 231 -44.05 -63.01 -27.52
C LYS A 231 -43.74 -64.25 -26.70
N LEU A 232 -42.60 -64.87 -26.96
CA LEU A 232 -42.19 -66.06 -26.21
C LEU A 232 -40.92 -65.78 -25.41
N VAL A 233 -41.11 -65.30 -24.19
CA VAL A 233 -39.98 -65.00 -23.31
C VAL A 233 -40.27 -65.48 -21.89
N ASN A 234 -41.39 -65.02 -21.32
CA ASN A 234 -41.79 -65.37 -19.96
C ASN A 234 -40.88 -64.73 -18.93
N PRO A 235 -40.88 -63.38 -18.86
CA PRO A 235 -40.06 -62.62 -17.91
C PRO A 235 -39.95 -63.27 -16.53
N GLU A 236 -41.03 -63.88 -16.06
CA GLU A 236 -41.04 -64.53 -14.76
C GLU A 236 -40.07 -65.71 -14.78
N GLU A 237 -40.45 -66.78 -15.48
CA GLU A 237 -39.61 -67.97 -15.56
C GLU A 237 -38.24 -67.61 -16.10
N LEU A 238 -38.17 -66.49 -16.82
CA LEU A 238 -36.91 -66.04 -17.38
C LEU A 238 -36.01 -65.55 -16.25
N LYS A 239 -36.47 -64.51 -15.56
CA LYS A 239 -35.72 -63.95 -14.44
C LYS A 239 -35.48 -65.02 -13.39
N GLN A 240 -36.36 -66.02 -13.34
CA GLN A 240 -36.24 -67.11 -12.38
C GLN A 240 -35.38 -68.23 -12.96
N ASP A 241 -35.06 -68.12 -14.24
CA ASP A 241 -34.24 -69.11 -14.93
C ASP A 241 -32.78 -68.70 -14.73
N ALA A 242 -32.56 -67.39 -14.78
CA ALA A 242 -31.23 -66.80 -14.62
C ALA A 242 -30.62 -67.13 -13.25
N ILE A 243 -31.40 -66.94 -12.20
CA ILE A 243 -30.94 -67.22 -10.85
C ILE A 243 -30.40 -68.64 -10.75
N ASP A 244 -31.08 -69.57 -11.40
CA ASP A 244 -30.67 -70.97 -11.38
C ASP A 244 -29.21 -71.09 -11.78
N ALA A 245 -28.71 -70.09 -12.49
CA ALA A 245 -27.33 -70.06 -12.93
C ALA A 245 -26.48 -69.51 -11.81
N VAL A 246 -26.58 -68.20 -11.57
CA VAL A 246 -25.82 -67.55 -10.52
C VAL A 246 -25.79 -68.44 -9.28
N GLU A 247 -26.95 -68.98 -8.93
CA GLU A 247 -27.07 -69.84 -7.76
C GLU A 247 -26.31 -71.15 -7.93
N GLN A 248 -26.47 -71.79 -9.09
CA GLN A 248 -25.78 -73.04 -9.35
C GLN A 248 -24.56 -72.80 -10.24
N HIS A 249 -24.78 -72.68 -11.54
CA HIS A 249 -23.70 -72.43 -12.47
C HIS A 249 -23.30 -70.96 -12.42
N GLY A 250 -22.33 -70.63 -11.56
CA GLY A 250 -21.90 -69.25 -11.45
C GLY A 250 -20.46 -69.20 -10.99
N ILE A 251 -19.70 -68.23 -11.48
CA ILE A 251 -18.29 -68.12 -11.09
C ILE A 251 -17.85 -66.68 -10.82
N VAL A 252 -16.96 -66.53 -9.86
CA VAL A 252 -16.42 -65.23 -9.47
C VAL A 252 -14.91 -65.25 -9.45
N PHE A 253 -14.30 -64.13 -9.78
CA PHE A 253 -12.85 -64.05 -9.81
C PHE A 253 -12.36 -62.93 -8.90
N ILE A 254 -12.37 -63.18 -7.60
CA ILE A 254 -11.88 -62.19 -6.66
C ILE A 254 -10.44 -61.91 -7.05
N ASP A 255 -10.20 -60.75 -7.65
CA ASP A 255 -8.87 -60.39 -8.09
C ASP A 255 -8.12 -59.49 -7.12
N GLU A 256 -6.78 -59.57 -7.21
CA GLU A 256 -5.90 -58.77 -6.37
C GLU A 256 -6.01 -59.08 -4.89
N ILE A 257 -6.59 -60.22 -4.56
CA ILE A 257 -6.74 -60.61 -3.16
C ILE A 257 -5.47 -60.28 -2.39
N ASP A 258 -4.32 -60.60 -2.98
CA ASP A 258 -3.04 -60.35 -2.33
C ASP A 258 -2.97 -58.95 -1.73
N LYS A 259 -3.48 -57.96 -2.44
CA LYS A 259 -3.46 -56.60 -1.93
C LYS A 259 -4.01 -56.59 -0.52
N ILE A 260 -5.30 -56.89 -0.37
CA ILE A 260 -5.93 -56.95 0.94
C ILE A 260 -5.24 -58.01 1.78
N CYS A 261 -4.17 -57.64 2.49
CA CYS A 261 -3.46 -58.62 3.29
C CYS A 261 -2.86 -58.10 4.59
N LYS A 262 -1.57 -57.79 4.60
CA LYS A 262 -0.96 -57.32 5.84
C LYS A 262 0.38 -56.59 5.76
N ARG A 263 0.85 -56.20 6.93
CA ARG A 263 2.11 -55.48 7.11
C ARG A 263 2.34 -55.30 8.63
N GLY A 264 1.53 -54.45 9.26
CA GLY A 264 1.61 -54.23 10.69
C GLY A 264 2.47 -53.10 11.23
N GLU A 265 2.66 -53.11 12.55
CA GLU A 265 3.46 -52.13 13.31
C GLU A 265 2.73 -50.84 13.76
N SER A 266 1.55 -50.62 13.22
CA SER A 266 0.74 -49.45 13.56
C SER A 266 -0.68 -49.65 13.05
N SER A 267 -1.00 -50.90 12.72
CA SER A 267 -2.30 -51.32 12.19
C SER A 267 -3.29 -50.19 11.86
N GLY A 268 -2.97 -49.45 10.81
CA GLY A 268 -3.83 -48.35 10.40
C GLY A 268 -4.78 -48.80 9.30
N PRO A 269 -4.32 -48.82 8.03
CA PRO A 269 -5.17 -49.26 6.92
C PRO A 269 -5.34 -50.78 6.91
N ASP A 270 -4.60 -51.44 7.79
CA ASP A 270 -4.64 -52.90 7.89
C ASP A 270 -6.01 -53.40 8.31
N VAL A 271 -6.50 -52.94 9.45
CA VAL A 271 -7.80 -53.36 9.96
C VAL A 271 -8.92 -52.90 9.03
N SER A 272 -8.54 -52.36 7.88
CA SER A 272 -9.50 -51.90 6.88
C SER A 272 -9.52 -52.89 5.71
N ARG A 273 -8.32 -53.31 5.29
CA ARG A 273 -8.17 -54.26 4.19
C ARG A 273 -8.70 -55.62 4.62
N GLU A 274 -8.12 -56.16 5.69
CA GLU A 274 -8.54 -57.45 6.22
C GLU A 274 -10.06 -57.48 6.23
N GLY A 275 -10.65 -56.45 6.85
CA GLY A 275 -12.10 -56.37 6.92
C GLY A 275 -12.75 -56.92 5.68
N VAL A 276 -12.36 -56.39 4.53
CA VAL A 276 -12.93 -56.84 3.27
C VAL A 276 -12.96 -58.36 3.29
N GLN A 277 -11.78 -58.96 3.42
CA GLN A 277 -11.65 -60.41 3.46
C GLN A 277 -12.85 -60.97 4.20
N ARG A 278 -13.03 -60.52 5.43
CA ARG A 278 -14.14 -60.97 6.26
C ARG A 278 -15.44 -60.70 5.52
N ASP A 279 -15.61 -59.46 5.07
CA ASP A 279 -16.80 -59.07 4.34
C ASP A 279 -17.08 -60.05 3.21
N LEU A 280 -16.01 -60.58 2.61
CA LEU A 280 -16.15 -61.52 1.50
C LEU A 280 -16.55 -62.92 1.96
N LEU A 281 -16.00 -63.33 3.10
CA LEU A 281 -16.27 -64.66 3.64
C LEU A 281 -17.70 -65.15 3.41
N PRO A 282 -18.70 -64.46 3.95
CA PRO A 282 -20.09 -64.89 3.78
C PRO A 282 -20.41 -65.39 2.36
N LEU A 283 -19.95 -64.66 1.35
CA LEU A 283 -20.19 -65.04 -0.04
C LEU A 283 -19.56 -66.40 -0.30
N VAL A 284 -18.26 -66.49 -0.04
CA VAL A 284 -17.54 -67.73 -0.23
C VAL A 284 -18.14 -68.78 0.69
N GLU A 285 -18.26 -68.42 1.96
CA GLU A 285 -18.82 -69.28 3.00
C GLU A 285 -20.15 -69.86 2.56
N GLY A 286 -21.03 -68.99 2.11
CA GLY A 286 -22.34 -69.42 1.67
C GLY A 286 -23.43 -68.63 2.34
N CYS A 287 -23.98 -67.64 1.64
CA CYS A 287 -25.05 -66.83 2.19
C CYS A 287 -26.00 -66.42 1.07
N THR A 288 -26.95 -65.56 1.41
CA THR A 288 -27.92 -65.10 0.44
C THR A 288 -27.84 -63.59 0.30
N VAL A 289 -28.07 -63.09 -0.91
CA VAL A 289 -28.01 -61.64 -1.15
C VAL A 289 -29.25 -61.12 -1.88
N SER A 290 -29.65 -59.91 -1.52
CA SER A 290 -30.82 -59.29 -2.13
C SER A 290 -30.45 -58.63 -3.44
N THR A 291 -31.20 -58.96 -4.48
CA THR A 291 -30.96 -58.40 -5.80
C THR A 291 -32.28 -57.96 -6.40
N LYS A 292 -32.22 -56.97 -7.29
CA LYS A 292 -33.42 -56.47 -7.93
C LYS A 292 -34.11 -57.60 -8.67
N HIS A 293 -33.41 -58.72 -8.81
CA HIS A 293 -33.94 -59.89 -9.49
C HIS A 293 -34.40 -60.97 -8.51
N GLY A 294 -34.05 -60.81 -7.24
CA GLY A 294 -34.45 -61.78 -6.24
C GLY A 294 -33.39 -62.08 -5.21
N MET A 295 -33.39 -63.32 -4.73
CA MET A 295 -32.43 -63.77 -3.73
C MET A 295 -31.59 -64.90 -4.28
N VAL A 296 -30.28 -64.81 -4.10
CA VAL A 296 -29.36 -65.83 -4.59
C VAL A 296 -28.47 -66.42 -3.48
N LYS A 297 -28.21 -67.72 -3.57
CA LYS A 297 -27.38 -68.39 -2.57
C LYS A 297 -25.98 -68.67 -3.07
N THR A 298 -25.02 -67.87 -2.60
CA THR A 298 -23.62 -68.02 -2.98
C THR A 298 -23.06 -69.35 -2.50
N ASP A 299 -23.93 -70.16 -1.90
CA ASP A 299 -23.55 -71.46 -1.39
C ASP A 299 -22.59 -72.14 -2.35
N HIS A 300 -23.13 -72.57 -3.49
CA HIS A 300 -22.34 -73.23 -4.51
C HIS A 300 -22.03 -72.28 -5.65
N ILE A 301 -20.84 -71.68 -5.59
CA ILE A 301 -20.40 -70.74 -6.61
C ILE A 301 -18.89 -70.85 -6.67
N LEU A 302 -18.31 -70.68 -7.84
CA LEU A 302 -16.87 -70.78 -7.96
C LEU A 302 -16.17 -69.44 -7.84
N PHE A 303 -15.61 -69.19 -6.66
CA PHE A 303 -14.88 -67.97 -6.42
C PHE A 303 -13.44 -68.33 -6.69
N ILE A 304 -12.74 -67.48 -7.43
CA ILE A 304 -11.35 -67.75 -7.70
C ILE A 304 -10.50 -66.56 -7.34
N ALA A 305 -9.89 -66.64 -6.17
CA ALA A 305 -9.02 -65.57 -5.71
C ALA A 305 -7.79 -65.73 -6.57
N SER A 306 -6.93 -64.70 -6.59
CA SER A 306 -5.72 -64.78 -7.38
C SER A 306 -4.78 -63.61 -7.12
N GLY A 307 -3.76 -63.50 -7.96
CA GLY A 307 -2.78 -62.44 -7.83
C GLY A 307 -1.41 -63.00 -7.48
N ALA A 308 -0.38 -62.24 -7.82
CA ALA A 308 0.97 -62.67 -7.50
C ALA A 308 1.33 -62.05 -6.16
N PHE A 309 1.82 -62.87 -5.24
CA PHE A 309 2.18 -62.36 -3.93
C PHE A 309 3.67 -62.11 -3.90
N GLN A 310 4.09 -61.06 -4.60
CA GLN A 310 5.51 -60.72 -4.63
C GLN A 310 5.88 -60.22 -3.25
N ILE A 311 4.94 -59.52 -2.62
CA ILE A 311 5.15 -58.97 -1.29
C ILE A 311 4.57 -59.85 -0.19
N ALA A 312 3.27 -60.09 -0.25
CA ALA A 312 2.60 -60.91 0.74
C ALA A 312 2.64 -62.40 0.45
N LYS A 313 1.79 -63.14 1.15
CA LYS A 313 1.72 -64.59 0.98
C LYS A 313 0.32 -65.03 1.38
N PRO A 314 -0.16 -66.14 0.80
CA PRO A 314 -1.50 -66.64 1.11
C PRO A 314 -1.67 -66.75 2.61
N SER A 315 -0.64 -67.28 3.26
CA SER A 315 -0.64 -67.44 4.71
C SER A 315 -1.03 -66.13 5.37
N ASP A 316 -0.38 -65.05 4.93
CA ASP A 316 -0.64 -63.72 5.47
C ASP A 316 -2.12 -63.36 5.41
N LEU A 317 -2.80 -63.89 4.40
CA LEU A 317 -4.22 -63.63 4.23
C LEU A 317 -4.97 -64.18 5.44
N ILE A 318 -6.12 -63.57 5.75
CA ILE A 318 -6.95 -64.01 6.86
C ILE A 318 -7.19 -65.53 6.77
N PRO A 319 -7.13 -66.23 7.91
CA PRO A 319 -7.32 -67.68 8.03
C PRO A 319 -8.64 -68.22 7.48
N GLU A 320 -9.76 -67.85 8.11
CA GLU A 320 -11.07 -68.31 7.66
C GLU A 320 -11.07 -68.43 6.14
N LEU A 321 -10.57 -67.38 5.49
CA LEU A 321 -10.48 -67.32 4.05
C LEU A 321 -9.43 -68.30 3.57
N GLN A 322 -8.23 -68.18 4.15
CA GLN A 322 -7.10 -69.05 3.83
C GLN A 322 -7.59 -70.49 3.79
N GLY A 323 -8.64 -70.75 4.59
CA GLY A 323 -9.22 -72.07 4.66
C GLY A 323 -10.36 -72.20 3.68
N ARG A 324 -10.96 -71.08 3.30
CA ARG A 324 -12.05 -71.15 2.35
C ARG A 324 -11.47 -71.33 0.95
N LEU A 325 -10.17 -71.09 0.82
CA LEU A 325 -9.49 -71.25 -0.45
C LEU A 325 -8.67 -72.53 -0.31
N PRO A 326 -9.32 -73.69 -0.46
CA PRO A 326 -8.66 -75.00 -0.34
C PRO A 326 -7.69 -75.34 -1.45
N ILE A 327 -8.06 -74.98 -2.68
CA ILE A 327 -7.22 -75.27 -3.83
C ILE A 327 -6.29 -74.12 -4.18
N ARG A 328 -4.99 -74.37 -4.05
CA ARG A 328 -3.99 -73.37 -4.36
C ARG A 328 -3.11 -73.85 -5.51
N VAL A 329 -3.04 -73.07 -6.58
CA VAL A 329 -2.23 -73.43 -7.73
C VAL A 329 -1.34 -72.27 -8.16
N GLU A 330 -0.14 -72.60 -8.64
CA GLU A 330 0.83 -71.61 -9.08
C GLU A 330 0.94 -71.49 -10.59
N LEU A 331 1.22 -70.28 -11.06
CA LEU A 331 1.37 -70.00 -12.48
C LEU A 331 2.75 -69.41 -12.69
N GLN A 332 3.44 -69.89 -13.72
CA GLN A 332 4.79 -69.41 -14.01
C GLN A 332 4.82 -68.46 -15.21
N ALA A 333 5.85 -67.61 -15.26
CA ALA A 333 5.99 -66.65 -16.35
C ALA A 333 6.13 -67.35 -17.69
N LEU A 334 5.51 -66.78 -18.72
CA LEU A 334 5.59 -67.36 -20.04
C LEU A 334 6.92 -67.00 -20.68
N THR A 335 7.51 -67.97 -21.38
CA THR A 335 8.78 -67.76 -22.06
C THR A 335 8.49 -67.40 -23.51
N THR A 336 9.48 -66.82 -24.18
CA THR A 336 9.32 -66.42 -25.58
C THR A 336 8.62 -67.54 -26.35
N SER A 337 9.14 -68.75 -26.23
CA SER A 337 8.56 -69.91 -26.90
C SER A 337 7.04 -69.87 -26.71
N ASP A 338 6.62 -69.67 -25.47
CA ASP A 338 5.21 -69.60 -25.14
C ASP A 338 4.59 -68.47 -25.96
N PHE A 339 5.23 -67.30 -25.92
CA PHE A 339 4.75 -66.15 -26.67
C PHE A 339 4.43 -66.62 -28.08
N GLU A 340 5.48 -67.03 -28.79
CA GLU A 340 5.36 -67.53 -30.15
C GLU A 340 4.10 -68.36 -30.29
N ARG A 341 4.05 -69.45 -29.54
CA ARG A 341 2.90 -70.33 -29.57
C ARG A 341 1.63 -69.49 -29.46
N ILE A 342 1.63 -68.55 -28.51
CA ILE A 342 0.49 -67.67 -28.28
C ILE A 342 0.07 -66.87 -29.52
N LEU A 343 1.03 -66.54 -30.37
CA LEU A 343 0.71 -65.77 -31.57
C LEU A 343 0.21 -66.67 -32.68
N THR A 344 -0.04 -67.95 -32.38
CA THR A 344 -0.48 -68.86 -33.43
C THR A 344 -1.46 -69.94 -33.01
N GLU A 345 -0.92 -71.01 -32.41
CA GLU A 345 -1.72 -72.15 -31.97
C GLU A 345 -3.11 -71.83 -31.44
N PRO A 346 -3.21 -70.87 -30.50
CA PRO A 346 -4.52 -70.51 -29.93
C PRO A 346 -5.56 -70.13 -30.96
N ASN A 347 -6.76 -70.68 -30.81
CA ASN A 347 -7.84 -70.40 -31.72
C ASN A 347 -8.11 -68.90 -31.74
N ALA A 348 -8.03 -68.32 -32.93
CA ALA A 348 -8.26 -66.89 -33.11
C ALA A 348 -7.15 -66.03 -32.51
N SER A 349 -5.91 -66.50 -32.59
CA SER A 349 -4.77 -65.75 -32.06
C SER A 349 -4.70 -64.39 -32.73
N ILE A 350 -4.13 -63.42 -32.02
CA ILE A 350 -4.00 -62.07 -32.54
C ILE A 350 -3.72 -62.12 -34.03
N THR A 351 -2.60 -62.73 -34.39
CA THR A 351 -2.20 -62.85 -35.79
C THR A 351 -3.38 -63.41 -36.58
N VAL A 352 -3.88 -64.54 -36.12
CA VAL A 352 -5.00 -65.20 -36.77
C VAL A 352 -6.10 -64.18 -37.03
N GLN A 353 -6.40 -63.38 -36.03
CA GLN A 353 -7.43 -62.34 -36.17
C GLN A 353 -6.92 -61.34 -37.19
N TYR A 354 -5.76 -60.77 -36.91
CA TYR A 354 -5.15 -59.79 -37.79
C TYR A 354 -5.16 -60.26 -39.23
N LYS A 355 -4.86 -61.54 -39.42
CA LYS A 355 -4.84 -62.12 -40.75
C LYS A 355 -6.20 -61.87 -41.41
N ALA A 356 -7.24 -62.40 -40.78
CA ALA A 356 -8.59 -62.24 -41.29
C ALA A 356 -8.90 -60.75 -41.33
N LEU A 357 -8.62 -60.07 -40.22
CA LEU A 357 -8.86 -58.65 -40.08
C LEU A 357 -8.29 -57.84 -41.24
N MET A 358 -7.09 -58.19 -41.67
CA MET A 358 -6.47 -57.50 -42.78
C MET A 358 -7.18 -57.97 -44.04
N ALA A 359 -7.33 -59.29 -44.16
CA ALA A 359 -8.00 -59.87 -45.30
C ALA A 359 -9.32 -59.17 -45.57
N THR A 360 -9.94 -58.64 -44.52
CA THR A 360 -11.21 -57.93 -44.64
C THR A 360 -11.11 -56.84 -45.69
N GLU A 361 -10.00 -56.11 -45.65
CA GLU A 361 -9.76 -55.03 -46.60
C GLU A 361 -9.30 -55.65 -47.91
N GLY A 362 -9.51 -56.96 -48.02
CA GLY A 362 -9.11 -57.68 -49.22
C GLY A 362 -7.62 -57.71 -49.45
N VAL A 363 -6.90 -58.34 -48.52
CA VAL A 363 -5.46 -58.43 -48.64
C VAL A 363 -4.89 -59.46 -47.68
N ASN A 364 -4.22 -60.46 -48.23
CA ASN A 364 -3.63 -61.51 -47.42
C ASN A 364 -2.24 -61.14 -46.97
N ILE A 365 -1.95 -61.40 -45.71
CA ILE A 365 -0.65 -61.14 -45.11
C ILE A 365 -0.13 -62.50 -44.70
N GLU A 366 1.13 -62.56 -44.33
CA GLU A 366 1.69 -63.83 -43.91
C GLU A 366 2.85 -63.60 -42.95
N PHE A 367 2.73 -64.18 -41.77
CA PHE A 367 3.79 -64.05 -40.78
C PHE A 367 4.72 -65.23 -40.93
N THR A 368 6.02 -64.96 -40.97
CA THR A 368 6.99 -66.02 -41.09
C THR A 368 7.35 -66.59 -39.73
N ASP A 369 7.71 -67.87 -39.71
CA ASP A 369 8.09 -68.51 -38.47
C ASP A 369 9.22 -67.69 -37.84
N SER A 370 9.98 -67.00 -38.69
CA SER A 370 11.09 -66.16 -38.25
C SER A 370 10.57 -64.81 -37.77
N GLY A 371 9.63 -64.24 -38.52
CA GLY A 371 9.06 -62.96 -38.14
C GLY A 371 8.32 -63.13 -36.83
N ILE A 372 7.50 -64.17 -36.76
CA ILE A 372 6.75 -64.46 -35.55
C ILE A 372 7.73 -64.45 -34.40
N LYS A 373 8.77 -65.25 -34.51
CA LYS A 373 9.79 -65.31 -33.47
C LYS A 373 10.13 -63.88 -33.09
N ARG A 374 10.49 -63.08 -34.10
CA ARG A 374 10.85 -61.70 -33.85
C ARG A 374 9.82 -61.04 -32.95
N ILE A 375 8.59 -60.92 -33.43
CA ILE A 375 7.54 -60.32 -32.63
C ILE A 375 7.69 -60.77 -31.18
N ALA A 376 7.56 -62.08 -30.97
CA ALA A 376 7.68 -62.64 -29.64
C ALA A 376 8.95 -62.11 -28.97
N GLU A 377 10.08 -62.33 -29.63
CA GLU A 377 11.37 -61.87 -29.11
C GLU A 377 11.23 -60.40 -28.73
N ALA A 378 10.78 -59.60 -29.69
CA ALA A 378 10.58 -58.18 -29.48
C ALA A 378 9.84 -58.02 -28.18
N ALA A 379 8.59 -58.45 -28.18
CA ALA A 379 7.73 -58.38 -27.01
C ALA A 379 8.57 -58.66 -25.78
N TRP A 380 9.11 -59.88 -25.72
CA TRP A 380 9.93 -60.27 -24.58
C TRP A 380 10.97 -59.23 -24.21
N GLN A 381 11.79 -58.84 -25.19
CA GLN A 381 12.84 -57.85 -24.94
C GLN A 381 12.30 -56.68 -24.12
N VAL A 382 11.27 -56.03 -24.63
CA VAL A 382 10.68 -54.89 -23.94
C VAL A 382 10.41 -55.21 -22.47
N ASN A 383 9.77 -56.34 -22.21
CA ASN A 383 9.45 -56.74 -20.84
C ASN A 383 10.72 -56.85 -20.00
N GLU A 384 11.83 -57.18 -20.64
CA GLU A 384 13.11 -57.33 -19.94
C GLU A 384 13.92 -56.03 -19.95
N SER A 385 13.24 -54.91 -19.67
CA SER A 385 13.91 -53.63 -19.64
C SER A 385 13.00 -52.58 -19.04
N THR A 386 11.70 -52.77 -19.23
CA THR A 386 10.73 -51.84 -18.69
C THR A 386 9.94 -52.52 -17.57
N GLU A 387 8.92 -53.29 -17.95
CA GLU A 387 8.09 -54.02 -16.99
C GLU A 387 7.56 -55.29 -17.66
N ASN A 388 7.79 -56.44 -17.03
CA ASN A 388 7.32 -57.71 -17.59
C ASN A 388 5.82 -57.87 -17.49
N ILE A 389 5.08 -57.13 -18.32
CA ILE A 389 3.64 -57.21 -18.32
C ILE A 389 3.17 -58.49 -18.99
N GLY A 390 4.11 -59.39 -19.27
CA GLY A 390 3.78 -60.64 -19.91
C GLY A 390 3.01 -60.55 -21.21
N ALA A 391 2.23 -61.59 -21.49
CA ALA A 391 1.43 -61.70 -22.70
C ALA A 391 0.85 -60.39 -23.22
N ARG A 392 0.36 -59.55 -22.31
CA ARG A 392 -0.22 -58.27 -22.70
C ARG A 392 0.68 -57.54 -23.70
N ARG A 393 1.98 -57.63 -23.47
CA ARG A 393 2.96 -56.97 -24.32
C ARG A 393 2.68 -57.20 -25.81
N LEU A 394 2.54 -58.46 -26.18
CA LEU A 394 2.29 -58.84 -27.57
C LEU A 394 1.33 -57.91 -28.31
N HIS A 395 0.06 -57.97 -27.93
CA HIS A 395 -0.96 -57.13 -28.56
C HIS A 395 -0.34 -55.85 -29.07
N THR A 396 0.34 -55.14 -28.19
CA THR A 396 1.00 -53.90 -28.55
C THR A 396 1.95 -54.22 -29.70
N VAL A 397 3.13 -54.70 -29.35
CA VAL A 397 4.16 -55.07 -30.30
C VAL A 397 3.58 -55.25 -31.70
N LEU A 398 2.86 -56.36 -31.86
CA LEU A 398 2.25 -56.66 -33.14
C LEU A 398 1.50 -55.49 -33.75
N GLU A 399 0.44 -55.05 -33.06
CA GLU A 399 -0.36 -53.94 -33.57
C GLU A 399 0.48 -52.78 -34.07
N ARG A 400 1.55 -52.44 -33.35
CA ARG A 400 2.39 -51.34 -33.80
C ARG A 400 3.21 -51.80 -34.98
N LEU A 401 3.50 -53.09 -35.00
CA LEU A 401 4.27 -53.66 -36.09
C LEU A 401 3.47 -53.54 -37.38
N MET A 402 2.14 -53.62 -37.26
CA MET A 402 1.25 -53.54 -38.42
C MET A 402 0.65 -52.17 -38.63
N GLU A 403 1.33 -51.14 -38.15
CA GLU A 403 0.86 -49.77 -38.30
C GLU A 403 0.43 -49.49 -39.74
N GLU A 404 1.40 -49.22 -40.61
CA GLU A 404 1.13 -48.92 -42.01
C GLU A 404 0.10 -49.86 -42.61
N ILE A 405 0.45 -51.14 -42.68
CA ILE A 405 -0.44 -52.14 -43.26
C ILE A 405 -1.90 -51.91 -42.86
N SER A 406 -2.16 -51.79 -41.57
CA SER A 406 -3.51 -51.58 -41.09
C SER A 406 -4.11 -50.34 -41.74
N TYR A 407 -3.28 -49.33 -41.95
CA TYR A 407 -3.72 -48.09 -42.57
C TYR A 407 -3.77 -48.27 -44.09
N ASP A 408 -2.60 -48.38 -44.70
CA ASP A 408 -2.53 -48.58 -46.14
C ASP A 408 -3.12 -49.96 -46.38
N ALA A 409 -4.44 -50.04 -46.43
CA ALA A 409 -5.10 -51.32 -46.64
C ALA A 409 -5.93 -51.29 -47.92
N SER A 410 -6.96 -50.45 -47.91
CA SER A 410 -7.85 -50.31 -49.05
C SER A 410 -7.10 -50.30 -50.37
N ASP A 411 -6.01 -49.55 -50.44
CA ASP A 411 -5.21 -49.45 -51.66
C ASP A 411 -4.55 -50.77 -52.05
N LEU A 412 -4.06 -51.49 -51.04
CA LEU A 412 -3.39 -52.77 -51.28
C LEU A 412 -4.32 -53.79 -51.89
N SER A 413 -5.59 -53.73 -51.49
CA SER A 413 -6.63 -54.64 -51.99
C SER A 413 -6.17 -55.59 -53.10
N GLY A 414 -6.12 -56.88 -52.78
CA GLY A 414 -5.70 -57.85 -53.77
C GLY A 414 -4.21 -58.10 -53.72
N GLN A 415 -3.47 -57.14 -53.17
CA GLN A 415 -2.02 -57.27 -53.06
C GLN A 415 -1.66 -58.43 -52.15
N ASN A 416 -0.37 -58.64 -51.92
CA ASN A 416 0.07 -59.71 -51.05
C ASN A 416 1.36 -59.31 -50.34
N ILE A 417 1.40 -59.51 -49.03
CA ILE A 417 2.58 -59.15 -48.26
C ILE A 417 2.86 -60.17 -47.17
N THR A 418 4.15 -60.42 -46.95
CA THR A 418 4.58 -61.38 -45.95
C THR A 418 5.34 -60.68 -44.84
N ILE A 419 4.83 -60.75 -43.62
CA ILE A 419 5.49 -60.14 -42.50
C ILE A 419 6.66 -61.03 -42.13
N ASP A 420 7.77 -60.83 -42.82
CA ASP A 420 8.96 -61.63 -42.59
C ASP A 420 9.85 -61.01 -41.53
N ALA A 421 10.82 -61.79 -41.08
CA ALA A 421 11.75 -61.32 -40.07
C ALA A 421 12.22 -59.92 -40.40
N ASP A 422 12.80 -59.77 -41.59
CA ASP A 422 13.30 -58.48 -42.02
C ASP A 422 12.26 -57.38 -42.00
N TYR A 423 11.01 -57.73 -41.72
CA TYR A 423 9.97 -56.71 -41.67
C TYR A 423 9.87 -56.22 -40.22
N VAL A 424 9.53 -57.13 -39.31
CA VAL A 424 9.42 -56.79 -37.89
C VAL A 424 10.64 -55.98 -37.52
N SER A 425 11.80 -56.63 -37.62
CA SER A 425 13.09 -56.03 -37.31
C SER A 425 13.25 -54.62 -37.86
N LYS A 426 12.48 -54.28 -38.88
CA LYS A 426 12.59 -52.95 -39.47
C LYS A 426 11.85 -51.95 -38.62
N HIS A 427 10.64 -52.31 -38.23
CA HIS A 427 9.81 -51.43 -37.42
C HIS A 427 10.12 -51.46 -35.93
N LEU A 428 10.05 -52.64 -35.35
CA LEU A 428 10.29 -52.78 -33.93
C LEU A 428 11.73 -52.56 -33.50
N ASP A 429 12.65 -53.34 -34.06
CA ASP A 429 14.06 -53.23 -33.71
C ASP A 429 14.42 -51.82 -33.26
N ALA A 430 14.07 -50.85 -34.10
CA ALA A 430 14.35 -49.46 -33.81
C ALA A 430 13.89 -49.09 -32.40
N LEU A 431 12.61 -49.34 -32.12
CA LEU A 431 12.04 -49.04 -30.82
C LEU A 431 12.65 -49.87 -29.70
N VAL A 432 12.33 -51.16 -29.69
CA VAL A 432 12.83 -52.08 -28.68
C VAL A 432 14.26 -51.71 -28.27
N ALA A 433 15.00 -51.12 -29.20
CA ALA A 433 16.37 -50.71 -28.95
C ALA A 433 16.46 -49.74 -27.77
N ASP A 434 15.81 -48.58 -27.91
CA ASP A 434 15.83 -47.55 -26.86
C ASP A 434 14.65 -47.70 -25.90
N GLU A 435 14.89 -47.35 -24.63
CA GLU A 435 13.85 -47.43 -23.60
C GLU A 435 12.76 -46.42 -23.89
N ASP A 436 12.62 -45.43 -23.01
CA ASP A 436 11.61 -44.38 -23.16
C ASP A 436 10.43 -44.80 -24.01
N LEU A 437 10.54 -44.55 -25.31
CA LEU A 437 9.52 -44.88 -26.29
C LEU A 437 8.76 -46.11 -25.87
N SER A 438 9.48 -47.22 -25.74
CA SER A 438 8.89 -48.47 -25.35
C SER A 438 7.94 -48.24 -24.20
N ARG A 439 8.44 -47.56 -23.16
CA ARG A 439 7.64 -47.26 -21.98
C ARG A 439 6.47 -46.37 -22.37
N PHE A 440 6.52 -45.86 -23.59
CA PHE A 440 5.48 -44.98 -24.08
C PHE A 440 4.52 -45.65 -25.06
N ILE A 441 5.06 -46.24 -26.13
CA ILE A 441 4.23 -46.89 -27.13
C ILE A 441 4.39 -48.40 -27.21
N LEU A 442 4.52 -49.04 -26.05
CA LEU A 442 4.67 -50.49 -26.03
C LEU A 442 4.19 -51.07 -24.69
N SER B 1 -20.58 -49.83 -45.82
CA SER B 1 -19.63 -49.08 -46.68
C SER B 1 -19.25 -47.74 -46.06
N GLU B 2 -18.23 -47.75 -45.21
CA GLU B 2 -17.75 -46.53 -44.56
C GLU B 2 -16.60 -45.91 -45.35
N MET B 3 -15.95 -44.92 -44.75
CA MET B 3 -14.83 -44.25 -45.41
C MET B 3 -13.54 -44.99 -45.19
N THR B 4 -12.67 -44.97 -46.20
CA THR B 4 -11.39 -45.62 -46.11
C THR B 4 -10.55 -44.90 -45.07
N PRO B 5 -9.55 -45.58 -44.50
CA PRO B 5 -8.71 -44.95 -43.49
C PRO B 5 -8.29 -43.54 -43.93
N ARG B 6 -7.77 -43.43 -45.14
CA ARG B 6 -7.36 -42.14 -45.66
C ARG B 6 -8.59 -41.27 -45.85
N GLU B 7 -9.66 -41.89 -46.35
CA GLU B 7 -10.92 -41.19 -46.57
C GLU B 7 -11.34 -40.47 -45.30
N ILE B 8 -11.29 -41.20 -44.20
CA ILE B 8 -11.64 -40.64 -42.89
C ILE B 8 -10.74 -39.44 -42.63
N VAL B 9 -9.44 -39.67 -42.65
CA VAL B 9 -8.44 -38.63 -42.42
C VAL B 9 -8.79 -37.34 -43.14
N SER B 10 -9.04 -37.46 -44.44
CA SER B 10 -9.38 -36.30 -45.24
C SER B 10 -10.48 -35.48 -44.55
N GLU B 11 -11.55 -36.16 -44.14
CA GLU B 11 -12.67 -35.50 -43.48
C GLU B 11 -12.20 -34.75 -42.24
N LEU B 12 -11.21 -35.31 -41.56
CA LEU B 12 -10.68 -34.69 -40.37
C LEU B 12 -9.84 -33.50 -40.80
N ASP B 13 -9.02 -33.70 -41.83
CA ASP B 13 -8.15 -32.65 -42.35
C ASP B 13 -8.94 -31.35 -42.56
N LYS B 14 -10.24 -31.49 -42.79
CA LYS B 14 -11.11 -30.35 -43.01
C LYS B 14 -11.05 -29.34 -41.88
N HIS B 15 -11.62 -29.70 -40.73
CA HIS B 15 -11.63 -28.83 -39.56
C HIS B 15 -10.64 -29.33 -38.53
N ILE B 16 -9.37 -29.06 -38.78
CA ILE B 16 -8.30 -29.48 -37.88
C ILE B 16 -6.96 -28.96 -38.40
N ILE B 17 -5.87 -29.66 -38.07
CA ILE B 17 -4.55 -29.23 -38.50
C ILE B 17 -3.60 -30.41 -38.65
N GLY B 18 -2.46 -30.33 -37.95
CA GLY B 18 -1.49 -31.40 -38.00
C GLY B 18 -1.99 -32.63 -37.28
N GLN B 19 -1.17 -33.19 -36.40
CA GLN B 19 -1.56 -34.37 -35.65
C GLN B 19 -1.94 -35.48 -36.62
N ASP B 20 -1.44 -35.38 -37.85
CA ASP B 20 -1.73 -36.38 -38.87
C ASP B 20 -1.84 -37.78 -38.30
N ASN B 21 -0.72 -38.30 -37.82
CA ASN B 21 -0.70 -39.64 -37.24
C ASN B 21 -1.94 -39.81 -36.40
N ALA B 22 -2.15 -38.89 -35.46
CA ALA B 22 -3.31 -38.94 -34.60
C ALA B 22 -4.52 -39.18 -35.46
N LYS B 23 -4.75 -38.30 -36.42
CA LYS B 23 -5.88 -38.44 -37.32
C LYS B 23 -5.83 -39.84 -37.93
N ARG B 24 -4.64 -40.21 -38.40
CA ARG B 24 -4.47 -41.53 -38.99
C ARG B 24 -4.99 -42.58 -38.04
N SER B 25 -4.28 -42.75 -36.92
CA SER B 25 -4.65 -43.73 -35.90
C SER B 25 -6.14 -43.73 -35.57
N VAL B 26 -6.67 -42.57 -35.19
CA VAL B 26 -8.08 -42.49 -34.87
C VAL B 26 -8.90 -43.02 -36.05
N ALA B 27 -8.51 -42.61 -37.24
CA ALA B 27 -9.19 -43.06 -38.45
C ALA B 27 -9.21 -44.57 -38.47
N ILE B 28 -8.01 -45.16 -38.54
CA ILE B 28 -7.86 -46.60 -38.55
C ILE B 28 -8.92 -47.17 -37.63
N ALA B 29 -8.79 -46.87 -36.35
CA ALA B 29 -9.71 -47.33 -35.33
C ALA B 29 -11.13 -47.40 -35.89
N LEU B 30 -11.58 -46.29 -36.45
CA LEU B 30 -12.92 -46.23 -37.01
C LEU B 30 -13.09 -47.32 -38.05
N ARG B 31 -12.13 -47.42 -38.97
CA ARG B 31 -12.17 -48.42 -40.03
C ARG B 31 -12.36 -49.82 -39.49
N ASN B 32 -11.42 -50.26 -38.64
CA ASN B 32 -11.47 -51.60 -38.07
C ASN B 32 -12.90 -51.94 -37.67
N ARG B 33 -13.58 -51.00 -37.03
CA ARG B 33 -14.97 -51.22 -36.60
C ARG B 33 -15.72 -51.96 -37.69
N TRP B 34 -15.53 -51.51 -38.92
CA TRP B 34 -16.19 -52.13 -40.08
C TRP B 34 -15.66 -53.54 -40.28
N ARG B 35 -14.35 -53.65 -40.50
CA ARG B 35 -13.74 -54.96 -40.70
C ARG B 35 -14.25 -55.91 -39.63
N ARG B 36 -14.15 -55.51 -38.37
CA ARG B 36 -14.59 -56.33 -37.26
C ARG B 36 -15.92 -56.98 -37.59
N MET B 37 -17.00 -56.22 -37.50
CA MET B 37 -18.31 -56.75 -37.82
C MET B 37 -18.42 -56.96 -39.32
N GLN B 38 -17.77 -58.03 -39.80
CA GLN B 38 -17.76 -58.37 -41.21
C GLN B 38 -17.07 -59.71 -41.39
N LEU B 39 -17.00 -60.50 -40.32
CA LEU B 39 -16.36 -61.80 -40.35
C LEU B 39 -17.31 -62.93 -40.00
N ASN B 40 -16.83 -63.88 -39.20
CA ASN B 40 -17.61 -65.03 -38.78
C ASN B 40 -17.92 -64.95 -37.29
N GLU B 41 -19.06 -65.49 -36.89
CA GLU B 41 -19.48 -65.46 -35.49
C GLU B 41 -18.34 -65.58 -34.49
N GLU B 42 -17.48 -66.59 -34.68
CA GLU B 42 -16.35 -66.81 -33.79
C GLU B 42 -15.67 -65.51 -33.41
N LEU B 43 -14.96 -64.90 -34.36
CA LEU B 43 -14.27 -63.64 -34.10
C LEU B 43 -15.21 -62.45 -34.18
N ARG B 44 -16.26 -62.58 -35.01
CA ARG B 44 -17.25 -61.52 -35.18
C ARG B 44 -17.39 -60.75 -33.88
N HIS B 45 -17.67 -61.50 -32.81
CA HIS B 45 -17.81 -60.92 -31.49
C HIS B 45 -16.71 -61.49 -30.62
N GLU B 46 -15.47 -61.33 -31.09
CA GLU B 46 -14.29 -61.83 -30.38
C GLU B 46 -13.09 -60.94 -30.64
N VAL B 47 -13.31 -59.84 -31.34
CA VAL B 47 -12.22 -58.91 -31.62
C VAL B 47 -12.45 -57.66 -30.79
N THR B 48 -11.53 -57.41 -29.87
CA THR B 48 -11.61 -56.26 -28.99
C THR B 48 -11.30 -54.94 -29.69
N PRO B 49 -12.27 -54.01 -29.71
CA PRO B 49 -12.04 -52.73 -30.37
C PRO B 49 -10.76 -52.10 -29.82
N LYS B 50 -9.74 -52.01 -30.66
CA LYS B 50 -8.46 -51.43 -30.28
C LYS B 50 -8.63 -50.00 -29.79
N ASN B 51 -8.18 -49.73 -28.57
CA ASN B 51 -8.32 -48.41 -27.98
C ASN B 51 -7.07 -47.55 -28.06
N ILE B 52 -7.27 -46.31 -28.50
CA ILE B 52 -6.18 -45.36 -28.66
C ILE B 52 -5.84 -44.59 -27.39
N LEU B 53 -4.55 -44.39 -27.18
CA LEU B 53 -4.07 -43.62 -26.05
C LEU B 53 -3.31 -42.43 -26.61
N MET B 54 -4.00 -41.30 -26.73
CA MET B 54 -3.37 -40.10 -27.26
C MET B 54 -2.37 -39.55 -26.26
N ILE B 55 -1.13 -39.37 -26.71
CA ILE B 55 -0.08 -38.86 -25.87
C ILE B 55 0.41 -37.51 -26.37
N GLY B 56 -0.24 -36.44 -25.90
CA GLY B 56 0.13 -35.11 -26.32
C GLY B 56 -0.29 -34.02 -25.35
N PRO B 57 0.23 -32.80 -25.50
CA PRO B 57 -0.08 -31.66 -24.64
C PRO B 57 -1.27 -30.74 -24.98
N THR B 58 -1.84 -30.18 -23.91
CA THR B 58 -2.96 -29.23 -23.91
C THR B 58 -4.18 -29.41 -24.84
N GLY B 59 -4.76 -30.61 -24.83
CA GLY B 59 -5.94 -30.89 -25.64
C GLY B 59 -5.95 -30.14 -26.96
N VAL B 60 -4.75 -29.87 -27.47
CA VAL B 60 -4.54 -29.14 -28.71
C VAL B 60 -4.88 -29.97 -29.95
N GLY B 61 -6.18 -30.20 -30.12
CA GLY B 61 -6.65 -30.96 -31.26
C GLY B 61 -7.21 -32.30 -30.80
N LYS B 62 -6.38 -33.04 -30.06
CA LYS B 62 -6.77 -34.35 -29.53
C LYS B 62 -8.23 -34.34 -29.13
N THR B 63 -8.57 -33.41 -28.25
CA THR B 63 -9.94 -33.26 -27.80
C THR B 63 -10.81 -33.20 -29.06
N GLU B 64 -10.55 -32.21 -29.90
CA GLU B 64 -11.30 -32.01 -31.13
C GLU B 64 -11.31 -33.26 -32.00
N ILE B 65 -10.12 -33.71 -32.41
CA ILE B 65 -10.01 -34.89 -33.25
C ILE B 65 -11.06 -35.92 -32.86
N ALA B 66 -10.99 -36.33 -31.59
CA ALA B 66 -11.93 -37.31 -31.06
C ALA B 66 -13.35 -36.82 -31.31
N ARG B 67 -13.61 -35.59 -30.90
CA ARG B 67 -14.93 -35.00 -31.08
C ARG B 67 -15.34 -35.18 -32.55
N ARG B 68 -14.68 -34.43 -33.43
CA ARG B 68 -14.95 -34.49 -34.86
C ARG B 68 -15.17 -35.90 -35.37
N LEU B 69 -14.16 -36.74 -35.20
CA LEU B 69 -14.22 -38.12 -35.65
C LEU B 69 -15.57 -38.76 -35.32
N ALA B 70 -15.82 -38.97 -34.03
CA ALA B 70 -17.07 -39.58 -33.59
C ALA B 70 -18.27 -38.91 -34.25
N LYS B 71 -18.16 -37.61 -34.46
CA LYS B 71 -19.25 -36.87 -35.08
C LYS B 71 -19.47 -37.38 -36.50
N LEU B 72 -18.50 -37.15 -37.37
CA LEU B 72 -18.60 -37.60 -38.76
C LEU B 72 -18.84 -39.11 -38.81
N ALA B 73 -18.26 -39.83 -37.87
CA ALA B 73 -18.42 -41.26 -37.81
C ALA B 73 -19.81 -41.58 -37.29
N ASN B 74 -20.54 -40.54 -36.90
CA ASN B 74 -21.88 -40.68 -36.36
C ASN B 74 -21.92 -41.71 -35.23
N ALA B 75 -21.70 -41.24 -34.00
CA ALA B 75 -21.72 -42.12 -32.85
C ALA B 75 -21.70 -41.35 -31.54
N PRO B 76 -22.17 -41.98 -30.45
CA PRO B 76 -22.24 -41.38 -29.11
C PRO B 76 -20.88 -41.09 -28.50
N PHE B 77 -20.56 -39.80 -28.38
CA PHE B 77 -19.29 -39.40 -27.81
C PHE B 77 -19.48 -38.88 -26.40
N ILE B 78 -18.38 -38.70 -25.69
CA ILE B 78 -18.44 -38.21 -24.32
C ILE B 78 -17.06 -37.91 -23.77
N LYS B 79 -16.85 -36.65 -23.39
CA LYS B 79 -15.59 -36.22 -22.82
C LYS B 79 -15.66 -36.47 -21.32
N VAL B 80 -14.67 -37.18 -20.80
CA VAL B 80 -14.63 -37.46 -19.37
C VAL B 80 -13.23 -37.23 -18.84
N GLU B 81 -13.10 -36.39 -17.82
CA GLU B 81 -11.80 -36.12 -17.24
C GLU B 81 -11.43 -37.20 -16.25
N ALA B 82 -10.26 -37.79 -16.45
CA ALA B 82 -9.78 -38.86 -15.58
C ALA B 82 -9.96 -38.51 -14.11
N THR B 83 -9.16 -37.55 -13.65
CA THR B 83 -9.18 -37.10 -12.26
C THR B 83 -10.56 -36.92 -11.66
N LYS B 84 -11.53 -36.56 -12.49
CA LYS B 84 -12.89 -36.34 -12.03
C LYS B 84 -13.45 -37.52 -11.22
N PHE B 85 -12.63 -38.53 -10.95
CA PHE B 85 -13.10 -39.69 -10.20
C PHE B 85 -12.29 -39.93 -8.94
N THR B 86 -11.32 -39.05 -8.70
CA THR B 86 -10.47 -39.15 -7.53
C THR B 86 -11.06 -38.36 -6.37
N GLU B 87 -11.03 -38.95 -5.18
CA GLU B 87 -11.56 -38.34 -3.95
C GLU B 87 -13.06 -38.57 -3.76
N VAL B 88 -13.50 -38.50 -2.51
CA VAL B 88 -14.89 -38.72 -2.13
C VAL B 88 -15.92 -37.93 -2.96
N GLY B 89 -17.19 -38.14 -2.64
CA GLY B 89 -18.26 -37.46 -3.35
C GLY B 89 -18.86 -38.41 -4.38
N TYR B 90 -18.07 -38.69 -5.43
CA TYR B 90 -18.50 -39.61 -6.50
C TYR B 90 -17.30 -40.44 -6.93
N VAL B 91 -17.27 -41.69 -6.48
CA VAL B 91 -16.16 -42.58 -6.79
C VAL B 91 -16.56 -43.74 -7.71
N GLY B 92 -16.69 -44.93 -7.12
CA GLY B 92 -17.05 -46.13 -7.84
C GLY B 92 -18.32 -46.02 -8.66
N LYS B 93 -19.37 -45.47 -8.05
CA LYS B 93 -20.63 -45.30 -8.76
C LYS B 93 -20.52 -44.18 -9.78
N GLU B 94 -19.46 -43.38 -9.66
CA GLU B 94 -19.22 -42.27 -10.57
C GLU B 94 -18.38 -42.71 -11.76
N VAL B 95 -17.55 -43.73 -11.58
CA VAL B 95 -16.71 -44.23 -12.68
C VAL B 95 -17.63 -44.89 -13.69
N ASP B 96 -18.65 -45.56 -13.18
CA ASP B 96 -19.61 -46.26 -14.02
C ASP B 96 -20.51 -45.25 -14.71
N SER B 97 -20.50 -44.02 -14.20
CA SER B 97 -21.32 -42.98 -14.78
C SER B 97 -20.94 -42.86 -16.24
N ILE B 98 -19.64 -42.64 -16.48
CA ILE B 98 -19.09 -42.49 -17.83
C ILE B 98 -20.05 -43.07 -18.84
N ILE B 99 -20.27 -44.37 -18.74
CA ILE B 99 -21.17 -45.05 -19.63
C ILE B 99 -22.51 -44.34 -19.50
N ARG B 100 -23.16 -44.56 -18.37
CA ARG B 100 -24.44 -43.95 -18.09
C ARG B 100 -24.53 -42.60 -18.80
N ASP B 101 -23.67 -41.69 -18.42
CA ASP B 101 -23.66 -40.35 -19.03
C ASP B 101 -23.82 -40.50 -20.53
N LEU B 102 -22.83 -41.11 -21.15
CA LEU B 102 -22.83 -41.31 -22.59
C LEU B 102 -24.14 -41.91 -23.05
N THR B 103 -24.51 -43.04 -22.47
CA THR B 103 -25.75 -43.72 -22.82
C THR B 103 -26.89 -42.73 -22.96
N ASP B 104 -26.96 -41.78 -22.03
CA ASP B 104 -28.01 -40.76 -22.06
C ASP B 104 -27.69 -39.82 -23.21
N ALA B 105 -26.44 -39.36 -23.25
CA ALA B 105 -26.02 -38.46 -24.32
C ALA B 105 -26.25 -39.16 -25.64
N ALA B 106 -26.57 -40.46 -25.56
CA ALA B 106 -26.83 -41.26 -26.74
C ALA B 106 -28.32 -41.28 -27.01
N VAL B 107 -29.10 -41.68 -26.01
CA VAL B 107 -30.54 -41.74 -26.15
C VAL B 107 -31.07 -40.42 -26.67
N LYS B 108 -30.37 -39.34 -26.38
CA LYS B 108 -30.77 -38.02 -26.85
C LYS B 108 -30.40 -37.93 -28.32
N MET B 109 -29.26 -38.52 -28.67
CA MET B 109 -28.79 -38.54 -30.04
C MET B 109 -29.79 -39.30 -30.90
N VAL B 110 -30.03 -40.55 -30.53
CA VAL B 110 -30.96 -41.39 -31.27
C VAL B 110 -32.34 -40.78 -31.42
N ARG B 111 -32.62 -39.73 -30.64
CA ARG B 111 -33.91 -39.06 -30.71
C ARG B 111 -33.90 -37.94 -31.74
N VAL B 112 -32.86 -37.10 -31.68
CA VAL B 112 -32.73 -35.98 -32.60
C VAL B 112 -32.71 -36.41 -34.06
N GLN B 113 -32.68 -37.73 -34.28
CA GLN B 113 -32.66 -38.28 -35.62
C GLN B 113 -33.89 -39.14 -35.86
N ALA B 114 -34.31 -39.88 -34.83
CA ALA B 114 -35.48 -40.74 -34.93
C ALA B 114 -36.68 -39.89 -35.30
N ILE B 115 -36.53 -38.58 -35.13
CA ILE B 115 -37.60 -37.63 -35.46
C ILE B 115 -37.35 -37.00 -36.82
N GLU B 116 -36.09 -36.91 -37.22
CA GLU B 116 -35.73 -36.32 -38.51
C GLU B 116 -36.23 -37.20 -39.65
N LYS B 117 -36.38 -38.49 -39.37
CA LYS B 117 -36.86 -39.44 -40.36
C LYS B 117 -38.38 -39.38 -40.44
N ASN B 118 -39.02 -39.29 -39.29
CA ASN B 118 -40.48 -39.21 -39.21
C ASN B 118 -40.92 -37.76 -39.34
N ARG B 119 -40.05 -36.93 -39.90
CA ARG B 119 -40.32 -35.51 -40.11
C ARG B 119 -41.22 -35.33 -41.33
N TYR B 120 -41.91 -36.40 -41.71
CA TYR B 120 -42.80 -36.38 -42.87
C TYR B 120 -44.26 -36.52 -42.43
N ARG B 121 -44.56 -37.58 -41.69
CA ARG B 121 -45.92 -37.83 -41.21
C ARG B 121 -46.40 -36.72 -40.29
N ALA B 122 -45.50 -35.82 -39.93
CA ALA B 122 -45.82 -34.71 -39.06
C ALA B 122 -46.51 -33.60 -39.85
N GLU B 123 -45.72 -32.89 -40.67
CA GLU B 123 -46.24 -31.80 -41.49
C GLU B 123 -47.25 -32.28 -42.53
N GLU B 124 -47.18 -33.56 -42.89
CA GLU B 124 -48.09 -34.14 -43.86
C GLU B 124 -49.45 -34.43 -43.24
N LEU B 125 -49.42 -35.00 -42.03
CA LEU B 125 -50.65 -35.32 -41.33
C LEU B 125 -51.11 -34.12 -40.51
N ALA B 126 -50.25 -33.11 -40.45
CA ALA B 126 -50.55 -31.88 -39.73
C ALA B 126 -51.41 -30.99 -40.62
N GLU B 127 -51.13 -31.08 -41.92
CA GLU B 127 -51.85 -30.30 -42.92
C GLU B 127 -53.14 -31.02 -43.31
N GLU B 128 -53.05 -32.33 -43.51
CA GLU B 128 -54.21 -33.11 -43.89
C GLU B 128 -55.27 -33.15 -42.80
N ARG B 129 -54.85 -33.01 -41.55
CA ARG B 129 -55.80 -33.02 -40.44
C ARG B 129 -56.59 -31.71 -40.48
N ILE B 130 -55.88 -30.63 -40.79
CA ILE B 130 -56.49 -29.31 -40.89
C ILE B 130 -56.85 -29.05 -42.35
N LEU B 131 -56.78 -30.10 -43.16
CA LEU B 131 -57.11 -30.02 -44.57
C LEU B 131 -58.58 -30.42 -44.71
N ASP B 132 -59.09 -31.05 -43.66
CA ASP B 132 -60.48 -31.50 -43.63
C ASP B 132 -61.38 -30.37 -43.16
N VAL B 133 -61.18 -29.19 -43.74
CA VAL B 133 -61.97 -28.01 -43.38
C VAL B 133 -62.21 -27.10 -44.58
N LEU B 134 -63.32 -26.35 -44.49
CA LEU B 134 -63.77 -25.40 -45.51
C LEU B 134 -65.06 -25.86 -46.16
N ILE B 135 -64.94 -26.74 -47.16
CA ILE B 135 -66.11 -27.25 -47.86
C ILE B 135 -66.00 -28.76 -48.07
N PRO B 136 -66.79 -29.54 -47.31
CA PRO B 136 -66.77 -31.00 -47.43
C PRO B 136 -67.40 -31.52 -48.71
N PRO B 137 -66.93 -32.67 -49.22
CA PRO B 137 -67.48 -33.25 -50.44
C PRO B 137 -68.79 -34.01 -50.20
N ALA B 138 -68.67 -35.18 -49.59
CA ALA B 138 -69.84 -36.01 -49.30
C ALA B 138 -69.61 -36.81 -48.03
N LYS B 139 -70.46 -37.82 -47.81
CA LYS B 139 -70.36 -38.67 -46.64
C LYS B 139 -70.56 -40.14 -47.01
N ASN B 140 -70.07 -40.53 -48.18
CA ASN B 140 -70.21 -41.90 -48.64
C ASN B 140 -68.85 -42.48 -49.02
N ASN B 141 -68.21 -43.13 -48.06
CA ASN B 141 -66.90 -43.73 -48.28
C ASN B 141 -66.86 -45.15 -47.74
N TRP B 142 -65.77 -45.86 -48.04
CA TRP B 142 -65.60 -47.24 -47.59
C TRP B 142 -66.76 -48.12 -48.05
N GLY B 143 -67.45 -47.69 -49.09
CA GLY B 143 -68.56 -48.46 -49.61
C GLY B 143 -68.12 -49.46 -50.65
N GLN B 144 -67.01 -49.16 -51.33
CA GLN B 144 -66.49 -50.05 -52.35
C GLN B 144 -65.14 -50.63 -51.95
N THR B 145 -64.82 -51.80 -52.47
CA THR B 145 -63.57 -52.48 -52.16
C THR B 145 -62.56 -52.27 -53.29
N GLU B 146 -63.04 -51.82 -54.43
CA GLU B 146 -62.19 -51.60 -55.59
C GLU B 146 -62.38 -50.21 -56.21
N GLN B 147 -63.43 -49.51 -55.78
CA GLN B 147 -63.70 -48.18 -56.32
C GLN B 147 -63.73 -47.08 -55.26
N GLN B 148 -62.61 -46.39 -55.11
CA GLN B 148 -62.47 -45.31 -54.14
C GLN B 148 -61.42 -44.33 -54.67
N GLN B 149 -61.84 -43.44 -55.56
CA GLN B 149 -60.93 -42.48 -56.17
C GLN B 149 -61.63 -41.24 -56.70
N GLU B 150 -62.87 -41.01 -56.25
CA GLU B 150 -63.62 -39.85 -56.72
C GLU B 150 -64.48 -39.17 -55.65
N PRO B 151 -65.26 -39.95 -54.89
CA PRO B 151 -66.11 -39.36 -53.84
C PRO B 151 -65.35 -38.43 -52.90
N SER B 152 -64.47 -39.01 -52.08
CA SER B 152 -63.68 -38.23 -51.14
C SER B 152 -62.77 -37.26 -51.88
N ALA B 153 -63.20 -36.00 -51.97
CA ALA B 153 -62.41 -34.98 -52.65
C ALA B 153 -62.57 -33.58 -52.05
N ALA B 154 -62.19 -33.45 -50.77
CA ALA B 154 -62.27 -32.16 -50.07
C ALA B 154 -60.92 -31.45 -50.17
N ARG B 155 -59.88 -32.20 -50.53
CA ARG B 155 -58.53 -31.68 -50.65
C ARG B 155 -57.90 -31.96 -52.02
N GLN B 156 -58.67 -32.58 -52.91
CA GLN B 156 -58.18 -32.90 -54.25
C GLN B 156 -57.93 -31.63 -55.06
N ALA B 157 -58.05 -30.48 -54.37
CA ALA B 157 -57.85 -29.17 -54.99
C ALA B 157 -57.82 -28.09 -53.90
N PHE B 158 -57.76 -28.52 -52.65
CA PHE B 158 -57.73 -27.60 -51.51
C PHE B 158 -56.44 -27.73 -50.70
N ARG B 159 -55.58 -28.68 -51.10
CA ARG B 159 -54.31 -28.90 -50.41
C ARG B 159 -53.34 -27.75 -50.64
N LYS B 160 -53.56 -27.02 -51.74
CA LYS B 160 -52.71 -25.88 -52.10
C LYS B 160 -53.15 -24.62 -51.34
N LYS B 161 -54.39 -24.61 -50.89
CA LYS B 161 -54.93 -23.47 -50.15
C LYS B 161 -54.76 -23.71 -48.64
N LEU B 162 -53.77 -24.54 -48.30
CA LEU B 162 -53.45 -24.87 -46.92
C LEU B 162 -51.93 -24.87 -46.78
N ARG B 163 -51.27 -24.71 -47.92
CA ARG B 163 -49.81 -24.66 -47.97
C ARG B 163 -49.38 -23.23 -47.64
N GLU B 164 -49.71 -22.30 -48.55
CA GLU B 164 -49.39 -20.89 -48.38
C GLU B 164 -50.62 -20.16 -47.82
N GLY B 165 -51.80 -20.65 -48.17
CA GLY B 165 -53.04 -20.04 -47.71
C GLY B 165 -53.74 -20.77 -46.59
N GLN B 166 -52.96 -21.22 -45.61
CA GLN B 166 -53.48 -21.95 -44.44
C GLN B 166 -54.30 -21.00 -43.58
N LEU B 167 -53.62 -20.12 -42.86
CA LEU B 167 -54.30 -19.16 -41.99
C LEU B 167 -55.42 -19.77 -41.14
N ASP B 168 -56.61 -19.18 -41.22
CA ASP B 168 -57.78 -19.67 -40.49
C ASP B 168 -57.58 -19.73 -38.97
N ASP B 169 -58.58 -20.28 -38.29
CA ASP B 169 -58.55 -20.41 -36.83
C ASP B 169 -59.65 -21.39 -36.39
N LYS B 170 -60.19 -22.11 -37.37
CA LYS B 170 -61.26 -23.08 -37.15
C LYS B 170 -60.92 -24.11 -36.08
N GLU B 171 -61.72 -25.18 -36.02
CA GLU B 171 -61.52 -26.25 -35.05
C GLU B 171 -61.71 -27.62 -35.69
N ILE B 172 -62.94 -27.89 -36.12
CA ILE B 172 -63.27 -29.15 -36.76
C ILE B 172 -64.07 -28.95 -38.03
N GLU B 173 -64.78 -30.00 -38.45
CA GLU B 173 -65.60 -29.94 -39.66
C GLU B 173 -67.01 -29.45 -39.32
N LYS B 209 -60.95 -26.47 -15.63
CA LYS B 209 -60.93 -25.85 -16.97
C LYS B 209 -59.58 -25.20 -17.26
N GLN B 210 -59.09 -25.37 -18.48
CA GLN B 210 -57.81 -24.80 -18.87
C GLN B 210 -57.79 -24.50 -20.37
N LYS B 211 -57.51 -23.25 -20.71
CA LYS B 211 -57.45 -22.83 -22.11
C LYS B 211 -56.73 -21.49 -22.27
N ALA B 212 -55.72 -21.47 -23.13
CA ALA B 212 -54.95 -20.27 -23.39
C ALA B 212 -54.27 -20.33 -24.75
N ARG B 213 -54.70 -21.29 -25.57
CA ARG B 213 -54.13 -21.47 -26.91
C ARG B 213 -55.24 -21.64 -27.94
N LYS B 214 -55.16 -20.86 -29.01
CA LYS B 214 -56.15 -20.92 -30.07
C LYS B 214 -55.63 -21.76 -31.24
N LEU B 215 -56.51 -22.58 -31.80
CA LEU B 215 -56.14 -23.44 -32.93
C LEU B 215 -56.42 -22.73 -34.25
N LYS B 216 -55.40 -22.64 -35.10
CA LYS B 216 -55.52 -21.98 -36.38
C LYS B 216 -54.63 -22.64 -37.43
N ILE B 217 -55.21 -22.99 -38.58
CA ILE B 217 -54.48 -23.63 -39.67
C ILE B 217 -53.09 -23.03 -39.89
N LYS B 218 -52.94 -21.75 -39.58
CA LYS B 218 -51.65 -21.06 -39.75
C LYS B 218 -50.66 -21.58 -38.73
N ASP B 219 -51.14 -21.80 -37.51
CA ASP B 219 -50.32 -22.30 -36.42
C ASP B 219 -50.54 -23.80 -36.28
N ALA B 220 -51.65 -24.29 -36.84
CA ALA B 220 -51.99 -25.70 -36.81
C ALA B 220 -51.07 -26.45 -37.75
N MET B 221 -50.77 -25.83 -38.88
CA MET B 221 -49.87 -26.44 -39.87
C MET B 221 -48.51 -26.69 -39.22
N LYS B 222 -48.23 -25.92 -38.15
CA LYS B 222 -46.97 -26.05 -37.42
C LYS B 222 -47.15 -26.77 -36.10
N LEU B 223 -48.34 -26.63 -35.50
CA LEU B 223 -48.63 -27.27 -34.22
C LEU B 223 -49.16 -28.69 -34.38
N LEU B 224 -49.85 -28.95 -35.49
CA LEU B 224 -50.39 -30.28 -35.75
C LEU B 224 -49.22 -31.24 -35.98
N ILE B 225 -48.02 -30.66 -36.03
CA ILE B 225 -46.80 -31.43 -36.25
C ILE B 225 -46.34 -32.03 -34.92
N GLU B 226 -46.38 -31.23 -33.86
CA GLU B 226 -45.98 -31.68 -32.54
C GLU B 226 -46.85 -32.86 -32.12
N GLU B 227 -48.05 -32.90 -32.65
CA GLU B 227 -49.01 -33.95 -32.34
C GLU B 227 -48.66 -35.25 -33.08
N GLU B 228 -48.55 -35.17 -34.40
CA GLU B 228 -48.21 -36.34 -35.20
C GLU B 228 -46.76 -36.77 -34.98
N ALA B 229 -45.90 -35.80 -34.65
CA ALA B 229 -44.50 -36.10 -34.39
C ALA B 229 -44.35 -36.85 -33.08
N ALA B 230 -45.46 -36.97 -32.36
CA ALA B 230 -45.46 -37.67 -31.08
C ALA B 230 -46.21 -39.00 -31.21
N LYS B 231 -46.57 -39.34 -32.44
CA LYS B 231 -47.28 -40.60 -32.71
C LYS B 231 -46.33 -41.64 -33.29
N LEU B 232 -45.23 -41.16 -33.87
CA LEU B 232 -44.24 -42.04 -34.47
C LEU B 232 -43.01 -42.20 -33.56
N VAL B 233 -43.18 -41.89 -32.29
CA VAL B 233 -42.10 -42.00 -31.32
C VAL B 233 -42.33 -43.16 -30.35
N ASN B 234 -41.62 -44.25 -30.58
CA ASN B 234 -41.74 -45.44 -29.74
C ASN B 234 -40.52 -45.52 -28.83
N PRO B 235 -40.70 -45.17 -27.54
CA PRO B 235 -39.62 -45.19 -26.55
C PRO B 235 -38.69 -46.40 -26.68
N GLU B 236 -39.24 -47.51 -27.16
CA GLU B 236 -38.46 -48.74 -27.33
C GLU B 236 -37.61 -48.67 -28.59
N GLU B 237 -38.25 -48.36 -29.72
CA GLU B 237 -37.53 -48.26 -30.99
C GLU B 237 -36.41 -47.24 -30.86
N LEU B 238 -36.45 -46.47 -29.77
CA LEU B 238 -35.44 -45.45 -29.50
C LEU B 238 -34.46 -46.02 -28.47
N LYS B 239 -35.01 -46.54 -27.38
CA LYS B 239 -34.20 -47.14 -26.33
C LYS B 239 -33.35 -48.24 -26.94
N GLN B 240 -34.01 -49.32 -27.33
CA GLN B 240 -33.31 -50.46 -27.94
C GLN B 240 -32.40 -50.01 -29.07
N ASP B 241 -32.76 -48.92 -29.74
CA ASP B 241 -31.94 -48.43 -30.84
C ASP B 241 -30.67 -47.78 -30.33
N ALA B 242 -30.83 -46.88 -29.36
CA ALA B 242 -29.68 -46.19 -28.79
C ALA B 242 -28.74 -47.20 -28.12
N ILE B 243 -29.27 -47.95 -27.16
CA ILE B 243 -28.48 -48.94 -26.44
C ILE B 243 -27.49 -49.66 -27.36
N ASP B 244 -27.96 -50.03 -28.54
CA ASP B 244 -27.11 -50.71 -29.51
C ASP B 244 -26.11 -49.69 -30.05
N ALA B 245 -26.64 -48.62 -30.61
CA ALA B 245 -25.82 -47.56 -31.17
C ALA B 245 -24.97 -46.94 -30.08
N VAL B 246 -24.66 -47.71 -29.06
CA VAL B 246 -23.85 -47.24 -27.96
C VAL B 246 -22.92 -48.36 -27.53
N GLU B 247 -23.51 -49.44 -27.01
CA GLU B 247 -22.70 -50.57 -26.57
C GLU B 247 -22.03 -51.21 -27.78
N GLN B 248 -22.33 -50.66 -28.95
CA GLN B 248 -21.76 -51.16 -30.20
C GLN B 248 -20.92 -50.10 -30.92
N HIS B 249 -21.26 -48.83 -30.74
CA HIS B 249 -20.51 -47.74 -31.37
C HIS B 249 -20.15 -46.64 -30.38
N GLY B 250 -19.60 -47.05 -29.24
CA GLY B 250 -19.23 -46.09 -28.21
C GLY B 250 -17.81 -45.56 -28.32
N ILE B 251 -17.68 -44.25 -28.10
CA ILE B 251 -16.38 -43.59 -28.14
C ILE B 251 -16.22 -42.73 -26.91
N VAL B 252 -15.35 -43.16 -26.01
CA VAL B 252 -15.09 -42.44 -24.78
C VAL B 252 -13.73 -41.79 -24.86
N PHE B 253 -13.64 -40.55 -24.40
CA PHE B 253 -12.37 -39.87 -24.42
C PHE B 253 -11.94 -39.58 -23.00
N ILE B 254 -10.94 -40.32 -22.53
CA ILE B 254 -10.47 -40.12 -21.18
C ILE B 254 -9.30 -39.16 -21.19
N ASP B 255 -9.53 -37.97 -20.64
CA ASP B 255 -8.51 -36.93 -20.59
C ASP B 255 -7.69 -37.00 -19.31
N GLU B 256 -6.43 -36.59 -19.40
CA GLU B 256 -5.53 -36.58 -18.27
C GLU B 256 -5.33 -37.95 -17.65
N ILE B 257 -5.54 -39.01 -18.43
CA ILE B 257 -5.36 -40.35 -17.91
C ILE B 257 -4.01 -40.39 -17.19
N ASP B 258 -3.03 -39.73 -17.78
CA ASP B 258 -1.69 -39.69 -17.22
C ASP B 258 -1.70 -39.29 -15.74
N LYS B 259 -2.61 -38.39 -15.38
CA LYS B 259 -2.71 -37.95 -13.99
C LYS B 259 -2.82 -39.16 -13.09
N ILE B 260 -3.87 -39.94 -13.29
CA ILE B 260 -4.15 -41.15 -12.50
C ILE B 260 -2.95 -42.08 -12.26
N CYS B 261 -1.93 -42.00 -13.12
CA CYS B 261 -0.77 -42.88 -13.01
C CYS B 261 -0.11 -42.99 -11.64
N LYS B 262 0.85 -42.11 -11.32
CA LYS B 262 1.53 -42.14 -10.02
C LYS B 262 2.48 -40.96 -9.75
N ARG B 263 3.31 -41.06 -8.70
CA ARG B 263 4.22 -39.96 -8.33
C ARG B 263 5.65 -40.28 -7.92
N GLY B 264 5.77 -40.93 -6.77
CA GLY B 264 7.09 -41.27 -6.25
C GLY B 264 7.10 -42.53 -5.40
N GLU B 265 7.15 -42.34 -4.09
CA GLU B 265 7.19 -43.48 -3.18
C GLU B 265 6.12 -43.38 -2.10
N SER B 266 5.93 -42.17 -1.57
CA SER B 266 4.93 -41.94 -0.52
C SER B 266 3.65 -41.42 -1.13
N SER B 267 3.05 -42.23 -2.02
CA SER B 267 1.81 -41.87 -2.69
C SER B 267 0.62 -41.78 -1.73
N GLY B 268 -0.11 -40.68 -1.81
CA GLY B 268 -1.27 -40.49 -0.94
C GLY B 268 -2.61 -40.69 -1.63
N PRO B 269 -3.17 -39.64 -2.28
CA PRO B 269 -4.47 -39.77 -2.97
C PRO B 269 -4.36 -40.65 -4.21
N ASP B 270 -3.15 -41.14 -4.46
CA ASP B 270 -2.87 -42.00 -5.62
C ASP B 270 -3.31 -43.43 -5.37
N VAL B 271 -3.26 -43.87 -4.13
CA VAL B 271 -3.69 -45.22 -3.79
C VAL B 271 -5.20 -45.24 -4.09
N SER B 272 -5.75 -44.04 -4.23
CA SER B 272 -7.16 -43.84 -4.55
C SER B 272 -7.26 -43.48 -6.03
N ARG B 273 -6.13 -43.05 -6.59
CA ARG B 273 -6.04 -42.68 -7.99
C ARG B 273 -6.07 -43.96 -8.80
N GLU B 274 -5.07 -44.80 -8.60
CA GLU B 274 -4.98 -46.08 -9.30
C GLU B 274 -6.36 -46.71 -9.31
N GLY B 275 -7.05 -46.60 -8.19
CA GLY B 275 -8.39 -47.14 -8.09
C GLY B 275 -9.19 -46.70 -9.29
N VAL B 276 -9.19 -45.40 -9.56
CA VAL B 276 -9.90 -44.85 -10.70
C VAL B 276 -9.57 -45.74 -11.90
N GLN B 277 -8.27 -45.91 -12.14
CA GLN B 277 -7.82 -46.75 -13.25
C GLN B 277 -8.56 -48.07 -13.15
N ARG B 278 -8.32 -48.80 -12.07
CA ARG B 278 -8.98 -50.08 -11.83
C ARG B 278 -10.46 -49.97 -12.14
N ASP B 279 -11.12 -49.06 -11.44
CA ASP B 279 -12.55 -48.84 -11.61
C ASP B 279 -12.91 -48.71 -13.08
N LEU B 280 -11.94 -48.31 -13.89
CA LEU B 280 -12.15 -48.15 -15.32
C LEU B 280 -12.10 -49.49 -16.03
N LEU B 281 -11.04 -50.26 -15.76
CA LEU B 281 -10.85 -51.57 -16.38
C LEU B 281 -12.17 -52.18 -16.84
N PRO B 282 -13.07 -52.49 -15.90
CA PRO B 282 -14.36 -53.07 -16.30
C PRO B 282 -14.90 -52.49 -17.60
N LEU B 283 -15.23 -51.20 -17.60
CA LEU B 283 -15.76 -50.61 -18.82
C LEU B 283 -14.77 -50.88 -19.94
N VAL B 284 -13.49 -50.61 -19.67
CA VAL B 284 -12.45 -50.84 -20.65
C VAL B 284 -12.44 -52.30 -21.06
N GLU B 285 -11.92 -53.15 -20.18
CA GLU B 285 -11.83 -54.58 -20.43
C GLU B 285 -13.14 -55.15 -20.96
N GLY B 286 -14.18 -54.33 -20.93
CA GLY B 286 -15.47 -54.78 -21.43
C GLY B 286 -16.28 -55.43 -20.33
N CYS B 287 -17.48 -54.88 -20.09
CA CYS B 287 -18.37 -55.39 -19.06
C CYS B 287 -19.77 -54.81 -19.26
N THR B 288 -20.66 -55.11 -18.33
CA THR B 288 -22.02 -54.61 -18.42
C THR B 288 -22.34 -53.75 -17.21
N VAL B 289 -22.93 -52.59 -17.45
CA VAL B 289 -23.29 -51.68 -16.37
C VAL B 289 -24.75 -51.29 -16.46
N SER B 290 -25.38 -51.07 -15.31
CA SER B 290 -26.79 -50.68 -15.26
C SER B 290 -26.98 -49.23 -15.66
N THR B 291 -27.88 -48.99 -16.61
CA THR B 291 -28.16 -47.64 -17.09
C THR B 291 -29.57 -47.21 -16.72
N LYS B 292 -29.97 -46.06 -17.25
CA LYS B 292 -31.30 -45.52 -17.01
C LYS B 292 -32.28 -46.18 -17.96
N HIS B 293 -31.80 -46.54 -19.14
CA HIS B 293 -32.63 -47.19 -20.15
C HIS B 293 -32.30 -48.67 -20.28
N GLY B 294 -31.78 -49.25 -19.21
CA GLY B 294 -31.44 -50.66 -19.23
C GLY B 294 -29.99 -50.91 -18.86
N MET B 295 -29.41 -51.95 -19.46
CA MET B 295 -28.02 -52.32 -19.21
C MET B 295 -27.21 -52.19 -20.50
N VAL B 296 -25.89 -52.10 -20.38
CA VAL B 296 -25.04 -51.95 -21.56
C VAL B 296 -23.80 -52.82 -21.48
N LYS B 297 -23.06 -52.86 -22.59
CA LYS B 297 -21.84 -53.65 -22.68
C LYS B 297 -20.65 -52.80 -23.15
N THR B 298 -19.78 -52.47 -22.22
CA THR B 298 -18.60 -51.65 -22.49
C THR B 298 -17.46 -52.39 -23.20
N ASP B 299 -17.75 -53.54 -23.79
CA ASP B 299 -16.72 -54.29 -24.48
C ASP B 299 -16.48 -53.73 -25.86
N HIS B 300 -17.53 -53.72 -26.68
CA HIS B 300 -17.43 -53.22 -28.06
C HIS B 300 -17.25 -51.71 -28.12
N ILE B 301 -17.09 -51.09 -26.96
CA ILE B 301 -16.90 -49.65 -26.88
C ILE B 301 -15.47 -49.29 -27.23
N LEU B 302 -15.28 -48.07 -27.72
CA LEU B 302 -13.97 -47.57 -28.06
C LEU B 302 -13.63 -46.43 -27.12
N PHE B 303 -12.44 -46.49 -26.54
CA PHE B 303 -12.00 -45.46 -25.62
C PHE B 303 -10.76 -44.80 -26.18
N ILE B 304 -10.52 -43.56 -25.76
CA ILE B 304 -9.34 -42.85 -26.22
C ILE B 304 -8.70 -42.12 -25.06
N ALA B 305 -7.69 -42.75 -24.47
CA ALA B 305 -6.98 -42.13 -23.37
C ALA B 305 -6.33 -40.89 -23.95
N SER B 306 -5.85 -40.01 -23.08
CA SER B 306 -5.21 -38.80 -23.55
C SER B 306 -4.34 -38.19 -22.47
N GLY B 307 -3.65 -37.12 -22.84
CA GLY B 307 -2.79 -36.41 -21.91
C GLY B 307 -1.31 -36.63 -22.20
N ALA B 308 -0.52 -35.56 -22.11
CA ALA B 308 0.91 -35.68 -22.34
C ALA B 308 1.50 -36.17 -21.04
N PHE B 309 2.35 -37.19 -21.13
CA PHE B 309 2.97 -37.74 -19.94
C PHE B 309 4.29 -37.05 -19.68
N GLN B 310 4.31 -36.23 -18.64
CA GLN B 310 5.51 -35.51 -18.24
C GLN B 310 6.02 -36.11 -16.95
N ILE B 311 5.15 -36.09 -15.94
CA ILE B 311 5.49 -36.62 -14.63
C ILE B 311 5.64 -38.14 -14.73
N ALA B 312 4.69 -38.77 -15.44
CA ALA B 312 4.71 -40.21 -15.61
C ALA B 312 4.74 -40.61 -17.09
N LYS B 313 4.41 -41.86 -17.37
CA LYS B 313 4.41 -42.36 -18.74
C LYS B 313 3.45 -43.55 -18.84
N PRO B 314 2.97 -43.85 -20.05
CA PRO B 314 2.05 -44.97 -20.25
C PRO B 314 2.56 -46.21 -19.53
N SER B 315 3.88 -46.32 -19.41
CA SER B 315 4.50 -47.45 -18.75
C SER B 315 4.07 -47.54 -17.28
N ASP B 316 4.04 -46.39 -16.60
CA ASP B 316 3.64 -46.34 -15.20
C ASP B 316 2.19 -46.80 -15.07
N LEU B 317 1.41 -46.56 -16.12
CA LEU B 317 0.02 -46.94 -16.15
C LEU B 317 -0.18 -48.38 -15.69
N ILE B 318 -1.35 -48.68 -15.16
CA ILE B 318 -1.67 -50.02 -14.68
C ILE B 318 -1.67 -51.03 -15.82
N PRO B 319 -0.71 -51.97 -15.78
CA PRO B 319 -0.56 -53.01 -16.79
C PRO B 319 -1.87 -53.42 -17.43
N GLU B 320 -2.74 -54.02 -16.63
CA GLU B 320 -4.04 -54.47 -17.09
C GLU B 320 -4.62 -53.47 -18.10
N LEU B 321 -4.69 -52.21 -17.68
CA LEU B 321 -5.23 -51.15 -18.54
C LEU B 321 -4.22 -50.82 -19.60
N GLN B 322 -2.97 -50.66 -19.17
CA GLN B 322 -1.89 -50.34 -20.10
C GLN B 322 -1.95 -51.32 -21.25
N GLY B 323 -2.55 -52.48 -21.01
CA GLY B 323 -2.67 -53.50 -22.03
C GLY B 323 -3.94 -53.36 -22.87
N ARG B 324 -4.91 -52.66 -22.31
CA ARG B 324 -6.17 -52.45 -23.01
C ARG B 324 -6.10 -51.14 -23.79
N LEU B 325 -4.94 -50.50 -23.70
CA LEU B 325 -4.70 -49.26 -24.41
C LEU B 325 -3.57 -49.49 -25.40
N PRO B 326 -3.87 -50.17 -26.51
CA PRO B 326 -2.94 -50.52 -27.58
C PRO B 326 -2.43 -49.32 -28.38
N ILE B 327 -3.08 -49.06 -29.52
CA ILE B 327 -2.70 -47.96 -30.39
C ILE B 327 -2.22 -46.73 -29.60
N ARG B 328 -0.91 -46.56 -29.57
CA ARG B 328 -0.31 -45.42 -28.88
C ARG B 328 0.11 -44.45 -29.97
N VAL B 329 -0.37 -43.22 -29.87
CA VAL B 329 -0.02 -42.21 -30.87
C VAL B 329 0.59 -40.97 -30.22
N GLU B 330 1.73 -40.54 -30.75
CA GLU B 330 2.44 -39.38 -30.25
C GLU B 330 1.93 -38.14 -30.97
N LEU B 331 1.47 -37.16 -30.21
CA LEU B 331 0.96 -35.92 -30.77
C LEU B 331 2.02 -34.82 -30.69
N GLN B 332 2.41 -34.31 -31.85
CA GLN B 332 3.42 -33.26 -31.93
C GLN B 332 2.88 -31.94 -31.40
N ALA B 333 3.80 -31.00 -31.11
CA ALA B 333 3.43 -29.69 -30.59
C ALA B 333 2.70 -28.90 -31.67
N LEU B 334 2.83 -27.57 -31.62
CA LEU B 334 2.20 -26.71 -32.60
C LEU B 334 3.20 -25.68 -33.10
N THR B 335 3.28 -25.50 -34.42
CA THR B 335 4.22 -24.55 -34.98
C THR B 335 3.60 -23.23 -35.40
N THR B 336 4.46 -22.22 -35.51
CA THR B 336 4.05 -20.88 -35.91
C THR B 336 3.09 -20.97 -37.08
N SER B 337 3.47 -21.77 -38.07
CA SER B 337 2.64 -21.95 -39.24
C SER B 337 1.23 -22.36 -38.79
N ASP B 338 1.15 -23.46 -38.07
CA ASP B 338 -0.11 -23.95 -37.57
C ASP B 338 -0.98 -22.82 -37.07
N PHE B 339 -0.41 -21.98 -36.22
CA PHE B 339 -1.14 -20.85 -35.66
C PHE B 339 -1.74 -19.97 -36.75
N GLU B 340 -0.88 -19.41 -37.59
CA GLU B 340 -1.33 -18.55 -38.68
C GLU B 340 -2.59 -19.12 -39.32
N ARG B 341 -2.61 -20.44 -39.47
CA ARG B 341 -3.75 -21.11 -40.05
C ARG B 341 -4.96 -20.96 -39.14
N ILE B 342 -4.88 -21.53 -37.94
CA ILE B 342 -5.98 -21.44 -36.98
C ILE B 342 -6.34 -19.98 -36.75
N LEU B 343 -5.34 -19.12 -36.94
CA LEU B 343 -5.48 -17.69 -36.78
C LEU B 343 -6.40 -17.12 -37.86
N THR B 344 -6.58 -17.87 -38.94
CA THR B 344 -7.41 -17.41 -40.05
C THR B 344 -8.28 -18.50 -40.70
N GLU B 345 -7.62 -19.50 -41.27
CA GLU B 345 -8.29 -20.61 -41.95
C GLU B 345 -9.69 -20.98 -41.43
N PRO B 346 -9.81 -21.27 -40.13
CA PRO B 346 -11.11 -21.65 -39.57
C PRO B 346 -12.30 -20.95 -40.21
N ASN B 347 -13.42 -21.66 -40.27
CA ASN B 347 -14.65 -21.14 -40.87
C ASN B 347 -15.05 -19.83 -40.20
N ALA B 348 -14.65 -19.69 -38.93
CA ALA B 348 -14.95 -18.49 -38.15
C ALA B 348 -13.75 -18.18 -37.25
N SER B 349 -12.64 -17.83 -37.88
CA SER B 349 -11.41 -17.52 -37.15
C SER B 349 -11.62 -16.51 -36.04
N ILE B 350 -10.69 -16.50 -35.08
CA ILE B 350 -10.75 -15.57 -33.97
C ILE B 350 -10.57 -14.16 -34.50
N THR B 351 -9.74 -14.04 -35.53
CA THR B 351 -9.47 -12.74 -36.15
C THR B 351 -10.72 -12.26 -36.88
N VAL B 352 -11.43 -13.20 -37.49
CA VAL B 352 -12.64 -12.89 -38.22
C VAL B 352 -13.65 -12.17 -37.34
N GLN B 353 -14.36 -12.95 -36.52
CA GLN B 353 -15.38 -12.41 -35.62
C GLN B 353 -14.94 -11.10 -34.98
N TYR B 354 -13.65 -10.99 -34.68
CA TYR B 354 -13.14 -9.78 -34.08
C TYR B 354 -13.36 -8.58 -34.99
N LYS B 355 -12.83 -8.67 -36.21
CA LYS B 355 -13.00 -7.60 -37.18
C LYS B 355 -14.48 -7.28 -37.28
N ALA B 356 -15.29 -8.34 -37.21
CA ALA B 356 -16.74 -8.22 -37.30
C ALA B 356 -17.27 -7.49 -36.06
N LEU B 357 -16.66 -7.77 -34.90
CA LEU B 357 -17.07 -7.13 -33.67
C LEU B 357 -16.69 -5.66 -33.72
N MET B 358 -15.51 -5.38 -34.25
CA MET B 358 -15.06 -4.02 -34.37
C MET B 358 -15.98 -3.33 -35.36
N ALA B 359 -16.39 -4.07 -36.37
CA ALA B 359 -17.28 -3.56 -37.41
C ALA B 359 -18.55 -2.96 -36.81
N THR B 360 -19.23 -3.73 -35.97
CA THR B 360 -20.47 -3.26 -35.34
C THR B 360 -20.27 -1.87 -34.74
N GLU B 361 -19.07 -1.62 -34.22
CA GLU B 361 -18.76 -0.32 -33.63
C GLU B 361 -18.49 0.70 -34.73
N GLY B 362 -18.90 0.37 -35.95
CA GLY B 362 -18.69 1.27 -37.07
C GLY B 362 -17.25 1.26 -37.53
N VAL B 363 -16.34 0.88 -36.63
CA VAL B 363 -14.93 0.84 -36.93
C VAL B 363 -14.56 -0.41 -37.71
N ASN B 364 -13.59 -0.28 -38.61
CA ASN B 364 -13.14 -1.41 -39.42
C ASN B 364 -11.64 -1.60 -39.33
N ILE B 365 -11.23 -2.84 -39.07
CA ILE B 365 -9.82 -3.17 -38.97
C ILE B 365 -9.40 -4.01 -40.16
N GLU B 366 -8.09 -4.14 -40.34
CA GLU B 366 -7.57 -4.94 -41.45
C GLU B 366 -6.50 -5.89 -40.95
N PHE B 367 -6.84 -7.17 -40.91
CA PHE B 367 -5.89 -8.19 -40.44
C PHE B 367 -5.01 -8.63 -41.60
N THR B 368 -3.83 -8.04 -41.68
CA THR B 368 -2.88 -8.34 -42.74
C THR B 368 -2.12 -9.63 -42.53
N ASP B 369 -1.83 -10.31 -43.64
CA ASP B 369 -1.09 -11.56 -43.61
C ASP B 369 0.28 -11.25 -42.98
N SER B 370 0.66 -9.98 -43.02
CA SER B 370 1.93 -9.53 -42.48
C SER B 370 1.89 -9.59 -40.95
N GLY B 371 0.75 -9.21 -40.39
CA GLY B 371 0.60 -9.22 -38.94
C GLY B 371 0.28 -10.60 -38.40
N ILE B 372 -0.67 -11.26 -39.03
CA ILE B 372 -1.07 -12.60 -38.61
C ILE B 372 0.20 -13.38 -38.25
N LYS B 373 1.16 -13.36 -39.15
CA LYS B 373 2.42 -14.05 -38.92
C LYS B 373 2.97 -13.64 -37.57
N ARG B 374 2.99 -12.34 -37.33
CA ARG B 374 3.49 -11.83 -36.06
C ARG B 374 2.59 -12.32 -34.92
N ILE B 375 1.29 -12.25 -35.12
CA ILE B 375 0.36 -12.73 -34.10
C ILE B 375 0.83 -14.12 -33.74
N ALA B 376 0.83 -15.01 -34.73
CA ALA B 376 1.27 -16.36 -34.52
C ALA B 376 2.69 -16.33 -33.97
N GLU B 377 3.54 -15.53 -34.59
CA GLU B 377 4.94 -15.41 -34.15
C GLU B 377 5.01 -15.15 -32.66
N ALA B 378 3.97 -14.53 -32.12
CA ALA B 378 3.92 -14.22 -30.70
C ALA B 378 3.47 -15.45 -29.93
N ALA B 379 2.20 -15.83 -30.13
CA ALA B 379 1.63 -16.98 -29.47
C ALA B 379 2.69 -18.03 -29.21
N TRP B 380 3.37 -18.45 -30.27
CA TRP B 380 4.42 -19.45 -30.15
C TRP B 380 5.45 -19.04 -29.12
N GLN B 381 6.14 -17.94 -29.40
CA GLN B 381 7.17 -17.45 -28.49
C GLN B 381 6.77 -17.61 -27.04
N VAL B 382 5.57 -17.18 -26.71
CA VAL B 382 5.07 -17.29 -25.35
C VAL B 382 5.03 -18.76 -24.92
N ASN B 383 4.29 -19.57 -25.67
CA ASN B 383 4.16 -20.98 -25.39
C ASN B 383 5.52 -21.63 -25.12
N GLU B 384 6.52 -21.23 -25.89
CA GLU B 384 7.86 -21.77 -25.72
C GLU B 384 8.47 -21.21 -24.45
N SER B 385 8.48 -19.89 -24.35
CA SER B 385 9.04 -19.20 -23.19
C SER B 385 8.41 -19.64 -21.87
N THR B 386 7.09 -19.51 -21.78
CA THR B 386 6.38 -19.89 -20.55
C THR B 386 6.08 -21.39 -20.54
N GLU B 387 4.99 -21.80 -21.19
CA GLU B 387 4.60 -23.20 -21.25
C GLU B 387 3.64 -23.41 -22.41
N ASN B 388 3.96 -24.36 -23.29
CA ASN B 388 3.14 -24.65 -24.45
C ASN B 388 1.67 -24.88 -24.13
N ILE B 389 0.80 -24.36 -24.98
CA ILE B 389 -0.65 -24.51 -24.82
C ILE B 389 -1.30 -24.56 -26.19
N GLY B 390 -0.75 -23.81 -27.13
CA GLY B 390 -1.29 -23.78 -28.47
C GLY B 390 -2.49 -22.86 -28.55
N ALA B 391 -3.34 -23.10 -29.54
CA ALA B 391 -4.56 -22.33 -29.78
C ALA B 391 -4.90 -21.32 -28.71
N ARG B 392 -5.16 -21.81 -27.50
CA ARG B 392 -5.51 -20.95 -26.37
C ARG B 392 -4.68 -19.67 -26.30
N ARG B 393 -3.36 -19.81 -26.37
CA ARG B 393 -2.46 -18.68 -26.32
C ARG B 393 -2.99 -17.47 -27.09
N LEU B 394 -3.55 -17.74 -28.27
CA LEU B 394 -4.08 -16.69 -29.14
C LEU B 394 -5.04 -15.72 -28.46
N HIS B 395 -6.18 -16.23 -28.01
CA HIS B 395 -7.19 -15.42 -27.35
C HIS B 395 -6.57 -14.29 -26.56
N THR B 396 -5.59 -14.62 -25.71
CA THR B 396 -4.91 -13.63 -24.90
C THR B 396 -4.06 -12.69 -25.75
N VAL B 397 -3.12 -13.25 -26.50
CA VAL B 397 -2.23 -12.47 -27.36
C VAL B 397 -2.97 -11.54 -28.30
N LEU B 398 -4.08 -12.03 -28.86
CA LEU B 398 -4.86 -11.23 -29.77
C LEU B 398 -5.57 -10.13 -29.00
N GLU B 399 -6.48 -10.53 -28.11
CA GLU B 399 -7.24 -9.59 -27.30
C GLU B 399 -6.33 -8.56 -26.66
N ARG B 400 -5.16 -8.99 -26.21
CA ARG B 400 -4.21 -8.09 -25.58
C ARG B 400 -3.64 -7.08 -26.57
N LEU B 401 -3.35 -7.54 -27.79
CA LEU B 401 -2.81 -6.67 -28.83
C LEU B 401 -3.87 -5.72 -29.39
N MET B 402 -5.10 -6.20 -29.45
CA MET B 402 -6.21 -5.40 -29.96
C MET B 402 -6.81 -4.51 -28.89
N GLU B 403 -6.11 -4.42 -27.76
CA GLU B 403 -6.53 -3.61 -26.62
C GLU B 403 -7.24 -2.32 -27.00
N GLU B 404 -6.47 -1.25 -27.13
CA GLU B 404 -6.98 0.07 -27.47
C GLU B 404 -8.14 -0.01 -28.45
N ILE B 405 -7.85 -0.46 -29.66
CA ILE B 405 -8.85 -0.59 -30.71
C ILE B 405 -10.19 -1.00 -30.12
N SER B 406 -10.17 -2.06 -29.31
CA SER B 406 -11.37 -2.56 -28.67
C SER B 406 -11.96 -1.48 -27.79
N TYR B 407 -11.10 -0.84 -26.99
CA TYR B 407 -11.55 0.22 -26.12
C TYR B 407 -12.04 1.42 -26.94
N ASP B 408 -11.09 2.18 -27.47
CA ASP B 408 -11.45 3.34 -28.28
C ASP B 408 -11.91 2.91 -29.66
N ALA B 409 -13.20 2.63 -29.79
CA ALA B 409 -13.76 2.22 -31.07
C ALA B 409 -14.55 3.39 -31.65
N SER B 410 -15.67 3.71 -30.99
CA SER B 410 -16.51 4.83 -31.41
C SER B 410 -15.66 6.09 -31.34
N ASP B 411 -14.57 6.00 -30.60
CA ASP B 411 -13.64 7.10 -30.43
C ASP B 411 -12.86 7.30 -31.72
N LEU B 412 -13.15 6.44 -32.70
CA LEU B 412 -12.49 6.49 -34.00
C LEU B 412 -13.33 5.81 -35.06
N SER B 413 -14.62 5.67 -34.79
CA SER B 413 -15.54 5.03 -35.71
C SER B 413 -15.37 5.58 -37.13
N GLY B 414 -15.72 4.75 -38.11
CA GLY B 414 -15.62 5.17 -39.50
C GLY B 414 -14.35 4.77 -40.21
N GLN B 415 -13.27 5.49 -39.95
CA GLN B 415 -11.98 5.23 -40.58
C GLN B 415 -11.56 3.75 -40.53
N ASN B 416 -10.47 3.44 -41.22
CA ASN B 416 -9.96 2.07 -41.27
C ASN B 416 -8.56 1.95 -40.68
N ILE B 417 -8.33 0.85 -39.94
CA ILE B 417 -7.04 0.60 -39.31
C ILE B 417 -6.35 -0.62 -39.90
N THR B 418 -5.02 -0.59 -39.89
CA THR B 418 -4.22 -1.68 -40.44
C THR B 418 -3.46 -2.47 -39.37
N ILE B 419 -3.71 -3.77 -39.31
CA ILE B 419 -3.05 -4.64 -38.35
C ILE B 419 -1.88 -5.31 -39.06
N ASP B 420 -0.76 -4.59 -39.12
CA ASP B 420 0.43 -5.08 -39.79
C ASP B 420 1.44 -5.69 -38.83
N ALA B 421 2.45 -6.35 -39.40
CA ALA B 421 3.50 -6.99 -38.64
C ALA B 421 4.15 -6.01 -37.66
N ASP B 422 4.24 -4.76 -38.08
CA ASP B 422 4.82 -3.73 -37.23
C ASP B 422 3.84 -3.35 -36.14
N TYR B 423 2.58 -3.16 -36.51
CA TYR B 423 1.56 -2.81 -35.54
C TYR B 423 1.58 -3.85 -34.43
N VAL B 424 1.63 -5.12 -34.82
CA VAL B 424 1.67 -6.21 -33.86
C VAL B 424 2.85 -6.02 -32.92
N SER B 425 4.03 -6.44 -33.38
CA SER B 425 5.25 -6.31 -32.57
C SER B 425 5.27 -4.99 -31.79
N LYS B 426 4.84 -3.92 -32.44
CA LYS B 426 4.82 -2.61 -31.79
C LYS B 426 4.27 -2.72 -30.38
N HIS B 427 3.20 -3.48 -30.21
CA HIS B 427 2.58 -3.69 -28.91
C HIS B 427 3.28 -4.79 -28.13
N LEU B 428 2.93 -6.02 -28.47
CA LEU B 428 3.46 -7.22 -27.84
C LEU B 428 4.98 -7.21 -27.59
N ASP B 429 5.76 -7.14 -28.65
CA ASP B 429 7.23 -7.14 -28.55
C ASP B 429 7.81 -7.15 -27.15
N ALA B 430 7.53 -6.09 -26.39
CA ALA B 430 8.03 -5.97 -25.03
C ALA B 430 7.60 -7.18 -24.20
N LEU B 431 6.31 -7.29 -23.95
CA LEU B 431 5.73 -8.38 -23.17
C LEU B 431 6.47 -9.69 -23.38
N VAL B 432 6.23 -10.30 -24.54
CA VAL B 432 6.87 -11.57 -24.89
C VAL B 432 8.25 -11.71 -24.27
N ALA B 433 9.07 -10.68 -24.43
CA ALA B 433 10.41 -10.68 -23.88
C ALA B 433 10.34 -10.87 -22.36
N ASP B 434 9.62 -9.98 -21.69
CA ASP B 434 9.47 -10.03 -20.25
C ASP B 434 8.70 -11.26 -19.80
N GLU B 435 9.42 -12.35 -19.57
CA GLU B 435 8.82 -13.60 -19.15
C GLU B 435 8.00 -13.42 -17.85
N ASP B 436 8.70 -13.10 -16.77
CA ASP B 436 8.07 -12.90 -15.45
C ASP B 436 7.03 -11.80 -15.48
N LEU B 437 6.04 -11.95 -16.36
CA LEU B 437 4.98 -10.96 -16.50
C LEU B 437 3.99 -11.56 -17.49
N SER B 438 4.54 -11.99 -18.62
CA SER B 438 3.72 -12.59 -19.66
C SER B 438 2.81 -13.65 -19.05
N ARG B 439 3.28 -14.25 -17.97
CA ARG B 439 2.53 -15.29 -17.27
C ARG B 439 1.31 -14.74 -16.56
N PHE B 440 1.00 -13.46 -16.82
CA PHE B 440 -0.14 -12.82 -16.20
C PHE B 440 -1.16 -12.34 -17.21
N ILE B 441 -0.69 -11.67 -18.26
CA ILE B 441 -1.58 -11.15 -19.28
C ILE B 441 -1.71 -12.03 -20.51
N LEU B 442 -1.11 -13.21 -20.48
CA LEU B 442 -1.19 -14.11 -21.61
C LEU B 442 -1.24 -15.57 -21.18
N SER C 1 31.72 54.59 -9.59
CA SER C 1 30.43 54.33 -10.30
C SER C 1 29.40 53.75 -9.33
N GLU C 2 28.13 54.12 -9.54
CA GLU C 2 27.05 53.63 -8.69
C GLU C 2 26.02 52.89 -9.55
N MET C 3 25.10 52.19 -8.89
CA MET C 3 24.08 51.43 -9.58
C MET C 3 23.12 52.35 -10.33
N THR C 4 22.76 51.95 -11.55
CA THR C 4 21.84 52.72 -12.36
C THR C 4 20.50 52.75 -11.64
N PRO C 5 19.52 53.51 -12.17
CA PRO C 5 18.20 53.58 -11.53
C PRO C 5 17.69 52.22 -11.05
N ARG C 6 17.24 51.39 -12.00
CA ARG C 6 16.73 50.07 -11.68
C ARG C 6 17.76 49.26 -10.91
N GLU C 7 19.03 49.50 -11.20
CA GLU C 7 20.13 48.80 -10.53
C GLU C 7 20.02 48.98 -9.02
N ILE C 8 19.55 50.15 -8.61
CA ILE C 8 19.38 50.45 -7.18
C ILE C 8 18.11 49.72 -6.75
N VAL C 9 17.04 49.97 -7.50
CA VAL C 9 15.75 49.35 -7.25
C VAL C 9 15.91 47.87 -6.99
N SER C 10 16.57 47.18 -7.91
CA SER C 10 16.79 45.75 -7.78
C SER C 10 17.32 45.41 -6.39
N GLU C 11 18.43 46.03 -6.01
CA GLU C 11 19.01 45.79 -4.71
C GLU C 11 18.06 46.33 -3.65
N LEU C 12 17.02 47.06 -4.09
CA LEU C 12 16.05 47.62 -3.16
C LEU C 12 14.86 46.72 -2.87
N ASP C 13 14.26 46.12 -3.90
CA ASP C 13 13.14 45.23 -3.65
C ASP C 13 13.68 43.99 -2.96
N LYS C 14 14.93 44.07 -2.49
CA LYS C 14 15.59 42.97 -1.80
C LYS C 14 15.03 42.82 -0.39
N HIS C 15 14.44 43.90 0.12
CA HIS C 15 13.85 43.90 1.46
C HIS C 15 12.51 44.62 1.50
N ILE C 16 12.11 45.20 0.37
CA ILE C 16 10.85 45.93 0.29
C ILE C 16 9.97 45.42 -0.83
N ILE C 17 8.69 45.23 -0.53
CA ILE C 17 7.73 44.75 -1.50
C ILE C 17 7.05 45.93 -2.20
N GLY C 18 6.75 45.74 -3.49
CA GLY C 18 6.09 46.75 -4.28
C GLY C 18 6.50 48.19 -3.96
N GLN C 19 5.60 49.13 -4.25
CA GLN C 19 5.86 50.53 -3.99
C GLN C 19 7.09 50.99 -4.76
N ASP C 20 7.40 50.27 -5.84
CA ASP C 20 8.55 50.58 -6.67
C ASP C 20 8.71 52.06 -6.96
N ASN C 21 7.65 52.70 -7.47
CA ASN C 21 7.69 54.11 -7.79
C ASN C 21 8.51 54.83 -6.72
N ALA C 22 8.08 54.70 -5.48
CA ALA C 22 8.77 55.32 -4.35
C ALA C 22 10.25 54.95 -4.43
N LYS C 23 10.51 53.66 -4.66
CA LYS C 23 11.87 53.19 -4.78
C LYS C 23 12.52 53.96 -5.92
N ARG C 24 11.82 54.03 -7.05
CA ARG C 24 12.34 54.77 -8.20
C ARG C 24 12.79 56.13 -7.72
N SER C 25 11.86 56.89 -7.17
CA SER C 25 12.15 58.23 -6.66
C SER C 25 13.37 58.15 -5.76
N VAL C 26 13.27 57.38 -4.69
CA VAL C 26 14.38 57.23 -3.76
C VAL C 26 15.63 56.83 -4.55
N ALA C 27 15.42 56.06 -5.62
CA ALA C 27 16.52 55.60 -6.46
C ALA C 27 17.11 56.74 -7.28
N ILE C 28 16.27 57.36 -8.10
CA ILE C 28 16.71 58.48 -8.91
C ILE C 28 17.60 59.39 -8.09
N ALA C 29 17.03 59.94 -7.02
CA ALA C 29 17.76 60.83 -6.14
C ALA C 29 19.19 60.33 -5.97
N LEU C 30 19.31 59.07 -5.58
CA LEU C 30 20.62 58.45 -5.38
C LEU C 30 21.46 58.71 -6.62
N ARG C 31 20.90 58.37 -7.77
CA ARG C 31 21.59 58.55 -9.03
C ARG C 31 22.02 60.00 -9.22
N ASN C 32 21.09 60.92 -8.97
CA ASN C 32 21.37 62.33 -9.10
C ASN C 32 22.61 62.72 -8.31
N ARG C 33 22.71 62.21 -7.08
CA ARG C 33 23.84 62.50 -6.20
C ARG C 33 25.17 62.38 -6.97
N TRP C 34 25.24 61.40 -7.86
CA TRP C 34 26.45 61.16 -8.65
C TRP C 34 26.46 62.05 -9.89
N ARG C 35 25.32 62.18 -10.55
CA ARG C 35 25.22 63.00 -11.75
C ARG C 35 25.86 64.37 -11.50
N ARG C 36 25.67 64.90 -10.31
CA ARG C 36 26.23 66.19 -9.92
C ARG C 36 27.75 66.21 -10.07
N MET C 37 28.37 65.08 -9.75
CA MET C 37 29.82 64.96 -9.85
C MET C 37 30.28 65.11 -11.29
N GLN C 38 29.41 64.79 -12.23
CA GLN C 38 29.73 64.89 -13.65
C GLN C 38 29.53 66.32 -14.13
N LEU C 39 28.44 66.92 -13.68
CA LEU C 39 28.11 68.30 -14.05
C LEU C 39 29.25 69.21 -13.64
N ASN C 40 30.13 69.50 -14.60
CA ASN C 40 31.30 70.35 -14.41
C ASN C 40 31.13 71.44 -13.36
N GLU C 41 32.21 71.67 -12.59
CA GLU C 41 32.24 72.65 -11.51
C GLU C 41 31.23 73.78 -11.63
N GLU C 42 31.14 74.38 -12.81
CA GLU C 42 30.20 75.48 -13.04
C GLU C 42 28.87 75.20 -12.35
N LEU C 43 28.27 74.06 -12.66
CA LEU C 43 26.99 73.69 -12.06
C LEU C 43 27.19 72.71 -10.90
N ARG C 44 28.43 72.58 -10.43
CA ARG C 44 28.74 71.70 -9.32
C ARG C 44 28.00 72.13 -8.08
N HIS C 45 28.64 72.97 -7.27
CA HIS C 45 28.02 73.46 -6.05
C HIS C 45 26.94 74.47 -6.40
N GLU C 46 26.29 74.24 -7.54
CA GLU C 46 25.22 75.10 -8.04
C GLU C 46 24.01 74.24 -8.37
N VAL C 47 23.92 73.08 -7.72
CA VAL C 47 22.82 72.16 -7.94
C VAL C 47 22.30 71.55 -6.63
N THR C 48 21.00 71.70 -6.40
CA THR C 48 20.35 71.17 -5.20
C THR C 48 20.24 69.64 -5.29
N PRO C 49 20.23 68.95 -4.14
CA PRO C 49 20.12 67.49 -4.13
C PRO C 49 18.74 66.99 -4.52
N LYS C 50 17.76 67.89 -4.51
CA LYS C 50 16.39 67.53 -4.85
C LYS C 50 15.89 66.51 -3.84
N ASN C 51 15.16 66.98 -2.83
CA ASN C 51 14.63 66.11 -1.79
C ASN C 51 13.22 65.60 -2.04
N ILE C 52 12.94 64.41 -1.51
CA ILE C 52 11.63 63.78 -1.69
C ILE C 52 10.70 63.80 -0.49
N LEU C 53 9.41 63.68 -0.79
CA LEU C 53 8.38 63.65 0.22
C LEU C 53 7.59 62.37 -0.04
N MET C 54 7.62 61.46 0.92
CA MET C 54 6.89 60.20 0.75
C MET C 54 5.50 60.36 1.36
N ILE C 55 4.48 60.00 0.60
CA ILE C 55 3.12 60.12 1.09
C ILE C 55 2.39 58.79 1.06
N GLY C 56 2.12 58.23 2.23
CA GLY C 56 1.42 56.97 2.30
C GLY C 56 0.97 56.62 3.70
N PRO C 57 0.06 55.64 3.86
CA PRO C 57 -0.44 55.22 5.17
C PRO C 57 0.64 54.66 6.10
N THR C 58 0.22 53.88 7.10
CA THR C 58 1.16 53.35 8.07
C THR C 58 1.75 51.97 7.80
N GLY C 59 3.00 51.80 8.23
CA GLY C 59 3.71 50.53 8.06
C GLY C 59 3.65 49.96 6.66
N VAL C 60 3.77 50.83 5.68
CA VAL C 60 3.72 50.39 4.30
C VAL C 60 5.10 50.36 3.66
N GLY C 61 6.10 50.84 4.38
CA GLY C 61 7.45 50.84 3.86
C GLY C 61 8.28 52.07 4.15
N LYS C 62 7.98 53.18 3.46
CA LYS C 62 8.68 54.46 3.61
C LYS C 62 10.01 54.32 4.36
N THR C 63 9.90 54.27 5.68
CA THR C 63 11.07 54.13 6.55
C THR C 63 12.13 53.25 5.90
N GLU C 64 11.85 51.94 5.85
CA GLU C 64 12.77 50.98 5.26
C GLU C 64 13.40 51.54 3.98
N ILE C 65 12.58 51.74 2.96
CA ILE C 65 13.04 52.28 1.69
C ILE C 65 14.20 53.20 1.96
N ALA C 66 13.98 54.12 2.89
CA ALA C 66 15.02 55.07 3.27
C ALA C 66 16.26 54.32 3.68
N ARG C 67 16.23 53.75 4.89
CA ARG C 67 17.36 53.00 5.43
C ARG C 67 17.97 52.07 4.40
N ARG C 68 17.16 51.14 3.91
CA ARG C 68 17.61 50.19 2.91
C ARG C 68 18.43 50.95 1.88
N LEU C 69 17.88 52.05 1.39
CA LEU C 69 18.58 52.87 0.42
C LEU C 69 19.84 53.43 1.08
N ALA C 70 19.63 54.20 2.15
CA ALA C 70 20.73 54.81 2.90
C ALA C 70 21.85 53.79 3.11
N LYS C 71 21.44 52.57 3.45
CA LYS C 71 22.38 51.48 3.69
C LYS C 71 22.98 51.04 2.37
N LEU C 72 22.12 50.72 1.40
CA LEU C 72 22.57 50.28 0.10
C LEU C 72 23.52 51.30 -0.50
N ALA C 73 23.47 52.51 0.02
CA ALA C 73 24.33 53.59 -0.46
C ALA C 73 25.53 53.82 0.44
N ASN C 74 25.39 53.41 1.70
CA ASN C 74 26.44 53.58 2.71
C ASN C 74 26.61 55.07 3.02
N ALA C 75 25.72 55.58 3.86
CA ALA C 75 25.77 56.99 4.23
C ALA C 75 25.02 57.26 5.53
N PRO C 76 25.61 58.09 6.41
CA PRO C 76 24.97 58.41 7.69
C PRO C 76 23.53 58.84 7.44
N PHE C 77 22.60 58.14 8.08
CA PHE C 77 21.20 58.45 7.93
C PHE C 77 20.57 58.60 9.32
N ILE C 78 19.42 59.25 9.36
CA ILE C 78 18.73 59.45 10.63
C ILE C 78 17.27 59.85 10.45
N LYS C 79 16.39 59.14 11.14
CA LYS C 79 14.97 59.43 11.10
C LYS C 79 14.76 60.49 12.17
N VAL C 80 13.62 61.16 12.12
CA VAL C 80 13.34 62.19 13.10
C VAL C 80 11.89 62.66 12.97
N GLU C 81 11.20 62.72 14.10
CA GLU C 81 9.81 63.14 14.10
C GLU C 81 9.73 64.63 14.40
N ALA C 82 9.24 65.40 13.43
CA ALA C 82 9.11 66.84 13.61
C ALA C 82 8.46 67.13 14.95
N THR C 83 7.30 66.51 15.16
CA THR C 83 6.53 66.66 16.39
C THR C 83 7.38 67.07 17.58
N LYS C 84 8.51 66.38 17.75
CA LYS C 84 9.42 66.68 18.84
C LYS C 84 10.06 68.06 18.65
N PHE C 85 9.30 68.99 18.11
CA PHE C 85 9.80 70.33 17.88
C PHE C 85 8.76 71.40 18.13
N THR C 86 7.54 70.97 18.43
CA THR C 86 6.45 71.91 18.66
C THR C 86 5.95 71.92 20.12
N GLU C 87 4.97 72.80 20.37
CA GLU C 87 4.34 72.96 21.69
C GLU C 87 5.33 73.14 22.84
N VAL C 88 5.64 74.41 23.14
CA VAL C 88 6.56 74.76 24.22
C VAL C 88 7.92 74.07 24.02
N GLY C 89 8.29 73.88 22.75
CA GLY C 89 9.54 73.23 22.44
C GLY C 89 10.75 74.14 22.50
N TYR C 90 11.41 74.18 23.65
CA TYR C 90 12.60 74.99 23.82
C TYR C 90 13.67 74.32 22.98
N VAL C 91 13.50 73.02 22.77
CA VAL C 91 14.42 72.22 21.97
C VAL C 91 13.82 72.12 20.56
N GLY C 92 12.54 72.43 20.48
CA GLY C 92 11.86 72.41 19.19
C GLY C 92 12.46 73.52 18.37
N LYS C 93 13.12 74.45 19.06
CA LYS C 93 13.78 75.58 18.43
C LYS C 93 15.19 75.15 18.01
N GLU C 94 15.49 73.86 18.20
CA GLU C 94 16.78 73.28 17.85
C GLU C 94 16.62 72.28 16.71
N VAL C 95 15.98 72.72 15.63
CA VAL C 95 15.76 71.86 14.48
C VAL C 95 17.10 71.48 13.86
N ASP C 96 18.09 72.36 14.03
CA ASP C 96 19.42 72.10 13.48
C ASP C 96 20.02 70.88 14.16
N SER C 97 19.44 70.49 15.29
CA SER C 97 19.91 69.33 16.04
C SER C 97 20.14 68.20 15.05
N ILE C 98 19.14 68.00 14.19
CA ILE C 98 19.18 66.96 13.17
C ILE C 98 20.60 66.67 12.69
N ILE C 99 21.22 67.64 12.03
CA ILE C 99 22.57 67.45 11.54
C ILE C 99 23.51 67.09 12.67
N ARG C 100 23.35 67.78 13.80
CA ARG C 100 24.18 67.54 14.96
C ARG C 100 24.16 66.05 15.28
N ASP C 101 23.04 65.41 14.98
CA ASP C 101 22.90 63.99 15.23
C ASP C 101 23.41 63.19 14.05
N LEU C 102 22.93 63.51 12.85
CA LEU C 102 23.37 62.80 11.65
C LEU C 102 24.88 62.80 11.60
N THR C 103 25.49 63.78 12.27
CA THR C 103 26.94 63.88 12.32
C THR C 103 27.43 62.91 13.38
N ASP C 104 26.67 62.79 14.46
CA ASP C 104 27.01 61.88 15.55
C ASP C 104 27.21 60.49 14.99
N ALA C 105 26.23 60.03 14.23
CA ALA C 105 26.29 58.71 13.61
C ALA C 105 27.35 58.74 12.52
N ALA C 106 27.45 59.88 11.84
CA ALA C 106 28.44 60.04 10.79
C ALA C 106 29.79 59.71 11.40
N VAL C 107 29.91 60.00 12.70
CA VAL C 107 31.13 59.71 13.44
C VAL C 107 31.26 58.21 13.61
N LYS C 108 30.28 57.62 14.29
CA LYS C 108 30.27 56.18 14.51
C LYS C 108 30.74 55.47 13.24
N MET C 109 29.97 55.65 12.17
CA MET C 109 30.27 55.05 10.88
C MET C 109 31.76 55.01 10.55
N VAL C 110 32.24 56.07 9.91
CA VAL C 110 33.63 56.21 9.49
C VAL C 110 34.66 55.30 10.15
N ARG C 111 34.83 55.44 11.47
CA ARG C 111 35.82 54.65 12.20
C ARG C 111 35.48 53.16 12.28
N VAL C 112 34.22 52.84 12.52
CA VAL C 112 33.81 51.46 12.60
C VAL C 112 34.25 50.70 11.36
N GLN C 113 34.24 51.40 10.22
CA GLN C 113 34.65 50.80 8.95
C GLN C 113 36.17 50.75 8.79
N ALA C 114 36.88 51.40 9.71
CA ALA C 114 38.33 51.40 9.68
C ALA C 114 38.84 50.36 10.66
N ILE C 115 37.97 49.98 11.60
CA ILE C 115 38.30 48.98 12.60
C ILE C 115 38.32 47.60 11.94
N GLU C 116 37.44 47.43 10.96
CA GLU C 116 37.34 46.17 10.22
C GLU C 116 38.28 46.23 9.01
N LYS C 117 38.48 47.44 8.50
CA LYS C 117 39.36 47.65 7.34
C LYS C 117 40.78 47.42 7.81
N ASN C 118 40.99 47.61 9.11
CA ASN C 118 42.30 47.43 9.74
C ASN C 118 42.13 46.60 11.02
N ARG C 119 42.00 45.29 10.86
CA ARG C 119 41.83 44.40 12.01
C ARG C 119 42.71 43.17 11.92
N TYR C 120 43.28 42.93 10.74
CA TYR C 120 44.16 41.78 10.56
C TYR C 120 45.33 41.95 11.53
N ARG C 121 45.77 43.19 11.70
CA ARG C 121 46.88 43.51 12.58
C ARG C 121 46.42 43.81 14.00
N ALA C 122 45.22 44.36 14.13
CA ALA C 122 44.64 44.72 15.43
C ALA C 122 44.75 43.59 16.45
N GLU C 123 44.67 42.34 15.96
CA GLU C 123 44.74 41.17 16.83
C GLU C 123 46.17 40.66 16.98
N GLU C 124 46.78 40.30 15.85
CA GLU C 124 48.15 39.76 15.85
C GLU C 124 49.12 40.59 16.69
N LEU C 125 49.21 41.88 16.39
CA LEU C 125 50.11 42.76 17.13
C LEU C 125 49.78 42.73 18.61
N ALA C 126 48.53 42.44 18.94
CA ALA C 126 48.08 42.38 20.33
C ALA C 126 48.64 41.14 21.02
N GLU C 127 48.37 39.98 20.44
CA GLU C 127 48.85 38.73 21.01
C GLU C 127 50.36 38.67 20.94
N GLU C 128 50.93 39.31 19.92
CA GLU C 128 52.36 39.34 19.73
C GLU C 128 53.07 39.67 21.03
N ARG C 129 52.71 40.79 21.61
CA ARG C 129 53.31 41.22 22.87
C ARG C 129 52.97 40.19 23.93
N ILE C 130 51.77 39.63 23.85
CA ILE C 130 51.35 38.62 24.81
C ILE C 130 52.41 37.53 24.77
N LEU C 131 52.47 36.81 23.66
CA LEU C 131 53.45 35.74 23.52
C LEU C 131 54.82 36.26 23.92
N ASP C 132 55.09 37.53 23.62
CA ASP C 132 56.37 38.12 23.96
C ASP C 132 56.62 38.13 25.46
N VAL C 133 55.55 38.02 26.24
CA VAL C 133 55.69 37.98 27.69
C VAL C 133 55.82 36.52 28.08
N LEU C 134 55.21 35.66 27.27
CA LEU C 134 55.25 34.21 27.47
C LEU C 134 56.68 33.75 27.25
N ILE C 135 57.16 33.93 26.02
CA ILE C 135 58.51 33.53 25.64
C ILE C 135 59.33 34.78 25.36
N PRO C 136 59.81 35.44 26.43
CA PRO C 136 60.62 36.65 26.32
C PRO C 136 61.80 36.49 25.38
N PRO C 137 61.68 37.00 24.13
CA PRO C 137 62.78 36.88 23.17
C PRO C 137 64.12 37.30 23.76
N ALA C 138 65.20 36.71 23.24
CA ALA C 138 66.54 37.01 23.72
C ALA C 138 66.93 38.46 23.46
N LYS C 139 67.85 38.97 24.27
CA LYS C 139 68.33 40.34 24.13
C LYS C 139 69.42 40.39 23.07
N ASN C 140 69.43 41.46 22.28
CA ASN C 140 70.42 41.63 21.22
C ASN C 140 70.29 40.51 20.18
N ASN C 141 69.49 40.76 19.14
CA ASN C 141 69.28 39.78 18.08
C ASN C 141 70.21 40.07 16.90
N TRP C 142 70.82 39.03 16.35
CA TRP C 142 71.73 39.18 15.22
C TRP C 142 70.92 39.17 13.93
N GLY C 143 70.76 40.36 13.34
CA GLY C 143 70.01 40.51 12.11
C GLY C 143 70.19 39.40 11.10
N GLN C 144 69.09 38.69 10.82
CA GLN C 144 69.09 37.59 9.86
C GLN C 144 67.67 37.38 9.32
N THR C 145 66.71 38.10 9.92
CA THR C 145 65.30 38.04 9.53
C THR C 145 64.60 36.71 9.82
N GLU C 146 65.23 35.60 9.45
CA GLU C 146 64.67 34.26 9.67
C GLU C 146 64.88 33.76 11.09
N GLN C 147 65.81 34.40 11.80
CA GLN C 147 66.13 34.03 13.18
C GLN C 147 64.98 34.34 14.15
N GLN C 148 63.95 35.02 13.64
CA GLN C 148 62.79 35.36 14.47
C GLN C 148 61.69 34.31 14.30
N GLN C 149 61.71 33.60 13.17
CA GLN C 149 60.73 32.56 12.92
C GLN C 149 61.26 31.24 13.44
N GLU C 150 62.46 31.28 14.03
CA GLU C 150 63.10 30.10 14.59
C GLU C 150 62.58 29.83 16.01
N PRO C 151 62.52 30.87 16.87
CA PRO C 151 62.02 30.64 18.22
C PRO C 151 60.60 30.08 18.13
N SER C 152 60.01 30.25 16.95
CA SER C 152 58.66 29.78 16.67
C SER C 152 58.56 28.33 17.11
N ALA C 153 59.69 27.65 17.11
CA ALA C 153 59.73 26.25 17.53
C ALA C 153 58.85 26.15 18.77
N ALA C 154 59.22 26.91 19.80
CA ALA C 154 58.46 26.92 21.04
C ALA C 154 57.43 28.03 20.98
N ARG C 155 57.78 29.12 20.30
CA ARG C 155 56.87 30.25 20.16
C ARG C 155 55.59 29.79 19.48
N GLN C 156 55.69 29.50 18.18
CA GLN C 156 54.53 29.04 17.43
C GLN C 156 53.76 28.06 18.30
N ALA C 157 54.49 27.15 18.92
CA ALA C 157 53.87 26.17 19.80
C ALA C 157 52.98 26.93 20.79
N PHE C 158 53.59 27.85 21.53
CA PHE C 158 52.86 28.66 22.50
C PHE C 158 51.75 29.44 21.82
N ARG C 159 52.06 29.98 20.64
CA ARG C 159 51.11 30.76 19.86
C ARG C 159 49.83 29.95 19.63
N LYS C 160 49.96 28.84 18.91
CA LYS C 160 48.82 27.98 18.62
C LYS C 160 48.20 27.54 19.94
N LYS C 161 49.05 27.36 20.95
CA LYS C 161 48.60 26.95 22.28
C LYS C 161 47.76 28.05 22.93
N LEU C 162 47.90 29.26 22.41
CA LEU C 162 47.16 30.40 22.95
C LEU C 162 45.88 30.65 22.17
N ARG C 163 45.90 30.36 20.88
CA ARG C 163 44.73 30.57 20.03
C ARG C 163 43.66 29.53 20.41
N GLU C 164 43.55 29.29 21.71
CA GLU C 164 42.60 28.34 22.26
C GLU C 164 42.71 28.36 23.77
N GLY C 165 43.85 27.89 24.28
CA GLY C 165 44.08 27.86 25.71
C GLY C 165 44.79 29.11 26.20
N GLN C 166 44.18 29.77 27.18
CA GLN C 166 44.75 30.99 27.73
C GLN C 166 44.41 31.17 29.20
N LEU C 167 43.81 32.31 29.52
CA LEU C 167 43.40 32.65 30.87
C LEU C 167 44.52 32.57 31.91
N ASP C 168 45.77 32.80 31.48
CA ASP C 168 46.90 32.74 32.41
C ASP C 168 47.25 34.13 32.95
N ASP C 169 47.53 34.20 34.25
CA ASP C 169 47.88 35.47 34.89
C ASP C 169 49.13 36.06 34.24
N LYS C 170 48.93 37.15 33.52
CA LYS C 170 50.00 37.84 32.80
C LYS C 170 50.42 39.17 33.41
N GLU C 171 51.08 39.99 32.57
CA GLU C 171 51.55 41.32 32.92
C GLU C 171 52.50 41.87 31.86
N ILE C 172 51.96 42.66 30.93
CA ILE C 172 52.77 43.23 29.85
C ILE C 172 52.71 44.75 29.84
N GLU C 173 53.31 45.33 28.80
CA GLU C 173 53.34 46.78 28.63
C GLU C 173 52.68 47.10 27.29
N LYS C 209 51.88 56.51 30.39
CA LYS C 209 51.36 55.19 30.83
C LYS C 209 51.21 54.20 29.67
N GLN C 210 51.76 53.01 29.85
CA GLN C 210 51.70 51.95 28.85
C GLN C 210 50.96 50.77 29.45
N LYS C 211 51.46 50.26 30.58
CA LYS C 211 50.85 49.13 31.28
C LYS C 211 51.64 48.77 32.53
N ALA C 212 52.36 47.64 32.47
CA ALA C 212 53.16 47.14 33.58
C ALA C 212 52.25 46.65 34.71
N ARG C 213 51.01 46.30 34.34
CA ARG C 213 50.03 45.81 35.31
C ARG C 213 49.89 44.30 35.22
N LYS C 214 49.62 43.66 36.35
CA LYS C 214 49.47 42.20 36.41
C LYS C 214 48.00 41.77 36.38
N LEU C 215 47.54 41.27 35.25
CA LEU C 215 46.15 40.83 35.13
C LEU C 215 46.04 39.38 34.67
N LYS C 216 45.25 39.16 33.62
CA LYS C 216 45.06 37.83 33.06
C LYS C 216 45.23 37.94 31.56
N ILE C 217 45.63 36.84 30.93
CA ILE C 217 45.84 36.83 29.49
C ILE C 217 44.54 36.96 28.70
N LYS C 218 43.44 36.59 29.33
CA LYS C 218 42.13 36.68 28.67
C LYS C 218 41.80 38.15 28.40
N ASP C 219 41.81 38.95 29.44
CA ASP C 219 41.50 40.38 29.32
C ASP C 219 42.58 41.06 28.51
N ALA C 220 43.81 40.97 29.03
CA ALA C 220 44.98 41.57 28.41
C ALA C 220 44.97 41.37 26.90
N MET C 221 44.52 40.21 26.46
CA MET C 221 44.43 39.90 25.05
C MET C 221 43.53 40.93 24.38
N LYS C 222 42.40 41.22 25.02
CA LYS C 222 41.45 42.19 24.49
C LYS C 222 41.95 43.61 24.74
N LEU C 223 42.58 43.81 25.89
CA LEU C 223 43.11 45.13 26.22
C LEU C 223 44.16 45.52 25.18
N LEU C 224 45.13 44.64 24.98
CA LEU C 224 46.19 44.87 24.01
C LEU C 224 45.60 44.82 22.61
N ILE C 225 44.47 44.14 22.46
CA ILE C 225 43.82 44.05 21.17
C ILE C 225 43.26 45.41 20.81
N GLU C 226 43.11 46.25 21.83
CA GLU C 226 42.60 47.60 21.65
C GLU C 226 43.74 48.62 21.71
N GLU C 227 44.53 48.56 22.77
CA GLU C 227 45.66 49.47 22.93
C GLU C 227 46.50 49.46 21.66
N GLU C 228 46.84 48.27 21.19
CA GLU C 228 47.64 48.11 19.98
C GLU C 228 46.75 48.03 18.74
N ALA C 229 45.56 48.60 18.84
CA ALA C 229 44.60 48.63 17.74
C ALA C 229 44.44 50.06 17.24
N ALA C 230 44.05 50.94 18.16
CA ALA C 230 43.85 52.35 17.83
C ALA C 230 45.15 52.99 17.33
N LYS C 231 46.22 52.21 17.33
CA LYS C 231 47.52 52.70 16.87
C LYS C 231 47.36 53.27 15.47
N LEU C 232 46.63 52.54 14.63
CA LEU C 232 46.39 52.95 13.25
C LEU C 232 44.95 53.42 13.08
N VAL C 233 44.73 54.71 13.26
CA VAL C 233 43.39 55.29 13.13
C VAL C 233 43.46 56.68 12.48
N ASN C 234 44.22 57.58 13.08
CA ASN C 234 44.39 58.94 12.57
C ASN C 234 43.13 59.79 12.76
N PRO C 235 42.76 60.07 14.03
CA PRO C 235 41.57 60.87 14.35
C PRO C 235 41.39 62.05 13.40
N GLU C 236 42.50 62.63 12.97
CA GLU C 236 42.46 63.76 12.05
C GLU C 236 41.87 63.33 10.71
N GLU C 237 42.61 62.54 9.94
CA GLU C 237 42.15 62.08 8.64
C GLU C 237 40.93 61.18 8.80
N LEU C 238 40.58 60.85 10.05
CA LEU C 238 39.43 60.01 10.35
C LEU C 238 38.19 60.89 10.47
N LYS C 239 38.19 61.77 11.46
CA LYS C 239 37.08 62.68 11.69
C LYS C 239 36.84 63.52 10.45
N GLN C 240 37.91 64.09 9.92
CA GLN C 240 37.83 64.93 8.72
C GLN C 240 37.16 64.15 7.60
N ASP C 241 36.91 62.86 7.84
CA ASP C 241 36.27 62.01 6.86
C ASP C 241 34.83 61.71 7.26
N ALA C 242 34.56 61.70 8.56
CA ALA C 242 33.22 61.45 9.05
C ALA C 242 32.30 62.55 8.51
N ILE C 243 32.78 63.79 8.59
CA ILE C 243 32.03 64.93 8.11
C ILE C 243 31.82 64.80 6.61
N ASP C 244 32.82 64.28 5.92
CA ASP C 244 32.76 64.08 4.48
C ASP C 244 31.52 63.29 4.12
N ALA C 245 30.99 62.56 5.10
CA ALA C 245 29.79 61.76 4.88
C ALA C 245 28.58 62.67 5.07
N VAL C 246 28.29 63.00 6.33
CA VAL C 246 27.17 63.87 6.66
C VAL C 246 27.08 65.02 5.66
N GLU C 247 28.21 65.61 5.33
CA GLU C 247 28.25 66.73 4.39
C GLU C 247 27.91 66.30 2.97
N GLN C 248 28.47 65.17 2.54
CA GLN C 248 28.20 64.68 1.20
C GLN C 248 27.22 63.52 1.25
N HIS C 249 27.71 62.34 1.64
CA HIS C 249 26.86 61.17 1.74
C HIS C 249 26.12 61.20 3.07
N GLY C 250 24.92 61.77 3.06
CA GLY C 250 24.13 61.85 4.27
C GLY C 250 22.64 61.95 3.97
N ILE C 251 21.81 61.30 4.78
CA ILE C 251 20.37 61.32 4.55
C ILE C 251 19.58 61.61 5.81
N VAL C 252 18.44 62.26 5.62
CA VAL C 252 17.56 62.60 6.71
C VAL C 252 16.16 62.14 6.37
N PHE C 253 15.35 61.88 7.38
CA PHE C 253 13.99 61.44 7.15
C PHE C 253 13.00 62.23 7.98
N ILE C 254 12.76 63.47 7.57
CA ILE C 254 11.81 64.32 8.28
C ILE C 254 10.48 63.60 8.24
N ASP C 255 10.13 62.98 9.37
CA ASP C 255 8.90 62.22 9.46
C ASP C 255 7.75 63.00 10.08
N GLU C 256 6.53 62.60 9.75
CA GLU C 256 5.32 63.22 10.27
C GLU C 256 5.15 64.64 9.80
N ILE C 257 5.93 65.04 8.80
CA ILE C 257 5.82 66.39 8.28
C ILE C 257 4.36 66.83 8.22
N ASP C 258 3.50 65.96 7.71
CA ASP C 258 2.08 66.26 7.60
C ASP C 258 1.52 66.90 8.85
N LYS C 259 1.99 66.46 10.01
CA LYS C 259 1.51 67.02 11.26
C LYS C 259 1.66 68.54 11.23
N ILE C 260 2.90 69.01 11.23
CA ILE C 260 3.17 70.43 11.18
C ILE C 260 2.57 71.00 9.90
N CYS C 261 1.32 71.41 9.94
CA CYS C 261 0.70 71.94 8.74
C CYS C 261 -0.31 73.07 8.94
N LYS C 262 -1.60 72.74 8.99
CA LYS C 262 -2.59 73.80 9.15
C LYS C 262 -4.00 73.42 9.57
N ARG C 263 -4.83 74.44 9.70
CA ARG C 263 -6.24 74.34 10.10
C ARG C 263 -6.86 75.74 10.03
N GLY C 264 -6.41 76.64 10.89
CA GLY C 264 -6.90 78.02 10.90
C GLY C 264 -8.11 78.39 11.75
N GLU C 265 -8.62 79.60 11.51
CA GLU C 265 -9.79 80.15 12.20
C GLU C 265 -9.53 80.83 13.55
N SER C 266 -8.31 80.67 14.06
CA SER C 266 -7.92 81.27 15.33
C SER C 266 -6.41 81.07 15.53
N SER C 267 -5.74 80.74 14.43
CA SER C 267 -4.29 80.50 14.37
C SER C 267 -3.58 80.57 15.73
N GLY C 268 -3.79 79.54 16.56
CA GLY C 268 -3.17 79.49 17.86
C GLY C 268 -1.89 78.68 17.79
N PRO C 269 -2.01 77.34 17.85
CA PRO C 269 -0.82 76.49 17.77
C PRO C 269 -0.32 76.41 16.33
N ASP C 270 -1.07 77.04 15.44
CA ASP C 270 -0.72 77.06 14.02
C ASP C 270 0.60 77.77 13.77
N VAL C 271 0.67 79.04 14.15
CA VAL C 271 1.89 79.82 13.96
C VAL C 271 3.06 79.23 14.75
N SER C 272 2.83 78.08 15.36
CA SER C 272 3.86 77.39 16.14
C SER C 272 4.40 76.21 15.33
N ARG C 273 3.48 75.48 14.70
CA ARG C 273 3.84 74.32 13.88
C ARG C 273 4.57 74.78 12.62
N GLU C 274 3.91 75.65 11.86
CA GLU C 274 4.48 76.17 10.63
C GLU C 274 5.92 76.61 10.90
N GLY C 275 6.09 77.39 11.97
CA GLY C 275 7.41 77.86 12.33
C GLY C 275 8.46 76.79 12.06
N VAL C 276 8.29 75.63 12.68
CA VAL C 276 9.23 74.54 12.50
C VAL C 276 9.62 74.43 11.03
N GLN C 277 8.62 74.27 10.17
CA GLN C 277 8.86 74.16 8.74
C GLN C 277 9.93 75.14 8.36
N ARG C 278 9.70 76.41 8.68
CA ARG C 278 10.65 77.46 8.40
C ARG C 278 11.97 77.09 9.07
N ASP C 279 11.91 76.82 10.37
CA ASP C 279 13.10 76.46 11.12
C ASP C 279 13.87 75.41 10.33
N LEU C 280 13.13 74.50 9.71
CA LEU C 280 13.74 73.43 8.93
C LEU C 280 14.37 73.93 7.65
N LEU C 281 13.65 74.77 6.93
CA LEU C 281 14.10 75.31 5.66
C LEU C 281 15.62 75.44 5.51
N PRO C 282 16.27 76.24 6.37
CA PRO C 282 17.72 76.40 6.28
C PRO C 282 18.49 75.11 6.01
N LEU C 283 18.14 74.06 6.74
CA LEU C 283 18.79 72.76 6.59
C LEU C 283 18.59 72.27 5.17
N VAL C 284 17.34 72.13 4.77
CA VAL C 284 17.04 71.67 3.42
C VAL C 284 17.65 72.66 2.44
N GLU C 285 17.32 73.93 2.64
CA GLU C 285 17.81 75.02 1.81
C GLU C 285 19.30 74.88 1.58
N GLY C 286 20.05 74.74 2.68
CA GLY C 286 21.48 74.60 2.58
C GLY C 286 22.16 75.56 3.53
N CYS C 287 22.58 75.05 4.68
CA CYS C 287 23.24 75.87 5.67
C CYS C 287 24.34 75.10 6.40
N THR C 288 24.95 75.75 7.39
CA THR C 288 26.01 75.13 8.18
C THR C 288 25.57 75.13 9.65
N VAL C 289 25.87 74.04 10.34
CA VAL C 289 25.51 73.93 11.76
C VAL C 289 26.70 73.60 12.62
N SER C 290 26.68 74.09 13.86
CA SER C 290 27.76 73.85 14.81
C SER C 290 27.60 72.53 15.54
N THR C 291 28.62 71.68 15.42
CA THR C 291 28.61 70.38 16.07
C THR C 291 29.89 70.19 16.85
N LYS C 292 29.82 69.40 17.92
CA LYS C 292 30.99 69.13 18.74
C LYS C 292 32.10 68.55 17.88
N HIS C 293 31.76 68.16 16.66
CA HIS C 293 32.73 67.57 15.73
C HIS C 293 33.19 68.57 14.68
N GLY C 294 32.55 69.74 14.66
CA GLY C 294 32.93 70.75 13.68
C GLY C 294 31.74 71.40 13.00
N MET C 295 31.93 71.76 11.73
CA MET C 295 30.87 72.40 10.95
C MET C 295 30.52 71.57 9.72
N VAL C 296 29.23 71.42 9.47
CA VAL C 296 28.73 70.64 8.33
C VAL C 296 27.77 71.46 7.48
N LYS C 297 27.81 71.21 6.16
CA LYS C 297 26.95 71.92 5.22
C LYS C 297 25.80 71.07 4.69
N THR C 298 24.62 71.30 5.24
CA THR C 298 23.42 70.57 4.83
C THR C 298 23.13 70.83 3.36
N ASP C 299 24.00 71.60 2.72
CA ASP C 299 23.85 71.92 1.31
C ASP C 299 23.37 70.70 0.54
N HIS C 300 24.24 69.70 0.45
CA HIS C 300 23.89 68.47 -0.26
C HIS C 300 23.64 67.36 0.74
N ILE C 301 22.37 67.11 1.01
CA ILE C 301 21.95 66.07 1.94
C ILE C 301 20.56 65.61 1.52
N LEU C 302 20.27 64.33 1.72
CA LEU C 302 18.98 63.82 1.33
C LEU C 302 17.98 63.86 2.46
N PHE C 303 17.07 64.83 2.39
CA PHE C 303 16.03 64.97 3.38
C PHE C 303 14.82 64.32 2.73
N ILE C 304 14.11 63.50 3.50
CA ILE C 304 12.94 62.85 2.96
C ILE C 304 11.78 63.02 3.91
N ALA C 305 10.97 64.04 3.63
CA ALA C 305 9.81 64.30 4.45
C ALA C 305 8.88 63.13 4.12
N SER C 306 7.82 62.98 4.89
CA SER C 306 6.89 61.89 4.65
C SER C 306 5.68 61.97 5.55
N GLY C 307 4.87 60.91 5.51
CA GLY C 307 3.66 60.84 6.32
C GLY C 307 2.42 60.77 5.44
N ALA C 308 1.34 60.22 5.98
CA ALA C 308 0.10 60.13 5.23
C ALA C 308 -0.69 61.39 5.54
N PHE C 309 -1.18 62.05 4.50
CA PHE C 309 -1.94 63.28 4.68
C PHE C 309 -3.42 62.97 4.65
N GLN C 310 -3.88 62.17 5.59
CA GLN C 310 -5.29 61.81 5.66
C GLN C 310 -6.09 63.08 5.92
N ILE C 311 -5.54 63.93 6.78
CA ILE C 311 -6.18 65.18 7.13
C ILE C 311 -5.68 66.31 6.25
N ALA C 312 -4.37 66.57 6.31
CA ALA C 312 -3.75 67.64 5.55
C ALA C 312 -3.42 67.29 4.10
N LYS C 313 -2.64 68.15 3.46
CA LYS C 313 -2.20 67.97 2.09
C LYS C 313 -0.88 68.67 1.91
N PRO C 314 -0.01 68.14 1.04
CA PRO C 314 1.30 68.76 0.82
C PRO C 314 1.13 70.25 0.56
N SER C 315 0.10 70.58 -0.21
CA SER C 315 -0.21 71.96 -0.55
C SER C 315 -0.32 72.80 0.73
N ASP C 316 -1.03 72.27 1.72
CA ASP C 316 -1.22 72.97 2.98
C ASP C 316 0.11 73.30 3.64
N LEU C 317 1.12 72.48 3.35
CA LEU C 317 2.45 72.70 3.92
C LEU C 317 3.02 74.01 3.38
N ILE C 318 3.86 74.66 4.18
CA ILE C 318 4.48 75.91 3.78
C ILE C 318 5.08 75.79 2.37
N PRO C 319 4.91 76.85 1.56
CA PRO C 319 5.41 76.89 0.18
C PRO C 319 6.91 76.68 0.04
N GLU C 320 7.69 77.63 0.53
CA GLU C 320 9.14 77.54 0.45
C GLU C 320 9.55 76.08 0.56
N LEU C 321 8.94 75.39 1.53
CA LEU C 321 9.22 73.98 1.75
C LEU C 321 8.58 73.17 0.63
N GLN C 322 7.29 73.42 0.44
CA GLN C 322 6.52 72.75 -0.60
C GLN C 322 7.36 72.74 -1.87
N GLY C 323 8.23 73.74 -1.99
CA GLY C 323 9.09 73.84 -3.15
C GLY C 323 10.41 73.15 -2.92
N ARG C 324 10.82 73.07 -1.66
CA ARG C 324 12.07 72.41 -1.35
C ARG C 324 11.87 70.91 -1.45
N LEU C 325 10.61 70.51 -1.58
CA LEU C 325 10.26 69.10 -1.73
C LEU C 325 9.79 68.92 -3.16
N PRO C 326 10.73 68.91 -4.11
CA PRO C 326 10.43 68.77 -5.54
C PRO C 326 9.91 67.39 -5.94
N ILE C 327 10.42 66.35 -5.30
CA ILE C 327 9.98 65.00 -5.63
C ILE C 327 8.92 64.50 -4.67
N ARG C 328 7.73 64.27 -5.21
CA ARG C 328 6.60 63.79 -4.43
C ARG C 328 6.12 62.45 -4.95
N VAL C 329 6.20 61.43 -4.10
CA VAL C 329 5.76 60.09 -4.48
C VAL C 329 4.73 59.54 -3.51
N GLU C 330 3.80 58.76 -4.04
CA GLU C 330 2.74 58.17 -3.24
C GLU C 330 3.02 56.70 -2.94
N LEU C 331 2.53 56.22 -1.79
CA LEU C 331 2.69 54.83 -1.40
C LEU C 331 1.33 54.22 -1.13
N GLN C 332 1.12 53.01 -1.62
CA GLN C 332 -0.14 52.32 -1.45
C GLN C 332 -0.06 51.24 -0.38
N ALA C 333 -1.20 50.97 0.24
CA ALA C 333 -1.28 49.97 1.30
C ALA C 333 -0.93 48.58 0.78
N LEU C 334 -0.24 47.80 1.60
CA LEU C 334 0.14 46.46 1.23
C LEU C 334 -1.05 45.52 1.38
N THR C 335 -1.21 44.63 0.41
CA THR C 335 -2.29 43.66 0.43
C THR C 335 -1.79 42.36 1.02
N THR C 336 -2.72 41.51 1.44
CA THR C 336 -2.38 40.21 2.03
C THR C 336 -1.24 39.56 1.25
N SER C 337 -1.42 39.46 -0.07
CA SER C 337 -0.41 38.88 -0.94
C SER C 337 0.94 39.45 -0.54
N ASP C 338 1.00 40.78 -0.51
CA ASP C 338 2.23 41.46 -0.15
C ASP C 338 2.70 40.91 1.19
N PHE C 339 1.79 40.86 2.16
CA PHE C 339 2.09 40.34 3.48
C PHE C 339 2.83 39.02 3.31
N GLU C 340 2.11 38.01 2.82
CA GLU C 340 2.68 36.69 2.60
C GLU C 340 4.11 36.85 2.09
N ARG C 341 4.24 37.53 0.96
CA ARG C 341 5.54 37.77 0.37
C ARG C 341 6.50 38.26 1.44
N ILE C 342 6.07 39.27 2.19
CA ILE C 342 6.88 39.84 3.26
C ILE C 342 7.33 38.78 4.26
N LEU C 343 6.50 37.76 4.45
CA LEU C 343 6.83 36.71 5.40
C LEU C 343 7.79 35.68 4.81
N THR C 344 8.32 35.94 3.61
CA THR C 344 9.22 34.97 3.00
C THR C 344 10.35 35.52 2.15
N GLU C 345 10.03 35.87 0.91
CA GLU C 345 10.99 36.40 -0.06
C GLU C 345 12.10 37.27 0.52
N PRO C 346 11.73 38.31 1.28
CA PRO C 346 12.73 39.20 1.87
C PRO C 346 13.83 38.49 2.63
N ASN C 347 15.06 38.93 2.42
CA ASN C 347 16.21 38.35 3.09
C ASN C 347 16.04 38.54 4.59
N ALA C 348 16.10 37.44 5.32
CA ALA C 348 15.96 37.47 6.78
C ALA C 348 14.55 37.81 7.26
N SER C 349 13.55 37.40 6.48
CA SER C 349 12.17 37.66 6.85
C SER C 349 11.88 37.07 8.24
N ILE C 350 10.93 37.66 8.93
CA ILE C 350 10.56 37.20 10.27
C ILE C 350 10.64 35.69 10.36
N THR C 351 9.77 35.01 9.60
CA THR C 351 9.75 33.56 9.57
C THR C 351 11.16 33.02 9.44
N VAL C 352 11.85 33.47 8.40
CA VAL C 352 13.22 33.04 8.14
C VAL C 352 14.02 33.15 9.43
N GLN C 353 13.91 34.31 10.07
CA GLN C 353 14.61 34.54 11.32
C GLN C 353 14.12 33.50 12.31
N TYR C 354 12.82 33.53 12.59
CA TYR C 354 12.20 32.60 13.51
C TYR C 354 12.69 31.19 13.24
N LYS C 355 12.74 30.83 11.96
CA LYS C 355 13.19 29.51 11.56
C LYS C 355 14.54 29.25 12.23
N ALA C 356 15.53 30.06 11.85
CA ALA C 356 16.87 29.93 12.42
C ALA C 356 16.79 30.09 13.93
N LEU C 357 16.02 31.09 14.35
CA LEU C 357 15.84 31.38 15.76
C LEU C 357 15.38 30.15 16.52
N MET C 358 14.40 29.44 15.97
CA MET C 358 13.89 28.25 16.61
C MET C 358 14.93 27.15 16.52
N ALA C 359 15.48 26.99 15.33
CA ALA C 359 16.49 25.98 15.09
C ALA C 359 17.61 26.11 16.10
N THR C 360 17.82 27.33 16.60
CA THR C 360 18.87 27.58 17.59
C THR C 360 18.72 26.64 18.78
N GLU C 361 17.49 26.47 19.24
CA GLU C 361 17.22 25.58 20.36
C GLU C 361 17.21 24.16 19.84
N GLY C 362 17.83 23.97 18.68
CA GLY C 362 17.88 22.65 18.07
C GLY C 362 16.51 22.11 17.77
N VAL C 363 15.81 22.76 16.85
CA VAL C 363 14.48 22.32 16.47
C VAL C 363 14.00 22.99 15.20
N ASN C 364 13.74 22.17 14.18
CA ASN C 364 13.28 22.70 12.90
C ASN C 364 11.78 22.79 12.86
N ILE C 365 11.32 23.92 12.34
CA ILE C 365 9.90 24.21 12.20
C ILE C 365 9.70 24.37 10.70
N GLU C 366 8.44 24.43 10.26
CA GLU C 366 8.18 24.59 8.84
C GLU C 366 6.85 25.29 8.63
N PHE C 367 6.88 26.39 7.89
CA PHE C 367 5.67 27.16 7.60
C PHE C 367 5.11 26.71 6.26
N THR C 368 3.83 26.31 6.25
CA THR C 368 3.17 25.87 5.03
C THR C 368 2.67 27.03 4.22
N ASP C 369 2.70 26.91 2.90
CA ASP C 369 2.21 27.96 2.03
C ASP C 369 0.79 28.25 2.50
N SER C 370 0.17 27.24 3.10
CA SER C 370 -1.19 27.35 3.63
C SER C 370 -1.16 28.11 4.94
N GLY C 371 -0.26 27.72 5.85
CA GLY C 371 -0.15 28.40 7.12
C GLY C 371 0.22 29.85 6.90
N ILE C 372 1.24 30.09 6.08
CA ILE C 372 1.70 31.43 5.77
C ILE C 372 0.48 32.28 5.44
N LYS C 373 -0.27 31.86 4.43
CA LYS C 373 -1.46 32.57 4.01
C LYS C 373 -2.29 32.94 5.23
N ARG C 374 -2.46 31.99 6.13
CA ARG C 374 -3.23 32.24 7.34
C ARG C 374 -2.65 33.45 8.05
N ILE C 375 -1.41 33.30 8.54
CA ILE C 375 -0.74 34.41 9.22
C ILE C 375 -1.11 35.71 8.54
N ALA C 376 -0.67 35.86 7.29
CA ALA C 376 -0.96 37.06 6.50
C ALA C 376 -2.44 37.40 6.62
N GLU C 377 -3.29 36.45 6.26
CA GLU C 377 -4.72 36.65 6.34
C GLU C 377 -5.06 37.15 7.73
N ALA C 378 -4.59 36.42 8.73
CA ALA C 378 -4.82 36.76 10.13
C ALA C 378 -4.47 38.22 10.31
N ALA C 379 -3.18 38.52 10.17
CA ALA C 379 -2.70 39.88 10.31
C ALA C 379 -3.70 40.82 9.67
N TRP C 380 -3.87 40.70 8.36
CA TRP C 380 -4.79 41.54 7.62
C TRP C 380 -6.11 41.74 8.34
N GLN C 381 -6.79 40.64 8.63
CA GLN C 381 -8.08 40.70 9.30
C GLN C 381 -8.07 41.67 10.46
N VAL C 382 -7.12 41.51 11.37
CA VAL C 382 -7.03 42.38 12.52
C VAL C 382 -7.05 43.84 12.09
N ASN C 383 -6.21 44.18 11.12
CA ASN C 383 -6.15 45.54 10.61
C ASN C 383 -7.51 46.00 10.11
N GLU C 384 -8.28 45.08 9.55
CA GLU C 384 -9.60 45.40 9.03
C GLU C 384 -10.70 45.29 10.08
N SER C 385 -10.42 45.78 11.28
CA SER C 385 -11.39 45.73 12.36
C SER C 385 -10.95 46.64 13.51
N THR C 386 -9.64 46.79 13.66
CA THR C 386 -9.09 47.64 14.71
C THR C 386 -8.41 48.84 14.08
N GLU C 387 -7.16 48.66 13.66
CA GLU C 387 -6.39 49.73 13.04
C GLU C 387 -5.43 49.14 12.01
N ASN C 388 -5.47 49.64 10.78
CA ASN C 388 -4.60 49.14 9.73
C ASN C 388 -3.14 49.57 9.91
N ILE C 389 -2.49 49.05 10.93
CA ILE C 389 -1.10 49.38 11.20
C ILE C 389 -0.16 48.71 10.19
N GLY C 390 -0.72 48.26 9.07
CA GLY C 390 0.07 47.61 8.04
C GLY C 390 1.04 46.54 8.51
N ALA C 391 2.10 46.36 7.73
CA ALA C 391 3.14 45.37 7.99
C ALA C 391 3.42 45.09 9.47
N ARG C 392 3.59 46.14 10.25
CA ARG C 392 3.88 46.00 11.68
C ARG C 392 3.02 44.89 12.31
N ARG C 393 1.78 44.80 11.85
CA ARG C 393 0.85 43.80 12.36
C ARG C 393 1.50 42.42 12.42
N LEU C 394 2.05 41.98 11.30
CA LEU C 394 2.68 40.68 11.20
C LEU C 394 3.47 40.29 12.43
N HIS C 395 4.58 40.99 12.67
CA HIS C 395 5.45 40.72 13.81
C HIS C 395 4.68 40.15 14.99
N THR C 396 3.61 40.85 15.38
CA THR C 396 2.77 40.40 16.47
C THR C 396 2.20 39.03 16.11
N VAL C 397 1.16 39.06 15.27
CA VAL C 397 0.50 37.85 14.80
C VAL C 397 1.40 36.64 14.97
N LEU C 398 2.44 36.60 14.16
CA LEU C 398 3.41 35.50 14.17
C LEU C 398 3.95 35.18 15.56
N GLU C 399 4.68 36.12 16.13
CA GLU C 399 5.28 35.92 17.43
C GLU C 399 4.32 35.31 18.43
N ARG C 400 3.05 35.71 18.39
CA ARG C 400 2.08 35.14 19.31
C ARG C 400 1.71 33.75 18.83
N LEU C 401 1.65 33.60 17.52
CA LEU C 401 1.33 32.31 16.92
C LEU C 401 2.35 31.28 17.41
N MET C 402 3.58 31.74 17.63
CA MET C 402 4.67 30.88 18.07
C MET C 402 4.93 30.94 19.57
N GLU C 403 3.89 31.24 20.34
CA GLU C 403 4.02 31.32 21.78
C GLU C 403 4.68 30.06 22.35
N GLU C 404 3.89 28.99 22.46
CA GLU C 404 4.35 27.71 23.00
C GLU C 404 5.68 27.31 22.42
N ILE C 405 5.70 27.04 21.13
CA ILE C 405 6.91 26.64 20.45
C ILE C 405 8.11 27.41 20.98
N SER C 406 7.98 28.74 21.03
CA SER C 406 9.06 29.60 21.51
C SER C 406 9.42 29.29 22.96
N TYR C 407 8.44 28.84 23.73
CA TYR C 407 8.67 28.49 25.12
C TYR C 407 9.14 27.04 25.19
N ASP C 408 8.23 26.14 24.81
CA ASP C 408 8.55 24.74 24.80
C ASP C 408 9.50 24.52 23.64
N ALA C 409 10.78 24.74 23.90
CA ALA C 409 11.80 24.59 22.88
C ALA C 409 12.81 23.55 23.33
N SER C 410 13.63 23.94 24.30
CA SER C 410 14.67 23.06 24.85
C SER C 410 14.28 21.59 24.90
N ASP C 411 13.03 21.31 25.26
CA ASP C 411 12.54 19.94 25.35
C ASP C 411 12.34 19.32 23.98
N LEU C 412 11.85 20.11 23.04
CA LEU C 412 11.60 19.64 21.67
C LEU C 412 12.89 19.17 20.99
N SER C 413 13.98 19.89 21.27
CA SER C 413 15.30 19.60 20.71
C SER C 413 15.35 18.36 19.83
N GLY C 414 15.59 18.56 18.54
CA GLY C 414 15.65 17.45 17.62
C GLY C 414 14.29 17.12 17.05
N GLN C 415 13.24 17.55 17.74
CA GLN C 415 11.88 17.30 17.29
C GLN C 415 11.64 18.01 15.97
N ASN C 416 10.46 17.81 15.40
CA ASN C 416 10.12 18.45 14.15
C ASN C 416 8.65 18.84 14.13
N ILE C 417 8.38 20.10 13.82
CA ILE C 417 7.00 20.60 13.79
C ILE C 417 6.75 21.48 12.57
N THR C 418 5.55 21.36 12.02
CA THR C 418 5.18 22.12 10.85
C THR C 418 4.04 23.06 11.18
N ILE C 419 4.28 24.35 10.96
CA ILE C 419 3.27 25.37 11.22
C ILE C 419 2.33 25.40 10.01
N ASP C 420 1.42 24.43 9.95
CA ASP C 420 0.46 24.34 8.86
C ASP C 420 -0.75 25.22 9.10
N ALA C 421 -1.58 25.38 8.08
CA ALA C 421 -2.77 26.20 8.21
C ALA C 421 -3.53 25.83 9.48
N ASP C 422 -3.77 24.54 9.69
CA ASP C 422 -4.48 24.06 10.85
C ASP C 422 -3.84 24.48 12.17
N TYR C 423 -2.59 24.94 12.09
CA TYR C 423 -1.89 25.37 13.30
C TYR C 423 -2.30 26.81 13.59
N VAL C 424 -1.86 27.73 12.74
CA VAL C 424 -2.21 29.14 12.90
C VAL C 424 -3.66 29.25 13.30
N SER C 425 -4.54 28.81 12.42
CA SER C 425 -5.97 28.85 12.63
C SER C 425 -6.34 28.42 14.05
N LYS C 426 -5.56 27.51 14.63
CA LYS C 426 -5.86 27.05 15.99
C LYS C 426 -5.64 28.14 17.01
N HIS C 427 -4.47 28.77 16.97
CA HIS C 427 -4.13 29.82 17.92
C HIS C 427 -4.72 31.19 17.60
N LEU C 428 -4.52 31.64 16.36
CA LEU C 428 -5.01 32.95 15.95
C LEU C 428 -6.51 33.05 15.74
N ASP C 429 -7.05 32.20 14.87
CA ASP C 429 -8.49 32.22 14.57
C ASP C 429 -9.30 32.64 15.78
N ALA C 430 -9.02 32.00 16.91
CA ALA C 430 -9.72 32.30 18.16
C ALA C 430 -9.70 33.79 18.44
N LEU C 431 -8.50 34.35 18.48
CA LEU C 431 -8.32 35.76 18.75
C LEU C 431 -8.93 36.63 17.66
N VAL C 432 -8.30 36.63 16.49
CA VAL C 432 -8.77 37.42 15.37
C VAL C 432 -10.29 37.55 15.36
N ALA C 433 -10.97 36.50 15.81
CA ALA C 433 -12.42 36.48 15.87
C ALA C 433 -12.99 37.70 16.60
N ASP C 434 -12.72 37.77 17.90
CA ASP C 434 -13.21 38.87 18.73
C ASP C 434 -12.26 40.06 18.71
N GLU C 435 -12.83 41.26 18.80
CA GLU C 435 -12.06 42.49 18.80
C GLU C 435 -11.23 42.55 20.07
N ASP C 436 -11.58 43.49 20.95
CA ASP C 436 -10.89 43.66 22.23
C ASP C 436 -9.48 43.09 22.23
N LEU C 437 -9.37 41.83 22.62
CA LEU C 437 -8.10 41.12 22.69
C LEU C 437 -7.14 41.58 21.60
N SER C 438 -7.58 41.44 20.36
CA SER C 438 -6.77 41.86 19.22
C SER C 438 -6.18 43.23 19.52
N ARG C 439 -7.06 44.15 19.88
CA ARG C 439 -6.67 45.51 20.21
C ARG C 439 -5.73 45.52 21.40
N PHE C 440 -5.67 44.38 22.09
CA PHE C 440 -4.81 44.26 23.26
C PHE C 440 -3.51 43.53 22.99
N ILE C 441 -3.61 42.32 22.44
CA ILE C 441 -2.42 41.53 22.18
C ILE C 441 -2.17 41.28 20.71
N LEU C 442 -2.41 42.29 19.89
CA LEU C 442 -2.18 42.15 18.45
C LEU C 442 -1.94 43.49 17.79
N SER D 1 25.65 29.62 27.96
CA SER D 1 24.75 28.59 28.56
C SER D 1 23.86 29.20 29.64
N GLU D 2 22.72 29.75 29.23
CA GLU D 2 21.78 30.36 30.17
C GLU D 2 20.75 29.34 30.64
N MET D 3 19.71 29.81 31.32
CA MET D 3 18.66 28.93 31.81
C MET D 3 17.58 28.75 30.76
N THR D 4 17.04 27.53 30.67
CA THR D 4 15.99 27.24 29.72
C THR D 4 14.76 28.06 30.04
N PRO D 5 13.87 28.25 29.05
CA PRO D 5 12.65 29.04 29.30
C PRO D 5 12.02 28.64 30.62
N ARG D 6 11.74 27.35 30.77
CA ARG D 6 11.14 26.82 31.98
C ARG D 6 12.10 27.06 33.14
N GLU D 7 13.37 26.77 32.91
CA GLU D 7 14.40 26.96 33.92
C GLU D 7 14.29 28.36 34.51
N ILE D 8 14.22 29.35 33.63
CA ILE D 8 14.10 30.74 34.07
C ILE D 8 12.89 30.85 34.97
N VAL D 9 11.73 30.50 34.42
CA VAL D 9 10.48 30.56 35.15
C VAL D 9 10.60 29.98 36.56
N SER D 10 11.19 28.80 36.69
CA SER D 10 11.34 28.17 38.00
C SER D 10 12.00 29.14 38.97
N GLU D 11 13.06 29.80 38.53
CA GLU D 11 13.78 30.76 39.36
C GLU D 11 12.86 31.89 39.82
N LEU D 12 11.91 32.26 38.95
CA LEU D 12 10.96 33.31 39.27
C LEU D 12 9.94 32.78 40.27
N ASP D 13 9.48 31.55 40.03
CA ASP D 13 8.50 30.89 40.88
C ASP D 13 8.93 30.95 42.34
N LYS D 14 10.23 31.08 42.56
CA LYS D 14 10.79 31.16 43.91
C LYS D 14 10.19 32.33 44.69
N HIS D 15 10.58 33.55 44.31
CA HIS D 15 10.08 34.75 44.97
C HIS D 15 9.05 35.42 44.07
N ILE D 16 7.83 34.90 44.08
CA ILE D 16 6.75 35.43 43.27
C ILE D 16 5.48 34.62 43.52
N ILE D 17 4.55 34.66 42.58
CA ILE D 17 3.31 33.92 42.73
C ILE D 17 2.79 33.49 41.37
N GLY D 18 1.52 33.79 41.10
CA GLY D 18 0.93 33.43 39.83
C GLY D 18 1.59 34.15 38.67
N GLN D 19 0.78 34.80 37.84
CA GLN D 19 1.31 35.52 36.70
C GLN D 19 2.20 34.59 35.89
N ASP D 20 1.93 33.30 36.00
CA ASP D 20 2.69 32.29 35.29
C ASP D 20 3.09 32.73 33.89
N ASN D 21 2.09 32.88 33.02
CA ASN D 21 2.34 33.31 31.65
C ASN D 21 3.33 34.47 31.65
N ALA D 22 3.05 35.48 32.45
CA ALA D 22 3.94 36.63 32.54
C ALA D 22 5.35 36.10 32.71
N LYS D 23 5.54 35.32 33.77
CA LYS D 23 6.85 34.74 34.04
C LYS D 23 7.32 34.07 32.76
N ARG D 24 6.46 33.21 32.20
CA ARG D 24 6.79 32.52 30.98
C ARG D 24 7.31 33.54 29.98
N SER D 25 6.42 34.42 29.53
CA SER D 25 6.76 35.46 28.56
C SER D 25 8.06 36.17 28.88
N VAL D 26 8.16 36.71 30.08
CA VAL D 26 9.36 37.43 30.47
C VAL D 26 10.55 36.50 30.33
N ALA D 27 10.34 35.22 30.64
CA ALA D 27 11.39 34.21 30.56
C ALA D 27 11.82 34.06 29.10
N ILE D 28 10.87 33.74 28.23
CA ILE D 28 11.13 33.57 26.81
C ILE D 28 12.07 34.68 26.36
N ALA D 29 11.61 35.91 26.51
CA ALA D 29 12.38 37.07 26.13
C ALA D 29 13.85 36.83 26.48
N LEU D 30 14.11 36.62 27.77
CA LEU D 30 15.46 36.38 28.25
C LEU D 30 16.17 35.32 27.40
N ARG D 31 15.51 34.20 27.18
CA ARG D 31 16.08 33.12 26.39
C ARG D 31 16.50 33.59 25.01
N ASN D 32 15.55 34.13 24.26
CA ASN D 32 15.82 34.62 22.91
C ASN D 32 17.14 35.35 22.87
N ARG D 33 17.39 36.17 23.89
CA ARG D 33 18.64 36.93 23.98
C ARG D 33 19.76 36.00 23.59
N TRP D 34 19.78 34.83 24.21
CA TRP D 34 20.79 33.84 23.94
C TRP D 34 20.72 33.44 22.47
N ARG D 35 19.57 32.93 22.06
CA ARG D 35 19.38 32.49 20.68
C ARG D 35 19.83 33.56 19.69
N ARG D 36 19.44 34.80 19.95
CA ARG D 36 19.82 35.92 19.09
C ARG D 36 21.32 35.87 18.80
N MET D 37 22.12 36.24 19.78
CA MET D 37 23.57 36.23 19.63
C MET D 37 24.08 34.78 19.63
N GLN D 38 23.83 34.08 18.53
CA GLN D 38 24.26 32.70 18.36
C GLN D 38 23.95 32.23 16.95
N LEU D 39 23.95 33.19 16.02
CA LEU D 39 23.67 32.88 14.63
C LEU D 39 24.78 33.42 13.72
N ASN D 40 24.39 34.02 12.61
CA ASN D 40 25.35 34.57 11.65
C ASN D 40 25.23 36.09 11.60
N GLU D 41 26.37 36.74 11.37
CA GLU D 41 26.43 38.20 11.31
C GLU D 41 25.18 38.86 10.74
N GLU D 42 24.68 38.35 9.61
CA GLU D 42 23.50 38.91 8.97
C GLU D 42 22.40 39.21 9.99
N LEU D 43 21.81 38.16 10.54
CA LEU D 43 20.75 38.31 11.53
C LEU D 43 21.34 38.56 12.90
N ARG D 44 22.53 38.03 13.14
CA ARG D 44 23.23 38.18 14.43
C ARG D 44 22.89 39.55 15.02
N HIS D 45 23.03 40.58 14.20
CA HIS D 45 22.71 41.94 14.61
C HIS D 45 21.66 42.45 13.64
N GLU D 46 20.58 41.67 13.54
CA GLU D 46 19.46 41.98 12.67
C GLU D 46 18.13 41.50 13.24
N VAL D 47 18.18 40.92 14.44
CA VAL D 47 16.96 40.44 15.10
C VAL D 47 16.65 41.39 16.26
N THR D 48 15.51 42.07 16.16
CA THR D 48 15.09 43.01 17.18
C THR D 48 14.62 42.32 18.45
N PRO D 49 15.30 42.60 19.58
CA PRO D 49 14.90 41.97 20.84
C PRO D 49 13.42 42.22 21.10
N LYS D 50 12.62 41.16 21.04
CA LYS D 50 11.19 41.28 21.27
C LYS D 50 10.90 41.92 22.62
N ASN D 51 10.04 42.94 22.63
CA ASN D 51 9.70 43.65 23.86
C ASN D 51 8.33 43.28 24.40
N ILE D 52 8.26 43.11 25.72
CA ILE D 52 7.03 42.74 26.39
C ILE D 52 6.18 43.91 26.87
N LEU D 53 4.88 43.78 26.70
CA LEU D 53 3.94 44.79 27.14
C LEU D 53 3.03 44.13 28.15
N MET D 54 3.42 44.18 29.42
CA MET D 54 2.62 43.58 30.46
C MET D 54 1.30 44.34 30.58
N ILE D 55 0.19 43.62 30.56
CA ILE D 55 -1.12 44.24 30.67
C ILE D 55 -1.82 43.75 31.94
N GLY D 56 -1.60 44.45 33.05
CA GLY D 56 -2.21 44.05 34.30
C GLY D 56 -2.36 45.18 35.30
N PRO D 57 -3.15 44.97 36.37
CA PRO D 57 -3.39 46.00 37.40
C PRO D 57 -2.45 46.06 38.61
N THR D 58 -2.39 47.27 39.17
CA THR D 58 -1.61 47.62 40.37
C THR D 58 -0.22 47.00 40.62
N GLY D 59 0.66 47.09 39.64
CA GLY D 59 2.01 46.55 39.75
C GLY D 59 2.12 45.36 40.67
N VAL D 60 1.05 44.56 40.70
CA VAL D 60 0.98 43.38 41.55
C VAL D 60 1.81 42.22 40.99
N GLY D 61 3.13 42.39 41.09
CA GLY D 61 4.04 41.37 40.60
C GLY D 61 4.80 41.88 39.40
N LYS D 62 4.07 42.30 38.37
CA LYS D 62 4.68 42.81 37.13
C LYS D 62 5.94 43.57 37.47
N THR D 63 5.79 44.54 38.37
CA THR D 63 6.92 45.33 38.81
C THR D 63 8.01 44.34 39.22
N GLU D 64 7.70 43.53 40.23
CA GLU D 64 8.62 42.54 40.76
C GLU D 64 9.20 41.60 39.70
N ILE D 65 8.33 40.89 39.00
CA ILE D 65 8.76 39.95 37.98
C ILE D 65 9.94 40.54 37.20
N ALA D 66 9.70 41.69 36.58
CA ALA D 66 10.71 42.38 35.81
C ALA D 66 11.96 42.53 36.66
N ARG D 67 11.77 43.10 37.84
CA ARG D 67 12.87 43.31 38.78
C ARG D 67 13.64 41.99 38.93
N ARG D 68 12.99 41.01 39.56
CA ARG D 68 13.60 39.70 39.78
C ARG D 68 14.29 39.16 38.54
N LEU D 69 13.51 39.00 37.48
CA LEU D 69 14.03 38.50 36.22
C LEU D 69 15.39 39.11 35.91
N ALA D 70 15.37 40.41 35.62
CA ALA D 70 16.60 41.14 35.30
C ALA D 70 17.69 40.86 36.32
N LYS D 71 17.31 40.76 37.58
CA LYS D 71 18.28 40.50 38.64
C LYS D 71 19.00 39.17 38.39
N LEU D 72 18.25 38.07 38.47
CA LEU D 72 18.83 36.75 38.26
C LEU D 72 19.49 36.65 36.90
N ALA D 73 18.89 37.28 35.89
CA ALA D 73 19.46 37.26 34.55
C ALA D 73 20.70 38.14 34.51
N ASN D 74 21.00 38.77 35.63
CA ASN D 74 22.16 39.65 35.77
C ASN D 74 22.22 40.67 34.62
N ALA D 75 21.69 41.86 34.88
CA ALA D 75 21.67 42.91 33.87
C ALA D 75 21.12 44.23 34.42
N PRO D 76 21.49 45.36 33.80
CA PRO D 76 21.03 46.69 34.21
C PRO D 76 19.53 46.90 34.06
N PHE D 77 18.84 47.08 35.19
CA PHE D 77 17.41 47.31 35.16
C PHE D 77 17.07 48.75 35.55
N ILE D 78 15.86 49.18 35.22
CA ILE D 78 15.43 50.53 35.54
C ILE D 78 13.92 50.73 35.44
N LYS D 79 13.31 51.10 36.56
CA LYS D 79 11.88 51.35 36.60
C LYS D 79 11.66 52.79 36.18
N VAL D 80 10.82 52.99 35.18
CA VAL D 80 10.55 54.33 34.70
C VAL D 80 9.06 54.54 34.51
N GLU D 81 8.51 55.59 35.12
CA GLU D 81 7.09 55.86 34.99
C GLU D 81 6.81 56.67 33.73
N ALA D 82 6.00 56.09 32.86
CA ALA D 82 5.63 56.73 31.60
C ALA D 82 5.30 58.20 31.80
N THR D 83 4.18 58.45 32.49
CA THR D 83 3.72 59.81 32.75
C THR D 83 4.82 60.75 33.20
N LYS D 84 5.80 60.22 33.91
CA LYS D 84 6.91 61.03 34.41
C LYS D 84 7.56 61.89 33.34
N PHE D 85 7.02 61.89 32.13
CA PHE D 85 7.59 62.66 31.04
C PHE D 85 6.62 63.64 30.38
N THR D 86 5.41 63.68 30.90
CA THR D 86 4.41 64.59 30.37
C THR D 86 4.46 65.91 31.12
N GLU D 87 4.27 67.00 30.38
CA GLU D 87 4.30 68.36 30.90
C GLU D 87 5.72 68.91 31.04
N VAL D 88 5.82 70.24 31.07
CA VAL D 88 7.09 70.95 31.18
C VAL D 88 8.02 70.48 32.30
N GLY D 89 9.18 71.12 32.40
CA GLY D 89 10.16 70.75 33.41
C GLY D 89 11.22 69.86 32.79
N TYR D 90 10.83 68.63 32.47
CA TYR D 90 11.74 67.67 31.84
C TYR D 90 10.95 66.86 30.82
N VAL D 91 11.13 67.21 29.54
CA VAL D 91 10.41 66.54 28.46
C VAL D 91 11.33 65.71 27.57
N GLY D 92 11.61 66.24 26.39
CA GLY D 92 12.46 65.54 25.45
C GLY D 92 13.77 65.05 26.06
N LYS D 93 14.50 65.97 26.69
CA LYS D 93 15.77 65.60 27.30
C LYS D 93 15.59 64.67 28.49
N GLU D 94 14.33 64.48 28.88
CA GLU D 94 14.03 63.62 30.00
C GLU D 94 13.74 62.20 29.52
N VAL D 95 13.06 62.08 28.39
CA VAL D 95 12.75 60.75 27.86
C VAL D 95 14.04 59.99 27.58
N ASP D 96 15.04 60.72 27.11
CA ASP D 96 16.33 60.12 26.81
C ASP D 96 17.03 59.78 28.11
N SER D 97 16.60 60.44 29.19
CA SER D 97 17.20 60.21 30.49
C SER D 97 17.15 58.72 30.76
N ILE D 98 15.96 58.15 30.58
CA ILE D 98 15.73 56.72 30.80
C ILE D 98 17.02 55.93 30.61
N ILE D 99 17.55 55.99 29.39
CA ILE D 99 18.79 55.32 29.05
C ILE D 99 19.83 55.81 30.04
N ARG D 100 20.20 57.07 29.88
CA ARG D 100 21.17 57.71 30.73
C ARG D 100 21.06 57.15 32.14
N ASP D 101 19.91 57.36 32.77
CA ASP D 101 19.67 56.88 34.12
C ASP D 101 20.17 55.45 34.24
N LEU D 102 19.60 54.57 33.42
CA LEU D 102 19.98 53.17 33.42
C LEU D 102 21.48 53.00 33.25
N THR D 103 22.01 53.60 32.19
CA THR D 103 23.43 53.51 31.89
C THR D 103 24.26 53.75 33.15
N ASP D 104 23.82 54.71 33.95
CA ASP D 104 24.51 55.04 35.20
C ASP D 104 24.24 53.96 36.23
N ALA D 105 22.97 53.60 36.36
CA ALA D 105 22.57 52.55 37.29
C ALA D 105 23.30 51.28 36.86
N ALA D 106 23.89 51.34 35.68
CA ALA D 106 24.63 50.22 35.12
C ALA D 106 26.09 50.35 35.51
N VAL D 107 26.69 51.48 35.16
CA VAL D 107 28.10 51.72 35.48
C VAL D 107 28.37 51.41 36.95
N LYS D 108 27.37 51.66 37.79
CA LYS D 108 27.51 51.38 39.21
C LYS D 108 27.45 49.88 39.38
N MET D 109 26.62 49.24 38.57
CA MET D 109 26.47 47.79 38.61
C MET D 109 27.80 47.14 38.29
N VAL D 110 28.32 47.40 37.09
CA VAL D 110 29.60 46.84 36.66
C VAL D 110 30.64 47.14 37.74
N ARG D 111 30.38 48.15 38.55
CA ARG D 111 31.27 48.55 39.62
C ARG D 111 31.09 47.69 40.87
N VAL D 112 29.83 47.45 41.25
CA VAL D 112 29.54 46.65 42.42
C VAL D 112 30.04 45.22 42.22
N GLN D 113 30.40 44.91 40.98
CA GLN D 113 30.90 43.58 40.62
C GLN D 113 32.38 43.58 40.27
N ALA D 114 32.81 44.56 39.49
CA ALA D 114 34.23 44.65 39.12
C ALA D 114 35.08 44.69 40.39
N ILE D 115 34.44 45.06 41.50
CA ILE D 115 35.10 45.13 42.79
C ILE D 115 34.98 43.80 43.51
N GLU D 116 33.86 43.13 43.31
CA GLU D 116 33.59 41.83 43.91
C GLU D 116 34.65 40.81 43.54
N LYS D 117 35.13 40.88 42.30
CA LYS D 117 36.16 39.97 41.79
C LYS D 117 37.50 40.33 42.42
N ASN D 118 37.84 41.61 42.36
CA ASN D 118 39.10 42.10 42.92
C ASN D 118 38.95 42.35 44.42
N ARG D 119 38.06 41.58 45.05
CA ARG D 119 37.81 41.66 46.49
C ARG D 119 38.79 40.74 47.20
N TYR D 120 39.95 40.53 46.57
CA TYR D 120 40.99 39.66 47.10
C TYR D 120 42.29 40.43 47.34
N ARG D 121 42.75 41.14 46.31
CA ARG D 121 43.99 41.91 46.39
C ARG D 121 43.84 43.15 47.28
N ALA D 122 42.68 43.26 47.93
CA ALA D 122 42.41 44.39 48.82
C ALA D 122 42.82 44.05 50.25
N GLU D 123 42.14 43.06 50.84
CA GLU D 123 42.40 42.62 52.22
C GLU D 123 43.74 41.89 52.34
N GLU D 124 44.15 41.23 51.27
CA GLU D 124 45.41 40.49 51.25
C GLU D 124 46.58 41.46 51.17
N LEU D 125 46.37 42.56 50.45
CA LEU D 125 47.39 43.58 50.30
C LEU D 125 47.17 44.65 51.38
N ALA D 126 46.07 44.51 52.10
CA ALA D 126 45.73 45.42 53.19
C ALA D 126 46.32 44.83 54.47
N GLU D 127 46.62 43.54 54.40
CA GLU D 127 47.21 42.82 55.53
C GLU D 127 48.72 42.75 55.35
N GLU D 128 49.15 42.39 54.14
CA GLU D 128 50.57 42.27 53.84
C GLU D 128 51.26 43.63 53.94
N ARG D 129 50.51 44.70 53.68
CA ARG D 129 51.05 46.05 53.76
C ARG D 129 51.29 46.38 55.23
N ILE D 130 50.37 45.94 56.08
CA ILE D 130 50.47 46.18 57.51
C ILE D 130 51.03 44.93 58.19
N LEU D 131 51.50 44.00 57.36
CA LEU D 131 52.09 42.75 57.83
C LEU D 131 53.59 43.02 57.99
N ASP D 132 54.05 44.07 57.33
CA ASP D 132 55.45 44.48 57.37
C ASP D 132 55.71 45.46 58.51
N VAL D 133 55.29 45.08 59.71
CA VAL D 133 55.49 45.92 60.90
C VAL D 133 55.53 45.07 62.18
N LEU D 134 56.64 45.19 62.90
CA LEU D 134 56.89 44.48 64.16
C LEU D 134 58.38 44.19 64.29
N ILE D 135 58.82 43.10 63.66
CA ILE D 135 60.21 42.70 63.70
C ILE D 135 60.69 42.30 62.31
N PRO D 136 61.46 43.17 61.64
CA PRO D 136 61.98 42.89 60.30
C PRO D 136 63.03 41.78 60.29
N PRO D 137 63.11 41.03 59.18
CA PRO D 137 64.09 39.95 59.06
C PRO D 137 65.48 40.45 58.71
N ALA D 138 65.65 40.87 57.46
CA ALA D 138 66.93 41.39 56.98
C ALA D 138 66.71 42.44 55.90
N LYS D 139 67.78 42.77 55.18
CA LYS D 139 67.70 43.76 54.11
C LYS D 139 68.48 43.31 52.89
N ASN D 140 68.45 42.00 52.63
CA ASN D 140 69.16 41.42 51.49
C ASN D 140 68.21 40.62 50.61
N ASN D 141 67.63 41.27 49.61
CA ASN D 141 66.70 40.62 48.70
C ASN D 141 67.05 40.95 47.25
N TRP D 142 66.37 40.26 46.33
CA TRP D 142 66.60 40.47 44.90
C TRP D 142 68.06 40.24 44.54
N GLY D 143 68.75 39.46 45.37
CA GLY D 143 70.15 39.17 45.11
C GLY D 143 70.33 37.97 44.21
N GLN D 144 69.45 36.99 44.38
CA GLN D 144 69.50 35.77 43.57
C GLN D 144 68.42 35.81 42.49
N THR D 145 68.61 35.04 41.44
CA THR D 145 67.65 34.98 40.34
C THR D 145 66.88 33.66 40.38
N GLU D 146 67.34 32.74 41.22
CA GLU D 146 66.70 31.44 41.35
C GLU D 146 66.56 31.00 42.81
N GLN D 147 67.18 31.76 43.72
CA GLN D 147 67.12 31.42 45.14
C GLN D 147 66.52 32.56 45.98
N GLN D 148 65.22 32.48 46.23
CA GLN D 148 64.56 33.51 47.02
C GLN D 148 63.30 33.01 47.74
N GLN D 149 63.49 32.43 48.93
CA GLN D 149 62.37 31.95 49.74
C GLN D 149 62.85 31.50 51.12
N GLU D 150 63.66 32.34 51.75
CA GLU D 150 64.20 32.08 53.07
C GLU D 150 64.57 33.37 53.79
N PRO D 151 65.36 34.25 53.12
CA PRO D 151 65.76 35.51 53.75
C PRO D 151 64.55 36.36 54.19
N SER D 152 63.74 36.77 53.23
CA SER D 152 62.56 37.58 53.52
C SER D 152 61.55 36.78 54.33
N ALA D 153 61.64 36.89 55.66
CA ALA D 153 60.73 36.18 56.54
C ALA D 153 60.19 37.07 57.65
N ALA D 154 59.48 38.13 57.26
CA ALA D 154 58.90 39.06 58.22
C ALA D 154 57.43 38.67 58.44
N ARG D 155 56.88 37.90 57.52
CA ARG D 155 55.49 37.47 57.61
C ARG D 155 55.32 35.96 57.36
N GLN D 156 56.40 35.21 57.52
CA GLN D 156 56.34 33.76 57.33
C GLN D 156 55.84 33.07 58.60
N ALA D 157 55.49 33.88 59.60
CA ALA D 157 54.96 33.37 60.87
C ALA D 157 54.30 34.52 61.65
N PHE D 158 54.11 35.66 60.98
CA PHE D 158 53.51 36.84 61.59
C PHE D 158 52.21 37.25 60.88
N ARG D 159 51.84 36.50 59.83
CA ARG D 159 50.62 36.78 59.07
C ARG D 159 49.39 36.40 59.88
N LYS D 160 49.57 35.49 60.83
CA LYS D 160 48.48 35.03 61.70
C LYS D 160 48.34 35.98 62.89
N LYS D 161 49.39 36.77 63.14
CA LYS D 161 49.38 37.74 64.24
C LYS D 161 48.90 39.09 63.70
N LEU D 162 48.16 39.05 62.60
CA LEU D 162 47.60 40.23 61.97
C LEU D 162 46.18 39.94 61.52
N ARG D 163 45.79 38.66 61.61
CA ARG D 163 44.46 38.22 61.21
C ARG D 163 43.47 38.50 62.34
N GLU D 164 43.81 38.01 63.53
CA GLU D 164 42.98 38.21 64.72
C GLU D 164 43.70 39.13 65.68
N GLY D 165 45.03 39.13 65.61
CA GLY D 165 45.83 39.96 66.49
C GLY D 165 46.44 41.16 65.77
N GLN D 166 45.65 41.78 64.90
CA GLN D 166 46.10 42.96 64.15
C GLN D 166 46.32 44.13 65.10
N LEU D 167 45.22 44.71 65.58
CA LEU D 167 45.27 45.83 66.53
C LEU D 167 46.26 46.93 66.09
N ASP D 168 47.21 47.22 66.97
CA ASP D 168 48.25 48.22 66.71
C ASP D 168 47.72 49.58 66.22
N ASP D 169 48.66 50.47 65.92
CA ASP D 169 48.35 51.82 65.43
C ASP D 169 49.58 52.40 64.75
N LYS D 170 50.56 51.54 64.51
CA LYS D 170 51.81 51.92 63.88
C LYS D 170 51.63 52.70 62.56
N GLU D 171 52.74 52.95 61.87
CA GLU D 171 52.72 53.68 60.61
C GLU D 171 53.52 52.98 59.50
N ILE D 172 54.82 52.85 59.71
CA ILE D 172 55.68 52.22 58.72
C ILE D 172 56.71 51.28 59.36
N GLU D 173 57.71 50.88 58.59
CA GLU D 173 58.75 50.01 59.09
C GLU D 173 59.85 50.83 59.73
N LYS D 209 47.93 71.96 56.15
CA LYS D 209 47.97 70.71 56.95
C LYS D 209 46.56 70.18 57.23
N GLN D 210 46.41 68.86 57.16
CA GLN D 210 45.13 68.21 57.41
C GLN D 210 45.35 66.84 58.02
N LYS D 211 44.67 66.57 59.13
CA LYS D 211 44.79 65.29 59.81
C LYS D 211 43.72 65.10 60.87
N ALA D 212 42.97 64.00 60.74
CA ALA D 212 41.90 63.68 61.68
C ALA D 212 41.66 62.17 61.71
N ARG D 213 42.54 61.43 61.05
CA ARG D 213 42.43 59.97 61.00
C ARG D 213 43.74 59.30 61.38
N LYS D 214 43.68 58.36 62.32
CA LYS D 214 44.86 57.64 62.76
C LYS D 214 44.88 56.24 62.14
N LEU D 215 46.07 55.80 61.75
CA LEU D 215 46.21 54.48 61.13
C LEU D 215 46.52 53.42 62.19
N LYS D 216 45.82 52.29 62.12
CA LYS D 216 46.01 51.19 63.06
C LYS D 216 45.74 49.86 62.37
N ILE D 217 46.62 48.89 62.59
CA ILE D 217 46.46 47.58 61.96
C ILE D 217 45.05 47.03 62.17
N LYS D 218 44.39 47.49 63.22
CA LYS D 218 43.03 47.06 63.52
C LYS D 218 42.06 47.66 62.49
N ASP D 219 42.30 48.91 62.13
CA ASP D 219 41.48 49.62 61.15
C ASP D 219 42.12 49.64 59.77
N ALA D 220 43.41 49.36 59.70
CA ALA D 220 44.18 49.32 58.45
C ALA D 220 43.85 48.05 57.68
N MET D 221 43.59 46.97 58.43
CA MET D 221 43.24 45.69 57.82
C MET D 221 41.98 45.89 56.97
N LYS D 222 41.16 46.85 57.39
CA LYS D 222 39.90 47.16 56.71
C LYS D 222 39.99 48.45 55.88
N LEU D 223 40.98 49.30 56.18
CA LEU D 223 41.16 50.56 55.46
C LEU D 223 42.17 50.42 54.33
N LEU D 224 43.23 49.65 54.58
CA LEU D 224 44.25 49.43 53.57
C LEU D 224 43.62 48.70 52.39
N ILE D 225 42.35 48.36 52.55
CA ILE D 225 41.58 47.67 51.54
C ILE D 225 41.04 48.70 50.54
N GLU D 226 40.56 49.82 51.07
CA GLU D 226 40.02 50.90 50.24
C GLU D 226 41.09 51.45 49.31
N GLU D 227 42.35 51.25 49.68
CA GLU D 227 43.48 51.73 48.89
C GLU D 227 43.79 50.76 47.75
N GLU D 228 43.99 49.50 48.09
CA GLU D 228 44.30 48.48 47.10
C GLU D 228 43.08 48.17 46.23
N ALA D 229 41.90 48.32 46.79
CA ALA D 229 40.67 48.08 46.05
C ALA D 229 40.52 49.19 45.02
N ALA D 230 41.35 50.22 45.16
CA ALA D 230 41.34 51.36 44.26
C ALA D 230 42.52 51.32 43.30
N LYS D 231 43.21 50.18 43.28
CA LYS D 231 44.37 50.01 42.40
C LYS D 231 44.02 49.10 41.22
N LEU D 232 42.93 48.35 41.37
CA LEU D 232 42.48 47.44 40.32
C LEU D 232 41.19 47.92 39.66
N VAL D 233 40.88 49.20 39.85
CA VAL D 233 39.68 49.78 39.26
C VAL D 233 40.04 50.64 38.05
N ASN D 234 39.80 50.08 36.86
CA ASN D 234 40.10 50.79 35.61
C ASN D 234 38.81 51.33 35.01
N PRO D 235 38.58 52.65 35.12
CA PRO D 235 37.38 53.31 34.57
C PRO D 235 36.98 52.83 33.19
N GLU D 236 37.95 52.32 32.43
CA GLU D 236 37.71 51.82 31.09
C GLU D 236 37.24 50.38 31.17
N GLU D 237 37.94 49.58 31.98
CA GLU D 237 37.58 48.17 32.16
C GLU D 237 36.17 48.10 32.73
N LEU D 238 35.61 49.28 33.00
CA LEU D 238 34.27 49.38 33.55
C LEU D 238 33.37 50.15 32.59
N LYS D 239 33.91 51.21 31.99
CA LYS D 239 33.14 52.02 31.04
C LYS D 239 32.72 51.18 29.85
N GLN D 240 33.63 50.98 28.91
CA GLN D 240 33.33 50.18 27.73
C GLN D 240 32.86 48.79 28.16
N ASP D 241 33.05 48.48 29.44
CA ASP D 241 32.65 47.19 30.00
C ASP D 241 31.14 47.23 30.27
N ALA D 242 30.72 48.27 31.00
CA ALA D 242 29.31 48.45 31.33
C ALA D 242 28.56 48.86 30.09
N ILE D 243 29.06 49.87 29.38
CA ILE D 243 28.44 50.37 28.16
C ILE D 243 27.92 49.21 27.31
N ASP D 244 28.69 48.11 27.31
CA ASP D 244 28.32 46.92 26.57
C ASP D 244 27.25 46.17 27.35
N ALA D 245 27.57 45.86 28.61
CA ALA D 245 26.64 45.16 29.48
C ALA D 245 25.42 46.03 29.73
N VAL D 246 25.14 46.92 28.78
CA VAL D 246 24.00 47.83 28.86
C VAL D 246 23.32 47.92 27.51
N GLU D 247 24.00 48.54 26.56
CA GLU D 247 23.47 48.70 25.20
C GLU D 247 23.32 47.33 24.55
N GLN D 248 23.70 46.29 25.29
CA GLN D 248 23.61 44.90 24.82
C GLN D 248 22.69 44.06 25.71
N HIS D 249 22.65 44.38 26.99
CA HIS D 249 21.81 43.65 27.94
C HIS D 249 20.93 44.60 28.74
N GLY D 250 20.23 45.48 28.03
CA GLY D 250 19.38 46.45 28.70
C GLY D 250 17.97 45.98 28.93
N ILE D 251 17.44 46.28 30.12
CA ILE D 251 16.07 45.92 30.49
C ILE D 251 15.39 47.13 31.11
N VAL D 252 14.51 47.75 30.33
CA VAL D 252 13.79 48.92 30.80
C VAL D 252 12.36 48.55 31.13
N PHE D 253 11.86 49.10 32.22
CA PHE D 253 10.48 48.82 32.58
C PHE D 253 9.70 50.12 32.54
N ILE D 254 8.84 50.24 31.54
CA ILE D 254 8.03 51.43 31.41
C ILE D 254 6.67 51.19 32.04
N ASP D 255 6.45 51.86 33.17
CA ASP D 255 5.20 51.71 33.89
C ASP D 255 4.18 52.72 33.39
N GLU D 256 2.90 52.38 33.57
CA GLU D 256 1.81 53.24 33.17
C GLU D 256 1.85 53.70 31.72
N ILE D 257 2.49 52.92 30.86
CA ILE D 257 2.58 53.28 29.45
C ILE D 257 1.17 53.62 28.96
N ASP D 258 0.19 52.86 29.43
CA ASP D 258 -1.21 53.04 29.06
C ASP D 258 -1.64 54.49 29.26
N LYS D 259 -1.03 55.15 30.23
CA LYS D 259 -1.34 56.53 30.53
C LYS D 259 -1.14 57.37 29.27
N ILE D 260 0.10 57.40 28.80
CA ILE D 260 0.49 58.17 27.62
C ILE D 260 -0.40 57.99 26.38
N CYS D 261 -1.20 56.93 26.33
CA CYS D 261 -2.04 56.70 25.16
C CYS D 261 -2.94 57.88 24.73
N LYS D 262 -4.16 57.98 25.28
CA LYS D 262 -5.13 59.06 24.93
C LYS D 262 -6.45 58.91 25.74
N ARG D 263 -7.51 59.66 25.41
CA ARG D 263 -8.83 59.51 26.09
C ARG D 263 -10.07 60.19 25.48
N GLY D 264 -9.93 61.09 24.51
CA GLY D 264 -11.15 61.66 23.98
C GLY D 264 -11.14 62.17 22.55
N GLU D 265 -11.50 63.44 22.43
CA GLU D 265 -11.56 64.12 21.15
C GLU D 265 -10.91 65.49 21.31
N SER D 266 -11.07 66.07 22.50
CA SER D 266 -10.48 67.37 22.81
C SER D 266 -9.30 67.16 23.77
N SER D 267 -8.38 66.30 23.35
CA SER D 267 -7.19 65.97 24.14
C SER D 267 -6.33 67.21 24.38
N GLY D 268 -5.87 67.38 25.62
CA GLY D 268 -5.05 68.54 25.94
C GLY D 268 -3.57 68.26 26.16
N PRO D 269 -3.18 67.84 27.38
CA PRO D 269 -1.78 67.55 27.69
C PRO D 269 -1.31 66.27 27.00
N ASP D 270 -2.21 65.64 26.26
CA ASP D 270 -1.93 64.40 25.55
C ASP D 270 -1.25 64.62 24.21
N VAL D 271 -1.46 65.79 23.61
CA VAL D 271 -0.81 66.09 22.34
C VAL D 271 0.66 66.14 22.72
N SER D 272 0.87 66.29 24.03
CA SER D 272 2.18 66.34 24.64
C SER D 272 2.50 64.95 25.21
N ARG D 273 1.45 64.20 25.50
CA ARG D 273 1.61 62.84 26.02
C ARG D 273 2.15 61.98 24.89
N GLU D 274 1.40 61.90 23.79
CA GLU D 274 1.82 61.13 22.64
C GLU D 274 3.28 61.44 22.40
N GLY D 275 3.63 62.71 22.54
CA GLY D 275 4.99 63.14 22.35
C GLY D 275 5.91 62.20 23.11
N VAL D 276 5.58 61.97 24.38
CA VAL D 276 6.35 61.07 25.22
C VAL D 276 6.59 59.79 24.44
N GLN D 277 5.50 59.20 23.94
CA GLN D 277 5.56 57.98 23.16
C GLN D 277 6.60 58.14 22.05
N ARG D 278 6.36 59.10 21.17
CA ARG D 278 7.25 59.38 20.06
C ARG D 278 8.69 59.50 20.57
N ASP D 279 8.86 60.34 21.58
CA ASP D 279 10.17 60.55 22.17
C ASP D 279 10.77 59.22 22.62
N LEU D 280 9.92 58.21 22.78
CA LEU D 280 10.38 56.89 23.20
C LEU D 280 10.89 56.09 22.02
N LEU D 281 10.08 56.01 20.98
CA LEU D 281 10.44 55.27 19.77
C LEU D 281 11.94 55.12 19.61
N PRO D 282 12.66 56.24 19.40
CA PRO D 282 14.10 56.15 19.24
C PRO D 282 14.79 55.11 20.13
N LEU D 283 14.68 55.28 21.44
CA LEU D 283 15.29 54.31 22.34
C LEU D 283 14.70 52.96 22.06
N VAL D 284 13.39 52.90 21.94
CA VAL D 284 12.70 51.65 21.64
C VAL D 284 13.18 51.13 20.29
N GLU D 285 12.77 51.82 19.23
CA GLU D 285 13.12 51.49 17.85
C GLU D 285 14.62 51.32 17.70
N GLY D 286 15.34 51.50 18.80
CA GLY D 286 16.78 51.37 18.76
C GLY D 286 17.43 52.60 18.18
N CYS D 287 18.40 53.14 18.91
CA CYS D 287 19.12 54.33 18.49
C CYS D 287 20.29 54.56 19.41
N THR D 288 21.01 55.66 19.20
CA THR D 288 22.16 55.99 20.03
C THR D 288 21.92 57.31 20.74
N VAL D 289 22.28 57.37 22.02
CA VAL D 289 22.12 58.57 22.81
C VAL D 289 23.41 58.88 23.55
N SER D 290 23.66 60.17 23.76
CA SER D 290 24.88 60.59 24.46
C SER D 290 24.73 60.35 25.96
N THR D 291 25.73 59.69 26.55
CA THR D 291 25.72 59.38 27.97
C THR D 291 26.81 60.12 28.71
N LYS D 292 27.02 59.73 29.97
CA LYS D 292 28.04 60.32 30.82
C LYS D 292 29.37 59.62 30.59
N HIS D 293 29.30 58.34 30.22
CA HIS D 293 30.50 57.56 29.95
C HIS D 293 30.64 57.24 28.46
N GLY D 294 30.05 58.09 27.64
CA GLY D 294 30.11 57.90 26.20
C GLY D 294 28.74 57.89 25.55
N MET D 295 28.58 57.09 24.50
CA MET D 295 27.31 56.99 23.79
C MET D 295 26.82 55.55 23.90
N VAL D 296 25.54 55.34 23.64
CA VAL D 296 24.96 54.00 23.72
C VAL D 296 24.09 53.67 22.51
N LYS D 297 23.51 52.48 22.52
CA LYS D 297 22.64 52.03 21.43
C LYS D 297 21.42 51.34 22.05
N THR D 298 20.29 51.99 21.94
CA THR D 298 19.04 51.49 22.49
C THR D 298 18.35 50.46 21.61
N ASP D 299 19.10 49.81 20.73
CA ASP D 299 18.53 48.80 19.84
C ASP D 299 18.49 47.42 20.50
N HIS D 300 19.66 46.95 20.93
CA HIS D 300 19.75 45.63 21.57
C HIS D 300 19.19 45.64 22.98
N ILE D 301 18.52 46.73 23.33
CA ILE D 301 17.92 46.88 24.65
C ILE D 301 16.55 46.21 24.71
N LEU D 302 16.16 45.81 25.91
CA LEU D 302 14.86 45.18 26.11
C LEU D 302 14.01 46.07 26.99
N PHE D 303 12.81 46.34 26.52
CA PHE D 303 11.87 47.18 27.25
C PHE D 303 10.66 46.35 27.64
N ILE D 304 9.98 46.79 28.68
CA ILE D 304 8.81 46.10 29.15
C ILE D 304 7.72 47.07 29.53
N ALA D 305 6.82 47.33 28.59
CA ALA D 305 5.73 48.24 28.85
C ALA D 305 4.92 47.62 29.98
N SER D 306 4.11 48.43 30.64
CA SER D 306 3.30 47.93 31.74
C SER D 306 2.05 48.78 31.92
N GLY D 307 1.18 48.35 32.83
CA GLY D 307 -0.04 49.08 33.09
C GLY D 307 -1.29 48.43 32.55
N ALA D 308 -2.32 48.35 33.38
CA ALA D 308 -3.58 47.75 32.95
C ALA D 308 -4.29 48.83 32.14
N PHE D 309 -4.78 48.45 30.97
CA PHE D 309 -5.48 49.39 30.11
C PHE D 309 -6.98 49.39 30.39
N GLN D 310 -7.44 50.40 31.10
CA GLN D 310 -8.86 50.53 31.41
C GLN D 310 -9.43 51.59 30.49
N ILE D 311 -8.91 52.80 30.63
CA ILE D 311 -9.35 53.92 29.81
C ILE D 311 -9.01 53.68 28.35
N ALA D 312 -7.79 53.22 28.11
CA ALA D 312 -7.33 52.95 26.76
C ALA D 312 -6.96 51.48 26.58
N LYS D 313 -6.21 51.21 25.51
CA LYS D 313 -5.78 49.86 25.20
C LYS D 313 -4.53 49.92 24.33
N PRO D 314 -3.74 48.84 24.32
CA PRO D 314 -2.52 48.81 23.50
C PRO D 314 -2.82 49.30 22.10
N SER D 315 -4.05 49.07 21.65
CA SER D 315 -4.50 49.48 20.32
C SER D 315 -4.35 50.98 20.13
N ASP D 316 -4.83 51.74 21.11
CA ASP D 316 -4.76 53.19 21.07
C ASP D 316 -3.31 53.62 20.95
N LEU D 317 -2.43 52.84 21.58
CA LEU D 317 -1.00 53.14 21.55
C LEU D 317 -0.53 53.51 20.14
N ILE D 318 0.52 54.31 20.08
CA ILE D 318 1.08 54.74 18.80
C ILE D 318 1.63 53.54 18.03
N PRO D 319 0.98 53.20 16.91
CA PRO D 319 1.33 52.09 16.02
C PRO D 319 2.83 51.83 15.99
N GLU D 320 3.58 52.82 15.56
CA GLU D 320 5.02 52.71 15.47
C GLU D 320 5.54 51.96 16.68
N LEU D 321 5.18 52.47 17.86
CA LEU D 321 5.59 51.87 19.12
C LEU D 321 4.80 50.60 19.37
N GLN D 322 3.50 50.71 19.13
CA GLN D 322 2.60 49.59 19.31
C GLN D 322 3.20 48.36 18.61
N GLY D 323 3.92 48.61 17.52
CA GLY D 323 4.54 47.52 16.77
C GLY D 323 5.88 47.09 17.32
N ARG D 324 6.50 47.95 18.12
CA ARG D 324 7.79 47.65 18.72
C ARG D 324 7.56 46.92 20.03
N LEU D 325 6.30 46.83 20.41
CA LEU D 325 5.91 46.14 21.63
C LEU D 325 5.15 44.90 21.19
N PRO D 326 5.90 43.83 20.87
CA PRO D 326 5.38 42.53 20.43
C PRO D 326 4.71 41.68 21.50
N ILE D 327 5.53 40.93 22.23
CA ILE D 327 5.03 40.06 23.28
C ILE D 327 4.04 40.77 24.20
N ARG D 328 2.77 40.42 24.05
CA ARG D 328 1.71 41.00 24.88
C ARG D 328 1.27 39.93 25.87
N VAL D 329 1.48 40.18 27.15
CA VAL D 329 1.09 39.22 28.16
C VAL D 329 0.03 39.78 29.08
N GLU D 330 -1.07 39.05 29.22
CA GLU D 330 -2.15 39.48 30.07
C GLU D 330 -1.88 39.00 31.49
N LEU D 331 -1.86 39.93 32.43
CA LEU D 331 -1.59 39.57 33.81
C LEU D 331 -2.90 39.36 34.57
N GLN D 332 -3.13 38.12 34.96
CA GLN D 332 -4.33 37.75 35.71
C GLN D 332 -4.34 38.50 37.03
N ALA D 333 -5.53 38.64 37.61
CA ALA D 333 -5.67 39.34 38.88
C ALA D 333 -4.97 38.56 39.99
N LEU D 334 -5.52 38.63 41.20
CA LEU D 334 -4.97 37.91 42.34
C LEU D 334 -6.09 37.23 43.11
N THR D 335 -5.89 35.96 43.45
CA THR D 335 -6.93 35.21 44.16
C THR D 335 -6.70 35.05 45.64
N THR D 336 -7.80 34.82 46.36
CA THR D 336 -7.77 34.61 47.80
C THR D 336 -6.60 33.72 48.18
N SER D 337 -6.46 32.61 47.46
CA SER D 337 -5.38 31.67 47.72
C SER D 337 -4.07 32.43 47.63
N ASP D 338 -3.84 33.10 46.50
CA ASP D 338 -2.63 33.86 46.28
C ASP D 338 -2.26 34.64 47.55
N PHE D 339 -3.24 35.36 48.08
CA PHE D 339 -3.04 36.15 49.28
C PHE D 339 -2.51 35.30 50.43
N GLU D 340 -3.32 34.34 50.87
CA GLU D 340 -2.94 33.46 51.95
C GLU D 340 -1.45 33.13 51.86
N ARG D 341 -0.98 32.90 50.65
CA ARG D 341 0.43 32.58 50.42
C ARG D 341 1.30 33.77 50.78
N ILE D 342 1.16 34.86 50.03
CA ILE D 342 1.93 36.06 50.30
C ILE D 342 1.72 36.46 51.75
N LEU D 343 0.57 36.08 52.27
CA LEU D 343 0.20 36.37 53.65
C LEU D 343 1.12 35.62 54.60
N THR D 344 1.76 34.56 54.13
CA THR D 344 2.64 33.75 54.97
C THR D 344 3.93 33.28 54.29
N GLU D 345 3.77 32.49 53.24
CA GLU D 345 4.88 31.93 52.48
C GLU D 345 6.18 32.76 52.50
N PRO D 346 6.09 34.05 52.13
CA PRO D 346 7.28 34.90 52.11
C PRO D 346 8.29 34.60 53.21
N ASN D 347 9.57 34.72 52.87
CA ASN D 347 10.66 34.48 53.80
C ASN D 347 10.48 35.35 55.04
N ALA D 348 9.80 36.48 54.86
CA ALA D 348 9.53 37.42 55.94
C ALA D 348 8.14 38.00 55.76
N SER D 349 7.13 37.13 55.88
CA SER D 349 5.74 37.55 55.72
C SER D 349 5.36 38.73 56.60
N ILE D 350 4.33 39.45 56.17
CA ILE D 350 3.84 40.61 56.90
C ILE D 350 3.33 40.15 58.26
N THR D 351 2.78 38.94 58.30
CA THR D 351 2.27 38.38 59.53
C THR D 351 3.45 38.00 60.40
N VAL D 352 4.52 37.53 59.75
CA VAL D 352 5.73 37.13 60.45
C VAL D 352 6.22 38.26 61.33
N GLN D 353 6.92 39.21 60.72
CA GLN D 353 7.46 40.36 61.42
C GLN D 353 6.48 40.89 62.46
N TYR D 354 5.21 40.93 62.10
CA TYR D 354 4.20 41.43 63.01
C TYR D 354 4.25 40.69 64.34
N LYS D 355 3.98 39.39 64.31
CA LYS D 355 4.02 38.58 65.52
C LYS D 355 5.32 38.86 66.24
N ALA D 356 6.38 39.08 65.46
CA ALA D 356 7.69 39.38 66.00
C ALA D 356 7.67 40.75 66.69
N LEU D 357 6.95 41.69 66.09
CA LEU D 357 6.84 43.03 66.65
C LEU D 357 6.05 42.98 67.94
N MET D 358 4.99 42.16 67.95
CA MET D 358 4.17 42.02 69.14
C MET D 358 5.02 41.33 70.20
N ALA D 359 5.89 40.43 69.73
CA ALA D 359 6.77 39.68 70.62
C ALA D 359 7.62 40.63 71.46
N THR D 360 8.31 41.55 70.80
CA THR D 360 9.17 42.51 71.50
C THR D 360 8.44 43.12 72.69
N GLU D 361 7.14 43.34 72.54
CA GLU D 361 6.34 43.92 73.62
C GLU D 361 5.97 42.85 74.64
N GLY D 362 6.75 41.77 74.64
CA GLY D 362 6.51 40.67 75.54
C GLY D 362 5.26 39.89 75.19
N VAL D 363 4.38 40.51 74.42
CA VAL D 363 3.14 39.86 74.03
C VAL D 363 3.36 38.93 72.84
N ASN D 364 2.58 37.87 72.77
CA ASN D 364 2.70 36.90 71.69
C ASN D 364 1.35 36.58 71.06
N ILE D 365 1.29 36.62 69.74
CA ILE D 365 0.08 36.34 69.00
C ILE D 365 0.23 35.03 68.24
N GLU D 366 -0.88 34.47 67.80
CA GLU D 366 -0.86 33.22 67.06
C GLU D 366 -1.65 33.36 65.76
N PHE D 367 -0.93 33.40 64.64
CA PHE D 367 -1.57 33.54 63.35
C PHE D 367 -1.96 32.17 62.82
N THR D 368 -3.21 31.81 63.06
CA THR D 368 -3.76 30.53 62.65
C THR D 368 -4.11 30.49 61.19
N ASP D 369 -3.99 29.30 60.59
CA ASP D 369 -4.31 29.11 59.19
C ASP D 369 -5.80 29.36 59.03
N SER D 370 -6.52 29.30 60.15
CA SER D 370 -7.96 29.52 60.15
C SER D 370 -8.26 31.00 59.89
N GLY D 371 -7.42 31.86 60.45
CA GLY D 371 -7.59 33.29 60.26
C GLY D 371 -6.97 33.84 58.99
N ILE D 372 -5.76 33.41 58.69
CA ILE D 372 -5.06 33.85 57.49
C ILE D 372 -6.00 33.80 56.29
N LYS D 373 -6.77 32.72 56.21
CA LYS D 373 -7.74 32.55 55.13
C LYS D 373 -8.74 33.71 55.14
N ARG D 374 -9.17 34.09 56.33
CA ARG D 374 -10.10 35.20 56.48
C ARG D 374 -9.38 36.49 56.13
N ILE D 375 -8.15 36.63 56.62
CA ILE D 375 -7.34 37.80 56.32
C ILE D 375 -7.41 37.95 54.81
N ALA D 376 -6.99 36.89 54.12
CA ALA D 376 -7.00 36.87 52.66
C ALA D 376 -8.43 37.04 52.17
N GLU D 377 -9.37 36.37 52.84
CA GLU D 377 -10.77 36.44 52.48
C GLU D 377 -11.24 37.89 52.49
N ALA D 378 -10.55 38.70 53.28
CA ALA D 378 -10.86 40.11 53.40
C ALA D 378 -10.24 40.88 52.24
N ALA D 379 -8.91 41.00 52.28
CA ALA D 379 -8.15 41.70 51.25
C ALA D 379 -8.84 41.58 49.89
N TRP D 380 -9.14 40.35 49.51
CA TRP D 380 -9.80 40.10 48.24
C TRP D 380 -11.09 40.90 48.16
N GLN D 381 -12.03 40.56 49.03
CA GLN D 381 -13.32 41.22 49.08
C GLN D 381 -13.22 42.71 48.81
N VAL D 382 -12.32 43.37 49.52
CA VAL D 382 -12.13 44.81 49.36
C VAL D 382 -11.72 45.13 47.93
N ASN D 383 -10.63 44.50 47.49
CA ASN D 383 -10.12 44.72 46.15
C ASN D 383 -11.23 44.63 45.12
N GLU D 384 -12.07 43.62 45.27
CA GLU D 384 -13.19 43.44 44.36
C GLU D 384 -14.19 44.56 44.55
N SER D 385 -14.67 44.72 45.77
CA SER D 385 -15.64 45.75 46.12
C SER D 385 -15.19 47.15 45.71
N THR D 386 -14.05 47.58 46.24
CA THR D 386 -13.52 48.90 45.94
C THR D 386 -12.80 48.91 44.59
N GLU D 387 -11.53 48.53 44.59
CA GLU D 387 -10.72 48.50 43.38
C GLU D 387 -9.52 47.61 43.63
N ASN D 388 -9.32 46.63 42.76
CA ASN D 388 -8.21 45.69 42.91
C ASN D 388 -6.86 46.37 43.04
N ILE D 389 -6.03 45.80 43.92
CA ILE D 389 -4.69 46.31 44.16
C ILE D 389 -3.75 45.14 44.47
N GLY D 390 -4.29 44.14 45.15
CA GLY D 390 -3.49 42.98 45.51
C GLY D 390 -2.68 43.25 46.76
N ALA D 391 -1.59 42.50 46.91
CA ALA D 391 -0.68 42.59 48.05
C ALA D 391 -0.96 43.77 48.98
N ARG D 392 -0.79 44.98 48.45
CA ARG D 392 -1.01 46.20 49.21
C ARG D 392 -2.20 46.10 50.17
N ARG D 393 -3.37 45.76 49.64
CA ARG D 393 -4.58 45.64 50.45
C ARG D 393 -4.28 45.03 51.82
N LEU D 394 -3.37 44.07 51.85
CA LEU D 394 -3.00 43.39 53.09
C LEU D 394 -2.59 44.31 54.22
N HIS D 395 -1.53 45.07 54.00
CA HIS D 395 -1.03 46.00 55.00
C HIS D 395 -2.14 46.65 55.80
N THR D 396 -3.08 47.29 55.10
CA THR D 396 -4.19 47.96 55.76
C THR D 396 -5.08 46.96 56.51
N VAL D 397 -5.63 45.99 55.79
CA VAL D 397 -6.51 45.00 56.39
C VAL D 397 -5.89 44.38 57.65
N LEU D 398 -4.60 44.06 57.57
CA LEU D 398 -3.90 43.45 58.68
C LEU D 398 -3.77 44.45 59.82
N GLU D 399 -2.99 45.50 59.59
CA GLU D 399 -2.78 46.53 60.59
C GLU D 399 -4.09 46.94 61.25
N ARG D 400 -5.12 47.11 60.42
CA ARG D 400 -6.44 47.51 60.90
C ARG D 400 -7.06 46.45 61.80
N LEU D 401 -6.92 45.19 61.41
CA LEU D 401 -7.47 44.11 62.20
C LEU D 401 -6.66 43.92 63.47
N MET D 402 -5.35 44.10 63.36
CA MET D 402 -4.46 43.94 64.49
C MET D 402 -4.46 45.16 65.39
N GLU D 403 -5.45 46.04 65.17
CA GLU D 403 -5.60 47.28 65.92
C GLU D 403 -5.24 47.21 67.42
N GLU D 404 -6.26 47.01 68.25
CA GLU D 404 -6.08 46.93 69.71
C GLU D 404 -4.76 46.28 70.10
N ILE D 405 -4.61 45.01 69.74
CA ILE D 405 -3.40 44.25 70.05
C ILE D 405 -2.15 45.12 69.98
N SER D 406 -1.99 45.84 68.88
CA SER D 406 -0.84 46.72 68.69
C SER D 406 -0.85 47.81 69.73
N TYR D 407 -2.03 48.36 69.99
CA TYR D 407 -2.19 49.42 70.98
C TYR D 407 -1.96 48.85 72.36
N ASP D 408 -2.97 48.20 72.91
CA ASP D 408 -2.85 47.60 74.23
C ASP D 408 -1.99 46.35 74.13
N ALA D 409 -0.68 46.53 74.18
CA ALA D 409 0.25 45.42 74.11
C ALA D 409 0.77 45.12 75.50
N SER D 410 1.52 46.06 76.07
CA SER D 410 2.05 45.91 77.42
C SER D 410 0.86 45.84 78.37
N ASP D 411 -0.29 46.24 77.86
CA ASP D 411 -1.53 46.23 78.63
C ASP D 411 -2.03 44.79 78.78
N LEU D 412 -1.28 43.86 78.20
CA LEU D 412 -1.64 42.44 78.27
C LEU D 412 -0.41 41.57 78.00
N SER D 413 0.76 42.15 78.21
CA SER D 413 2.03 41.45 78.00
C SER D 413 2.04 40.07 78.66
N GLY D 414 2.85 39.17 78.12
CA GLY D 414 2.94 37.83 78.67
C GLY D 414 2.03 36.83 78.01
N GLN D 415 0.74 36.86 78.37
CA GLN D 415 -0.24 35.92 77.82
C GLN D 415 -0.18 35.76 76.31
N ASN D 416 -0.87 34.75 75.80
CA ASN D 416 -0.89 34.46 74.37
C ASN D 416 -2.28 34.69 73.77
N ILE D 417 -2.30 35.26 72.56
CA ILE D 417 -3.54 35.55 71.86
C ILE D 417 -3.67 34.72 70.58
N THR D 418 -4.91 34.43 70.21
CA THR D 418 -5.19 33.63 69.00
C THR D 418 -5.88 34.44 67.90
N ILE D 419 -5.28 34.42 66.72
CA ILE D 419 -5.83 35.12 65.55
C ILE D 419 -6.53 34.10 64.67
N ASP D 420 -7.79 33.85 64.99
CA ASP D 420 -8.59 32.87 64.25
C ASP D 420 -9.53 33.47 63.24
N ALA D 421 -10.16 32.60 62.45
CA ALA D 421 -11.11 33.01 61.43
C ALA D 421 -12.22 33.87 62.02
N ASP D 422 -12.61 33.55 63.25
CA ASP D 422 -13.67 34.29 63.92
C ASP D 422 -13.13 35.63 64.42
N TYR D 423 -11.94 35.59 65.04
CA TYR D 423 -11.32 36.80 65.54
C TYR D 423 -11.26 37.82 64.41
N VAL D 424 -10.77 37.36 63.26
CA VAL D 424 -10.66 38.21 62.08
C VAL D 424 -12.02 38.83 61.78
N SER D 425 -12.88 38.06 61.13
CA SER D 425 -14.21 38.53 60.77
C SER D 425 -14.83 39.34 61.91
N LYS D 426 -14.67 38.86 63.13
CA LYS D 426 -15.21 39.55 64.29
C LYS D 426 -14.96 41.05 64.17
N HIS D 427 -13.80 41.40 63.63
CA HIS D 427 -13.42 42.80 63.46
C HIS D 427 -13.86 43.33 62.09
N LEU D 428 -13.05 43.01 61.09
CA LEU D 428 -13.27 43.44 59.71
C LEU D 428 -14.70 43.31 59.20
N ASP D 429 -15.26 42.10 59.26
CA ASP D 429 -16.61 41.81 58.79
C ASP D 429 -17.45 43.03 58.41
N ALA D 430 -17.72 43.90 59.39
CA ALA D 430 -18.51 45.10 59.14
C ALA D 430 -17.93 45.96 58.02
N LEU D 431 -16.72 46.47 58.25
CA LEU D 431 -16.04 47.32 57.28
C LEU D 431 -16.25 46.86 55.85
N VAL D 432 -15.63 45.74 55.50
CA VAL D 432 -15.73 45.16 54.17
C VAL D 432 -17.09 45.41 53.53
N ALA D 433 -18.15 45.08 54.26
CA ALA D 433 -19.50 45.28 53.76
C ALA D 433 -19.72 46.76 53.42
N ASP D 434 -19.45 47.60 54.41
CA ASP D 434 -19.60 49.05 54.25
C ASP D 434 -18.61 49.60 53.24
N GLU D 435 -18.97 49.54 51.97
CA GLU D 435 -18.12 50.02 50.88
C GLU D 435 -17.76 51.50 51.08
N ASP D 436 -18.76 52.36 51.12
CA ASP D 436 -18.57 53.79 51.30
C ASP D 436 -17.96 54.10 52.66
N LEU D 437 -16.80 53.51 52.92
CA LEU D 437 -16.09 53.69 54.18
C LEU D 437 -14.74 52.97 54.05
N SER D 438 -14.81 51.71 53.66
CA SER D 438 -13.62 50.90 53.48
C SER D 438 -12.56 51.62 52.66
N ARG D 439 -13.03 52.46 51.73
CA ARG D 439 -12.14 53.22 50.85
C ARG D 439 -11.37 54.26 51.65
N PHE D 440 -11.51 54.22 52.97
CA PHE D 440 -10.83 55.17 53.85
C PHE D 440 -9.82 54.49 54.75
N ILE D 441 -10.21 53.38 55.36
CA ILE D 441 -9.31 52.67 56.27
C ILE D 441 -8.67 51.46 55.65
N LEU D 442 -8.87 51.29 54.35
CA LEU D 442 -8.29 50.16 53.65
C LEU D 442 -8.05 50.54 52.20
#